data_5MKF
#
_entry.id   5MKF
#
_cell.length_a   1
_cell.length_b   1
_cell.length_c   1
_cell.angle_alpha   90.00
_cell.angle_beta   90.00
_cell.angle_gamma   90.00
#
_symmetry.space_group_name_H-M   'P 1'
#
loop_
_entity.id
_entity.type
_entity.pdbx_description
1 polymer Polycystin-2
2 branched 2-acetamido-2-deoxy-beta-D-glucopyranose-(1-4)-2-acetamido-2-deoxy-beta-D-glucopyranose
3 non-polymer 2-acetamido-2-deoxy-beta-D-glucopyranose
4 non-polymer 1,2-DIPALMITOYL-SN-GLYCERO-3-PHOSPHATE
5 non-polymer 'PALMITIC ACID'
6 non-polymer '4-AMINO-5-CYCLOHEXYL-3-HYDROXY-PENTANOIC ACID'
7 non-polymer 'CALCIUM ION'
#
_entity_poly.entity_id   1
_entity_poly.type   'polypeptide(L)'
_entity_poly.pdbx_seq_one_letter_code
;MVNSSRVQPQQPGDAKRPPAPRAPDPGRLMAGCAAVGASLAAPGGLCEQRGLEIEMQRIRQAAARDPPAGAAASPSPPLS
SCSRQAWSRDNPGFEAEEEEEEVEGEEGGMVVEMDVEWRPGSRRSAASSAVSSVGARSRGLGGYHGAGHPSGRRRRREDQ
GPPCPSPVGGGDPLHRHLPLEGQPPRVAWAERLVRGLRGLWGTRLMEESSTNREKYLKSVLRELVTYLLFLIVLCILTYG
MMSSNVYYYTRMMSQLFLDTPVSKTEKTNFKTLSSMEDFWKFTEGSLLDGLYWKMQPSNQTEADNRSFIFYENLLLGVPR
IRQLRVRNGSCSIPQDLRDEIKECYDVYSVSSEDRAPFGPRNGTAWIYTSEKDLNGSSHWGIIATYSGAGYYLDLSRTRE
ETAAQVASLKKNVWLDRGTRATFIDFSVYNANINLFCVVRLLVEFPATGGVIPSWQFQPLKLIRYVTTFDFFLAACEIIF
CFFIFYYVVEEILEIRIHKLHYFRSFWNCLDVVIVVLSVVAIGINIYRTSNVEVLLQFLEDQNTFPNFEHLAYWQIQFNN
IAAVTVFFVWIKLFKFINFNRTMSQLSTTMSRCAKDLFGFAIMFFIIFLAYAQLAYLVFGTQVDDFSTFQECIFTQFRII
LGDINFAEIEEANRVLGPIYFTTFVFFMFFILLNMFLAIINDTYSEVKSDLAQQKAEMELSDLIRKGYHKALVKLKLKKN
TVDDISESLRQGGGKLNFDELRQDLKGKGHTDAEIEAIFTKYDQDGDQELTEHEHQQMRDDLEKEREDLDLDHSSLPRPM
SSRSFPRSLDDSEEDDDEDSGHSSRRRGSISSGVSYEEFQVLVRRVDRMEHSIGSIVSKIDAVIVKLEIMERAKLKRREV
LGRLLDGVAEDERLGRDSEIHREQMERLVREELERWESDDAASQISHGLGTPVGLNGQPRPRSSRPSSSQSTEGMEGAGG
NGSSNVHV
;
_entity_poly.pdbx_strand_id   A,B,C,D
#
loop_
_chem_comp.id
_chem_comp.type
_chem_comp.name
_chem_comp.formula
CA non-polymer 'CALCIUM ION' 'Ca 2'
CHS peptide-like '4-AMINO-5-CYCLOHEXYL-3-HYDROXY-PENTANOIC ACID' 'C11 H21 N O3'
NAG D-saccharide, beta linking 2-acetamido-2-deoxy-beta-D-glucopyranose 'C8 H15 N O6'
PLM non-polymer 'PALMITIC ACID' 'C16 H32 O2'
PX6 non-polymer 1,2-DIPALMITOYL-SN-GLYCERO-3-PHOSPHATE 'C35 H68 O8 P -1'
#
# COMPACT_ATOMS: atom_id res chain seq x y z
N LYS A 215 -12.41 -11.59 57.03
CA LYS A 215 -11.25 -10.71 57.07
C LYS A 215 -11.28 -9.70 55.92
N TYR A 216 -10.09 -9.37 55.40
CA TYR A 216 -10.02 -8.46 54.25
C TYR A 216 -10.85 -8.97 53.08
N LEU A 217 -10.86 -10.29 52.86
CA LEU A 217 -11.48 -10.85 51.67
C LEU A 217 -12.94 -10.42 51.53
N LYS A 218 -13.61 -10.16 52.64
CA LYS A 218 -14.97 -9.61 52.57
C LYS A 218 -14.93 -8.19 52.01
N SER A 219 -14.08 -7.33 52.58
CA SER A 219 -13.94 -5.98 52.05
C SER A 219 -13.16 -5.99 50.73
N VAL A 220 -12.38 -7.03 50.48
CA VAL A 220 -11.72 -7.16 49.18
C VAL A 220 -12.76 -7.39 48.09
N LEU A 221 -13.58 -8.44 48.23
CA LEU A 221 -14.51 -8.78 47.17
C LEU A 221 -15.67 -7.77 47.09
N ARG A 222 -16.13 -7.28 48.24
CA ARG A 222 -17.29 -6.38 48.26
C ARG A 222 -17.07 -5.18 47.34
N GLU A 223 -15.99 -4.44 47.59
CA GLU A 223 -15.62 -3.36 46.67
C GLU A 223 -15.38 -3.90 45.26
N LEU A 224 -14.75 -5.06 45.15
CA LEU A 224 -14.62 -5.70 43.84
C LEU A 224 -15.99 -6.02 43.25
N VAL A 225 -16.81 -6.76 44.01
CA VAL A 225 -18.11 -7.18 43.52
C VAL A 225 -18.86 -6.02 42.90
N THR A 226 -18.76 -4.84 43.51
CA THR A 226 -19.29 -3.64 42.88
C THR A 226 -18.67 -3.48 41.49
N TYR A 227 -17.37 -3.19 41.43
CA TYR A 227 -16.72 -3.02 40.14
C TYR A 227 -16.84 -4.29 39.30
N LEU A 228 -16.62 -5.45 39.91
CA LEU A 228 -16.73 -6.70 39.16
C LEU A 228 -18.10 -6.81 38.52
N LEU A 229 -19.15 -6.38 39.21
CA LEU A 229 -20.45 -6.30 38.57
C LEU A 229 -20.55 -5.05 37.71
N PHE A 230 -20.03 -3.93 38.22
CA PHE A 230 -20.11 -2.67 37.47
C PHE A 230 -19.51 -2.80 36.09
N LEU A 231 -18.45 -3.61 35.93
CA LEU A 231 -17.77 -3.67 34.65
C LEU A 231 -18.69 -4.21 33.57
N ILE A 232 -19.51 -5.21 33.91
CA ILE A 232 -20.43 -5.76 32.90
C ILE A 232 -21.46 -4.72 32.51
N VAL A 233 -21.82 -3.82 33.43
CA VAL A 233 -22.90 -2.87 33.18
C VAL A 233 -22.63 -2.11 31.89
N LEU A 234 -21.44 -1.52 31.77
CA LEU A 234 -21.15 -0.69 30.61
C LEU A 234 -21.01 -1.54 29.35
N CYS A 235 -20.41 -2.72 29.46
CA CYS A 235 -20.32 -3.60 28.31
C CYS A 235 -21.68 -3.83 27.68
N ILE A 236 -22.73 -3.80 28.50
CA ILE A 236 -24.09 -3.80 27.96
C ILE A 236 -24.31 -2.54 27.15
N LEU A 237 -24.06 -1.38 27.76
CA LEU A 237 -24.30 -0.10 27.09
C LEU A 237 -23.64 -0.07 25.71
N THR A 238 -22.39 -0.52 25.64
CA THR A 238 -21.66 -0.56 24.38
C THR A 238 -22.50 -1.20 23.29
N TYR A 239 -22.70 -2.51 23.41
CA TYR A 239 -23.57 -3.21 22.47
C TYR A 239 -24.98 -2.65 22.51
N GLY A 240 -25.48 -2.35 23.70
CA GLY A 240 -26.85 -1.89 23.85
C GLY A 240 -27.11 -0.52 23.26
N MET A 241 -26.38 0.50 23.72
CA MET A 241 -26.68 1.84 23.27
C MET A 241 -26.33 2.02 21.80
N MET A 242 -25.40 1.22 21.27
CA MET A 242 -25.03 1.28 19.86
C MET A 242 -24.96 -0.14 19.31
N SER A 243 -25.85 -0.44 18.36
CA SER A 243 -25.87 -1.75 17.73
C SER A 243 -24.63 -1.93 16.85
N SER A 244 -24.37 -3.18 16.49
CA SER A 244 -23.12 -3.48 15.78
C SER A 244 -23.19 -3.13 14.30
N ASN A 245 -24.35 -3.22 13.66
CA ASN A 245 -24.39 -2.97 12.24
C ASN A 245 -24.47 -1.50 11.88
N VAL A 246 -24.47 -0.61 12.88
CA VAL A 246 -24.67 0.81 12.63
C VAL A 246 -23.76 1.30 11.52
N TYR A 247 -22.55 0.76 11.45
CA TYR A 247 -21.66 1.13 10.38
C TYR A 247 -22.33 0.97 9.02
N TYR A 248 -22.87 -0.22 8.73
CA TYR A 248 -23.46 -0.43 7.42
C TYR A 248 -24.65 0.47 7.18
N TYR A 249 -25.08 1.22 8.19
CA TYR A 249 -25.99 2.32 7.90
C TYR A 249 -25.26 3.43 7.18
N THR A 250 -24.16 3.90 7.76
CA THR A 250 -23.40 4.98 7.14
C THR A 250 -22.92 4.57 5.76
N ARG A 251 -22.17 3.47 5.70
CA ARG A 251 -21.51 3.07 4.46
C ARG A 251 -22.45 3.16 3.29
N MET A 252 -23.67 2.63 3.42
CA MET A 252 -24.66 2.94 2.42
C MET A 252 -24.83 4.44 2.35
N MET A 253 -25.41 5.00 3.42
CA MET A 253 -25.80 6.41 3.39
C MET A 253 -24.65 7.27 2.93
N SER A 254 -23.43 6.90 3.31
CA SER A 254 -22.25 7.55 2.76
C SER A 254 -22.23 7.43 1.25
N GLN A 255 -21.98 6.23 0.76
CA GLN A 255 -21.61 6.10 -0.64
C GLN A 255 -22.70 6.52 -1.58
N LEU A 256 -23.89 6.84 -1.08
CA LEU A 256 -24.89 7.39 -1.97
C LEU A 256 -24.49 8.78 -2.43
N PHE A 257 -24.19 9.67 -1.50
CA PHE A 257 -24.01 11.08 -1.81
C PHE A 257 -22.56 11.48 -2.00
N LEU A 258 -21.63 10.54 -1.93
CA LEU A 258 -20.25 10.92 -2.11
C LEU A 258 -19.72 10.50 -3.46
N ASP A 259 -19.51 9.21 -3.64
CA ASP A 259 -18.60 8.72 -4.66
C ASP A 259 -19.26 8.54 -6.00
N THR A 260 -20.56 8.75 -6.13
CA THR A 260 -21.32 8.19 -7.23
C THR A 260 -22.06 9.24 -8.05
N PRO A 261 -21.34 10.13 -8.73
CA PRO A 261 -21.97 10.76 -9.89
C PRO A 261 -21.95 9.79 -11.06
N VAL A 262 -23.12 9.55 -11.63
CA VAL A 262 -23.24 9.19 -13.03
C VAL A 262 -23.61 10.42 -13.85
N SER A 263 -23.63 11.59 -13.21
CA SER A 263 -24.27 12.80 -13.74
C SER A 263 -23.90 13.03 -15.19
N LYS A 264 -22.68 12.67 -15.55
CA LYS A 264 -22.29 12.47 -16.93
C LYS A 264 -21.28 11.33 -16.92
N THR A 265 -20.61 11.13 -18.05
CA THR A 265 -19.45 10.27 -18.05
C THR A 265 -18.35 10.79 -17.13
N GLU A 266 -18.47 12.02 -16.64
CA GLU A 266 -17.47 12.56 -15.74
C GLU A 266 -17.28 11.65 -14.55
N LYS A 267 -16.04 11.26 -14.33
CA LYS A 267 -15.70 10.36 -13.26
C LYS A 267 -15.65 11.06 -11.91
N THR A 268 -15.47 12.37 -11.89
CA THR A 268 -15.16 13.05 -10.65
C THR A 268 -16.36 13.06 -9.71
N ASN A 269 -16.17 12.51 -8.53
CA ASN A 269 -17.19 12.39 -7.51
C ASN A 269 -17.11 13.59 -6.58
N PHE A 270 -17.76 13.51 -5.43
CA PHE A 270 -17.60 14.58 -4.46
C PHE A 270 -16.16 14.66 -3.99
N LYS A 271 -15.58 13.53 -3.60
CA LYS A 271 -14.23 13.56 -3.04
C LYS A 271 -13.23 14.23 -3.97
N THR A 272 -13.36 14.00 -5.28
CA THR A 272 -12.46 14.61 -6.26
C THR A 272 -13.20 15.76 -6.90
N LEU A 273 -12.82 16.98 -6.58
CA LEU A 273 -13.59 18.10 -7.09
C LEU A 273 -12.67 19.32 -7.17
N SER A 274 -12.93 20.18 -8.16
CA SER A 274 -12.12 21.38 -8.29
C SER A 274 -12.97 22.63 -8.51
N SER A 275 -13.59 22.72 -9.67
CA SER A 275 -14.19 23.97 -10.07
C SER A 275 -15.46 24.24 -9.30
N MET A 276 -15.87 25.50 -9.32
CA MET A 276 -17.12 25.87 -8.68
C MET A 276 -18.32 25.38 -9.48
N GLU A 277 -18.25 25.43 -10.82
CA GLU A 277 -19.40 24.99 -11.59
C GLU A 277 -19.65 23.51 -11.39
N ASP A 278 -18.60 22.70 -11.22
CA ASP A 278 -18.82 21.33 -10.81
C ASP A 278 -19.63 21.27 -9.53
N PHE A 279 -19.27 22.11 -8.55
CA PHE A 279 -20.03 22.17 -7.32
C PHE A 279 -21.50 22.39 -7.61
N TRP A 280 -21.81 23.28 -8.55
CA TRP A 280 -23.20 23.40 -8.98
C TRP A 280 -23.71 22.11 -9.57
N LYS A 281 -23.03 21.59 -10.58
CA LYS A 281 -23.42 20.30 -11.13
C LYS A 281 -23.49 19.23 -10.07
N PHE A 282 -22.78 19.41 -8.96
CA PHE A 282 -22.92 18.47 -7.86
C PHE A 282 -24.28 18.58 -7.20
N THR A 283 -24.63 19.79 -6.76
CA THR A 283 -25.89 19.99 -6.07
C THR A 283 -27.05 19.50 -6.92
N GLU A 284 -27.31 20.24 -7.98
CA GLU A 284 -28.44 19.94 -8.84
C GLU A 284 -28.29 18.63 -9.59
N GLY A 285 -27.11 18.03 -9.58
CA GLY A 285 -26.91 16.80 -10.30
C GLY A 285 -26.86 15.55 -9.47
N SER A 286 -26.70 15.67 -8.16
CA SER A 286 -26.58 14.46 -7.36
C SER A 286 -27.53 14.47 -6.17
N LEU A 287 -27.26 15.31 -5.18
CA LEU A 287 -28.15 15.38 -4.02
C LEU A 287 -29.57 15.70 -4.46
N LEU A 288 -29.71 16.60 -5.42
CA LEU A 288 -31.01 16.85 -6.02
C LEU A 288 -31.67 15.56 -6.49
N ASP A 289 -30.87 14.65 -7.06
CA ASP A 289 -31.36 13.32 -7.34
C ASP A 289 -31.11 12.35 -6.20
N GLY A 290 -30.31 12.73 -5.22
CA GLY A 290 -30.14 11.90 -4.06
C GLY A 290 -31.38 11.87 -3.19
N LEU A 291 -31.83 13.03 -2.74
CA LEU A 291 -32.95 13.08 -1.82
C LEU A 291 -34.29 12.99 -2.54
N TYR A 292 -34.49 13.80 -3.57
CA TYR A 292 -35.81 13.99 -4.15
C TYR A 292 -35.99 13.05 -5.33
N TRP A 293 -36.83 12.03 -5.15
CA TRP A 293 -37.02 11.00 -6.15
C TRP A 293 -38.04 10.01 -5.62
N LYS A 294 -38.38 9.04 -6.46
CA LYS A 294 -39.65 8.36 -6.34
C LYS A 294 -39.61 7.38 -5.16
N MET A 295 -40.74 6.70 -4.95
CA MET A 295 -40.98 5.82 -3.81
C MET A 295 -41.27 4.41 -4.32
N GLN A 296 -41.25 3.43 -3.40
CA GLN A 296 -41.39 2.01 -3.74
C GLN A 296 -42.53 1.71 -4.70
N PRO A 297 -43.80 2.01 -4.35
CA PRO A 297 -44.89 1.62 -5.25
C PRO A 297 -44.95 2.47 -6.49
N SER A 298 -44.37 3.67 -6.45
CA SER A 298 -44.54 4.73 -7.42
C SER A 298 -45.96 5.27 -7.41
N ASN A 299 -46.90 4.61 -6.72
CA ASN A 299 -48.31 4.97 -6.72
C ASN A 299 -48.76 5.36 -5.31
N GLN A 300 -50.07 5.54 -5.16
CA GLN A 300 -50.76 5.84 -3.90
C GLN A 300 -50.46 7.23 -3.36
N THR A 301 -50.19 8.19 -4.25
CA THR A 301 -50.48 9.60 -4.06
C THR A 301 -50.09 10.15 -2.68
N GLU A 302 -48.81 10.32 -2.41
CA GLU A 302 -48.41 10.95 -1.16
C GLU A 302 -48.04 12.41 -1.44
N ALA A 303 -48.97 13.29 -1.09
CA ALA A 303 -48.78 14.73 -1.21
C ALA A 303 -48.45 15.41 0.12
N ASP A 304 -48.45 14.66 1.22
CA ASP A 304 -48.17 15.22 2.54
C ASP A 304 -46.72 14.96 2.94
N ASN A 305 -46.36 13.69 3.09
CA ASN A 305 -44.97 13.28 2.93
C ASN A 305 -44.85 12.90 1.47
N ARG A 306 -44.14 13.71 0.69
CA ARG A 306 -44.13 13.46 -0.73
C ARG A 306 -43.16 12.33 -1.06
N SER A 307 -42.04 12.24 -0.36
CA SER A 307 -41.13 11.12 -0.56
C SER A 307 -40.08 11.10 0.53
N PHE A 308 -39.26 10.05 0.47
CA PHE A 308 -37.93 9.98 1.06
C PHE A 308 -37.03 9.41 -0.01
N ILE A 309 -35.78 9.14 0.36
CA ILE A 309 -34.78 8.70 -0.61
C ILE A 309 -35.27 7.45 -1.32
N PHE A 310 -35.20 6.33 -0.63
CA PHE A 310 -35.70 5.07 -1.12
C PHE A 310 -36.03 4.22 0.09
N TYR A 311 -37.07 3.42 -0.04
CA TYR A 311 -37.13 2.22 0.78
C TYR A 311 -37.02 2.58 2.26
N GLU A 312 -35.97 2.12 2.93
CA GLU A 312 -35.97 2.03 4.37
C GLU A 312 -35.53 3.28 5.14
N ASN A 313 -35.31 4.43 4.51
CA ASN A 313 -34.95 5.62 5.27
C ASN A 313 -35.90 6.77 4.98
N LEU A 314 -36.28 7.47 6.05
CA LEU A 314 -37.18 8.60 5.99
C LEU A 314 -36.40 9.89 5.90
N LEU A 315 -36.81 10.75 4.98
CA LEU A 315 -36.37 12.14 4.98
C LEU A 315 -37.32 12.97 5.82
N LEU A 316 -36.75 13.85 6.63
CA LEU A 316 -37.51 14.80 7.42
C LEU A 316 -36.97 16.19 7.20
N GLY A 317 -37.78 17.18 7.52
CA GLY A 317 -37.35 18.55 7.31
C GLY A 317 -37.07 18.80 5.85
N VAL A 318 -35.99 19.52 5.59
CA VAL A 318 -35.58 20.00 4.28
C VAL A 318 -34.19 20.58 4.43
N PRO A 319 -33.34 20.44 3.42
CA PRO A 319 -31.96 20.89 3.54
C PRO A 319 -31.86 22.39 3.68
N ARG A 320 -30.75 22.81 4.28
CA ARG A 320 -30.45 24.21 4.48
C ARG A 320 -29.04 24.47 3.97
N ILE A 321 -28.90 25.42 3.06
CA ILE A 321 -27.61 25.81 2.52
C ILE A 321 -27.12 27.01 3.29
N ARG A 322 -25.95 26.88 3.90
CA ARG A 322 -25.38 27.99 4.66
C ARG A 322 -24.01 28.31 4.07
N GLN A 323 -23.55 29.53 4.36
CA GLN A 323 -22.46 30.10 3.58
C GLN A 323 -21.77 31.22 4.37
N LEU A 324 -20.58 31.57 3.92
CA LEU A 324 -19.90 32.77 4.38
C LEU A 324 -19.41 33.57 3.19
N ARG A 325 -19.00 34.81 3.46
CA ARG A 325 -18.30 35.62 2.47
C ARG A 325 -17.50 36.68 3.21
N VAL A 326 -16.49 37.23 2.52
CA VAL A 326 -15.60 38.23 3.08
C VAL A 326 -15.70 39.51 2.25
N ARG A 327 -15.60 40.65 2.92
CA ARG A 327 -15.93 41.92 2.31
C ARG A 327 -14.91 42.33 1.25
N ASN A 328 -15.40 43.09 0.28
CA ASN A 328 -14.58 43.58 -0.82
C ASN A 328 -13.42 44.42 -0.32
N GLY A 329 -12.30 44.34 -1.02
CA GLY A 329 -11.13 45.13 -0.69
C GLY A 329 -10.72 45.01 0.74
N SER A 330 -10.94 43.84 1.34
CA SER A 330 -10.50 43.62 2.71
C SER A 330 -8.99 43.59 2.82
N CYS A 331 -8.28 43.55 1.71
CA CYS A 331 -6.82 43.49 1.71
C CYS A 331 -6.26 44.49 0.72
N SER A 332 -5.24 45.24 1.15
CA SER A 332 -4.68 46.30 0.34
C SER A 332 -3.54 45.73 -0.48
N ILE A 333 -3.75 45.68 -1.79
CA ILE A 333 -2.71 45.23 -2.72
C ILE A 333 -1.50 46.15 -2.59
N PRO A 334 -0.27 45.65 -2.70
CA PRO A 334 0.88 46.55 -2.66
C PRO A 334 0.77 47.65 -3.71
N GLN A 335 1.34 48.81 -3.34
CA GLN A 335 1.12 50.08 -4.06
C GLN A 335 1.40 49.97 -5.54
N ASP A 336 2.33 49.10 -5.93
CA ASP A 336 2.81 49.10 -7.31
C ASP A 336 1.73 48.61 -8.26
N LEU A 337 1.18 47.44 -7.97
CA LEU A 337 0.20 46.81 -8.85
C LEU A 337 -1.15 47.50 -8.82
N ARG A 338 -1.34 48.50 -7.96
CA ARG A 338 -2.68 49.03 -7.71
C ARG A 338 -3.41 49.37 -9.00
N ASP A 339 -2.69 49.83 -10.02
CA ASP A 339 -3.32 49.99 -11.32
C ASP A 339 -3.45 48.66 -12.05
N GLU A 340 -2.48 47.76 -11.87
CA GLU A 340 -2.45 46.53 -12.64
C GLU A 340 -3.74 45.72 -12.46
N ILE A 341 -4.25 45.64 -11.23
CA ILE A 341 -5.45 44.87 -10.97
C ILE A 341 -6.21 45.53 -9.81
N LYS A 342 -7.54 45.49 -9.91
CA LYS A 342 -8.44 46.29 -9.08
C LYS A 342 -8.77 45.66 -7.72
N GLU A 343 -8.83 44.34 -7.62
CA GLU A 343 -9.59 43.68 -6.57
C GLU A 343 -8.69 42.94 -5.59
N CYS A 344 -9.18 42.77 -4.36
CA CYS A 344 -8.49 41.91 -3.41
C CYS A 344 -9.50 41.34 -2.42
N TYR A 345 -9.33 40.06 -2.07
CA TYR A 345 -10.10 39.43 -1.00
C TYR A 345 -9.15 38.53 -0.21
N ASP A 346 -8.98 38.81 1.07
CA ASP A 346 -8.00 38.08 1.85
C ASP A 346 -8.64 36.95 2.63
N VAL A 347 -7.85 36.32 3.49
CA VAL A 347 -8.29 35.12 4.18
C VAL A 347 -9.43 35.45 5.12
N TYR A 348 -10.24 34.44 5.42
CA TYR A 348 -11.37 34.60 6.32
C TYR A 348 -10.91 34.76 7.77
N SER A 349 -11.41 35.80 8.43
CA SER A 349 -11.21 35.98 9.86
C SER A 349 -12.29 36.92 10.39
N VAL A 350 -12.48 36.86 11.71
CA VAL A 350 -13.58 37.59 12.34
C VAL A 350 -13.56 39.05 11.94
N SER A 351 -12.46 39.73 12.20
CA SER A 351 -12.33 41.13 11.82
C SER A 351 -12.39 41.31 10.31
N SER A 352 -12.10 40.26 9.56
CA SER A 352 -12.23 40.32 8.11
C SER A 352 -13.59 39.81 7.63
N GLU A 353 -14.42 39.31 8.54
CA GLU A 353 -15.72 38.82 8.14
C GLU A 353 -16.57 39.95 7.57
N ASP A 354 -17.54 39.58 6.75
CA ASP A 354 -18.39 40.55 6.09
C ASP A 354 -19.83 40.34 6.52
N ARG A 355 -20.40 41.34 7.16
CA ARG A 355 -21.82 41.36 7.49
C ARG A 355 -22.64 42.17 6.51
N ALA A 356 -22.02 42.78 5.52
CA ALA A 356 -22.75 43.70 4.66
C ALA A 356 -23.74 42.93 3.80
N PRO A 357 -24.94 43.48 3.59
CA PRO A 357 -25.87 42.87 2.65
C PRO A 357 -25.30 42.89 1.24
N PHE A 358 -25.88 42.05 0.39
CA PHE A 358 -25.13 41.53 -0.74
C PHE A 358 -26.02 41.28 -1.94
N GLY A 359 -25.48 41.56 -3.12
CA GLY A 359 -26.13 41.22 -4.37
C GLY A 359 -27.51 41.84 -4.45
N PRO A 360 -28.36 41.32 -5.34
CA PRO A 360 -29.78 41.66 -5.27
C PRO A 360 -30.33 41.09 -3.98
N ARG A 361 -30.98 41.92 -3.19
CA ARG A 361 -31.31 41.57 -1.83
C ARG A 361 -32.77 41.18 -1.78
N ASN A 362 -33.01 39.87 -1.68
CA ASN A 362 -34.35 39.33 -1.59
C ASN A 362 -34.27 37.99 -0.89
N GLY A 363 -35.29 37.66 -0.12
CA GLY A 363 -35.21 36.40 0.60
C GLY A 363 -34.07 36.36 1.59
N THR A 364 -33.85 35.16 2.12
CA THR A 364 -32.89 34.99 3.20
C THR A 364 -31.47 35.15 2.71
N ALA A 365 -31.05 34.25 1.81
CA ALA A 365 -29.64 34.16 1.43
C ALA A 365 -29.11 35.43 0.81
N TRP A 366 -29.97 36.41 0.54
CA TRP A 366 -29.49 37.71 0.17
C TRP A 366 -29.47 38.69 1.33
N ILE A 367 -29.86 38.24 2.51
CA ILE A 367 -29.86 39.05 3.72
C ILE A 367 -28.95 38.40 4.73
N TYR A 368 -27.98 39.16 5.22
CA TYR A 368 -27.09 38.63 6.24
C TYR A 368 -27.87 38.31 7.50
N THR A 369 -27.32 37.40 8.31
CA THR A 369 -27.89 37.12 9.61
C THR A 369 -26.79 36.93 10.62
N SER A 370 -27.10 37.23 11.88
CA SER A 370 -26.14 37.04 12.95
C SER A 370 -26.03 35.59 13.33
N GLU A 371 -24.91 35.28 13.99
CA GLU A 371 -24.71 33.93 14.53
C GLU A 371 -25.83 33.60 15.51
N LYS A 372 -26.13 34.52 16.42
CA LYS A 372 -27.17 34.26 17.41
C LYS A 372 -28.56 34.33 16.81
N ASP A 373 -28.75 35.10 15.74
CA ASP A 373 -30.06 35.18 15.11
C ASP A 373 -30.53 33.80 14.70
N LEU A 374 -29.75 33.13 13.86
CA LEU A 374 -29.99 31.71 13.68
C LEU A 374 -29.67 31.01 15.00
N ASN A 375 -30.27 29.86 15.17
CA ASN A 375 -30.07 29.09 16.37
C ASN A 375 -28.87 28.16 16.26
N GLY A 376 -28.10 28.30 15.20
CA GLY A 376 -26.98 27.41 14.97
C GLY A 376 -25.76 27.90 15.71
N SER A 377 -24.79 27.00 15.83
CA SER A 377 -23.51 27.25 16.48
C SER A 377 -22.41 27.37 15.43
N SER A 378 -21.18 27.55 15.91
CA SER A 378 -20.03 27.66 15.03
C SER A 378 -19.60 26.26 14.60
N HIS A 379 -18.49 26.16 13.88
CA HIS A 379 -18.05 24.86 13.42
C HIS A 379 -16.53 24.83 13.27
N TRP A 380 -15.97 23.63 13.39
CA TRP A 380 -14.52 23.48 13.41
C TRP A 380 -13.92 23.63 12.02
N GLY A 381 -14.13 22.64 11.16
CA GLY A 381 -13.57 22.70 9.83
C GLY A 381 -12.05 22.54 9.85
N ILE A 382 -11.48 22.42 8.65
CA ILE A 382 -10.05 22.13 8.59
C ILE A 382 -9.21 23.39 8.65
N ILE A 383 -9.23 24.22 7.60
CA ILE A 383 -8.36 25.39 7.61
C ILE A 383 -8.90 26.42 8.57
N ALA A 384 -10.08 26.97 8.29
CA ALA A 384 -10.62 28.08 9.06
C ALA A 384 -11.90 27.65 9.74
N THR A 385 -12.03 28.01 11.01
CA THR A 385 -13.26 27.74 11.73
C THR A 385 -14.30 28.79 11.39
N TYR A 386 -15.57 28.38 11.41
CA TYR A 386 -16.64 29.19 10.90
C TYR A 386 -17.75 29.28 11.94
N SER A 387 -18.49 30.37 11.88
CA SER A 387 -19.51 30.62 12.88
C SER A 387 -20.71 31.26 12.21
N GLY A 388 -21.89 30.85 12.65
CA GLY A 388 -23.09 31.50 12.20
C GLY A 388 -23.25 31.39 10.70
N ALA A 389 -23.78 32.45 10.12
CA ALA A 389 -24.07 32.43 8.70
C ALA A 389 -23.84 33.81 8.12
N GLY A 390 -23.28 33.84 6.92
CA GLY A 390 -23.39 35.03 6.12
C GLY A 390 -24.78 35.07 5.56
N TYR A 391 -25.20 33.95 4.96
CA TYR A 391 -26.50 33.87 4.33
C TYR A 391 -26.99 32.43 4.46
N TYR A 392 -28.23 32.20 4.06
CA TYR A 392 -28.73 30.83 4.03
C TYR A 392 -29.97 30.74 3.18
N LEU A 393 -30.23 29.53 2.71
CA LEU A 393 -31.48 29.21 2.04
C LEU A 393 -31.92 27.83 2.48
N ASP A 394 -33.13 27.72 3.01
CA ASP A 394 -33.72 26.42 3.26
C ASP A 394 -34.25 25.85 1.97
N LEU A 395 -34.05 24.55 1.79
CA LEU A 395 -34.50 23.93 0.55
C LEU A 395 -35.99 23.62 0.61
N SER A 396 -36.59 23.52 -0.58
CA SER A 396 -37.95 23.04 -0.70
C SER A 396 -37.99 21.52 -0.48
N ARG A 397 -39.17 21.02 -0.15
CA ARG A 397 -39.34 19.58 0.02
C ARG A 397 -39.60 18.88 -1.31
N THR A 398 -39.96 19.60 -2.35
CA THR A 398 -40.20 19.00 -3.65
C THR A 398 -38.94 19.07 -4.49
N ARG A 399 -38.72 18.03 -5.28
CA ARG A 399 -37.67 18.07 -6.30
C ARG A 399 -37.75 19.34 -7.13
N GLU A 400 -38.88 19.54 -7.81
CA GLU A 400 -39.00 20.58 -8.82
C GLU A 400 -38.57 21.93 -8.29
N GLU A 401 -39.19 22.38 -7.20
CA GLU A 401 -38.87 23.71 -6.70
C GLU A 401 -37.42 23.81 -6.28
N THR A 402 -36.91 22.78 -5.60
CA THR A 402 -35.49 22.73 -5.33
C THR A 402 -34.70 22.84 -6.62
N ALA A 403 -35.05 22.02 -7.61
CA ALA A 403 -34.46 22.17 -8.93
C ALA A 403 -34.76 23.55 -9.51
N ALA A 404 -35.93 24.10 -9.20
CA ALA A 404 -36.28 25.41 -9.74
C ALA A 404 -35.41 26.50 -9.15
N GLN A 405 -35.17 26.44 -7.85
CA GLN A 405 -34.35 27.48 -7.23
C GLN A 405 -32.95 27.47 -7.80
N VAL A 406 -32.27 26.32 -7.74
CA VAL A 406 -30.84 26.25 -8.02
C VAL A 406 -30.50 26.98 -9.31
N ALA A 407 -31.28 26.72 -10.37
CA ALA A 407 -31.12 27.49 -11.59
C ALA A 407 -31.27 28.98 -11.31
N SER A 408 -32.41 29.37 -10.75
CA SER A 408 -32.58 30.75 -10.32
C SER A 408 -31.51 31.15 -9.31
N LEU A 409 -30.97 30.17 -8.59
CA LEU A 409 -29.91 30.47 -7.63
C LEU A 409 -28.59 30.75 -8.32
N LYS A 410 -28.17 29.85 -9.21
CA LYS A 410 -26.96 30.09 -9.99
C LYS A 410 -27.03 31.42 -10.72
N LYS A 411 -28.17 31.67 -11.36
CA LYS A 411 -28.30 32.86 -12.21
C LYS A 411 -27.82 34.11 -11.51
N ASN A 412 -28.03 34.20 -10.21
CA ASN A 412 -27.53 35.34 -9.44
C ASN A 412 -26.07 35.19 -9.05
N VAL A 413 -25.54 33.97 -9.03
CA VAL A 413 -24.11 33.73 -8.81
C VAL A 413 -23.71 34.34 -7.49
N TRP A 414 -24.07 33.73 -6.38
CA TRP A 414 -23.56 34.26 -5.13
C TRP A 414 -22.27 33.60 -4.69
N LEU A 415 -21.68 32.79 -5.55
CA LEU A 415 -20.38 32.17 -5.31
C LEU A 415 -19.22 32.97 -5.90
N ASP A 416 -19.47 34.18 -6.37
CA ASP A 416 -18.59 34.90 -7.29
C ASP A 416 -17.10 34.82 -6.97
N ARG A 417 -16.74 35.13 -5.73
CA ARG A 417 -15.37 35.27 -5.29
C ARG A 417 -15.45 35.59 -3.81
N GLY A 418 -14.35 35.33 -3.12
CA GLY A 418 -14.29 35.56 -1.70
C GLY A 418 -15.13 34.60 -0.90
N THR A 419 -15.99 33.82 -1.55
CA THR A 419 -16.75 32.81 -0.87
C THR A 419 -15.81 31.91 -0.09
N ARG A 420 -16.17 31.62 1.13
CA ARG A 420 -15.27 30.74 1.86
C ARG A 420 -15.99 29.49 2.30
N ALA A 421 -16.79 29.58 3.35
CA ALA A 421 -17.50 28.42 3.85
C ALA A 421 -18.78 28.24 3.06
N THR A 422 -19.07 27.00 2.71
CA THR A 422 -20.31 26.65 2.07
C THR A 422 -20.85 25.40 2.75
N PHE A 423 -22.01 25.53 3.37
CA PHE A 423 -22.61 24.39 4.03
C PHE A 423 -23.84 23.92 3.29
N ILE A 424 -24.08 22.62 3.36
CA ILE A 424 -25.34 22.03 2.98
C ILE A 424 -25.76 21.13 4.13
N ASP A 425 -26.94 21.38 4.68
CA ASP A 425 -27.40 20.62 5.84
C ASP A 425 -28.83 20.15 5.62
N PHE A 426 -29.00 18.84 5.57
CA PHE A 426 -30.28 18.19 5.75
C PHE A 426 -30.08 17.10 6.80
N SER A 427 -31.14 16.37 7.10
CA SER A 427 -31.01 15.22 7.98
C SER A 427 -32.14 14.26 7.73
N VAL A 428 -31.96 13.02 8.18
CA VAL A 428 -32.90 11.95 7.88
C VAL A 428 -33.09 11.05 9.08
N TYR A 429 -34.15 10.26 9.02
CA TYR A 429 -34.53 9.35 10.07
C TYR A 429 -34.59 7.94 9.50
N ASN A 430 -34.26 6.96 10.33
CA ASN A 430 -34.43 5.56 9.96
C ASN A 430 -35.62 4.97 10.70
N ALA A 431 -36.61 4.55 9.94
CA ALA A 431 -37.80 3.95 10.55
C ALA A 431 -37.44 2.64 11.23
N ASN A 432 -36.69 1.78 10.55
CA ASN A 432 -36.50 0.42 11.03
C ASN A 432 -35.92 0.37 12.42
N ILE A 433 -34.65 0.70 12.61
CA ILE A 433 -34.06 0.47 13.93
C ILE A 433 -34.17 1.70 14.80
N ASN A 434 -34.86 2.73 14.31
CA ASN A 434 -35.24 4.02 14.91
C ASN A 434 -34.17 5.08 14.73
N LEU A 435 -33.04 4.77 14.12
CA LEU A 435 -31.87 5.62 14.27
C LEU A 435 -31.99 6.89 13.42
N PHE A 436 -31.35 7.94 13.90
CA PHE A 436 -31.66 9.30 13.49
C PHE A 436 -30.34 9.97 13.12
N CYS A 437 -30.15 10.30 11.84
CA CYS A 437 -28.84 10.73 11.36
C CYS A 437 -28.88 12.08 10.69
N VAL A 438 -27.77 12.82 10.82
CA VAL A 438 -27.65 14.20 10.36
C VAL A 438 -26.51 14.31 9.36
N VAL A 439 -26.60 15.29 8.48
CA VAL A 439 -25.69 15.41 7.36
C VAL A 439 -25.22 16.85 7.24
N ARG A 440 -23.91 17.06 7.36
CA ARG A 440 -23.31 18.36 7.11
C ARG A 440 -22.23 18.19 6.04
N LEU A 441 -22.43 18.82 4.91
CA LEU A 441 -21.46 18.83 3.83
C LEU A 441 -20.87 20.22 3.80
N LEU A 442 -19.59 20.33 4.11
CA LEU A 442 -18.90 21.60 4.06
C LEU A 442 -17.95 21.59 2.88
N VAL A 443 -18.06 22.59 2.03
CA VAL A 443 -17.18 22.73 0.89
C VAL A 443 -16.42 24.02 1.12
N GLU A 444 -15.16 23.90 1.47
CA GLU A 444 -14.39 25.10 1.72
C GLU A 444 -13.91 25.67 0.41
N PHE A 445 -13.67 26.98 0.41
CA PHE A 445 -12.96 27.63 -0.68
C PHE A 445 -11.71 28.29 -0.14
N PRO A 446 -10.52 27.86 -0.55
CA PRO A 446 -9.32 28.57 -0.13
C PRO A 446 -9.34 29.97 -0.69
N ALA A 447 -8.64 30.88 -0.02
CA ALA A 447 -8.53 32.23 -0.54
C ALA A 447 -7.64 32.29 -1.77
N THR A 448 -7.03 31.18 -2.17
CA THR A 448 -6.19 31.11 -3.34
C THR A 448 -6.89 30.56 -4.57
N GLY A 449 -8.17 30.24 -4.49
CA GLY A 449 -8.95 29.88 -5.66
C GLY A 449 -9.33 28.42 -5.78
N GLY A 450 -8.82 27.55 -4.92
CA GLY A 450 -9.04 26.12 -5.07
C GLY A 450 -10.40 25.70 -4.60
N VAL A 451 -10.50 24.44 -4.21
CA VAL A 451 -11.66 23.97 -3.47
C VAL A 451 -11.21 22.85 -2.56
N ILE A 452 -11.78 22.79 -1.37
CA ILE A 452 -11.58 21.67 -0.47
C ILE A 452 -12.93 21.04 -0.17
N PRO A 453 -13.22 19.85 -0.67
CA PRO A 453 -14.41 19.14 -0.23
C PRO A 453 -14.18 18.50 1.12
N SER A 454 -15.27 18.37 1.87
CA SER A 454 -15.24 17.64 3.13
C SER A 454 -16.67 17.26 3.50
N TRP A 455 -16.80 16.35 4.45
CA TRP A 455 -18.13 15.89 4.82
C TRP A 455 -18.14 15.43 6.26
N GLN A 456 -19.33 15.47 6.86
CA GLN A 456 -19.53 14.94 8.21
C GLN A 456 -20.85 14.19 8.26
N PHE A 457 -20.79 12.91 8.63
CA PHE A 457 -21.97 12.08 8.83
C PHE A 457 -22.02 11.65 10.28
N GLN A 458 -23.05 12.06 11.00
CA GLN A 458 -23.25 11.63 12.37
C GLN A 458 -24.55 10.86 12.55
N PRO A 459 -24.49 9.58 12.87
CA PRO A 459 -25.70 8.87 13.29
C PRO A 459 -26.04 9.17 14.73
N LEU A 460 -27.31 9.06 15.05
CA LEU A 460 -27.73 9.30 16.43
C LEU A 460 -29.01 8.55 16.74
N LYS A 461 -29.16 8.12 17.99
CA LYS A 461 -30.44 7.70 18.50
C LYS A 461 -31.00 8.86 19.31
N LEU A 462 -32.23 9.24 19.02
CA LEU A 462 -32.81 10.42 19.67
C LEU A 462 -33.75 9.98 20.79
N ILE A 463 -34.94 9.49 20.42
CA ILE A 463 -35.88 9.05 21.43
C ILE A 463 -35.24 7.93 22.23
N ARG A 464 -35.19 8.10 23.54
CA ARG A 464 -34.43 7.19 24.38
C ARG A 464 -35.12 5.86 24.58
N TYR A 465 -36.36 5.73 24.15
CA TYR A 465 -37.19 4.59 24.54
C TYR A 465 -37.52 3.75 23.31
N VAL A 466 -36.94 2.55 23.25
CA VAL A 466 -37.39 1.49 22.37
C VAL A 466 -38.09 0.46 23.22
N THR A 467 -39.37 0.23 22.94
CA THR A 467 -40.22 -0.54 23.84
C THR A 467 -39.66 -1.92 24.14
N THR A 468 -38.76 -2.44 23.31
CA THR A 468 -38.29 -3.80 23.48
C THR A 468 -37.19 -3.90 24.54
N PHE A 469 -35.98 -3.47 24.20
CA PHE A 469 -34.82 -3.71 25.02
C PHE A 469 -34.48 -2.57 25.97
N ASP A 470 -35.09 -1.40 25.80
CA ASP A 470 -34.59 -0.24 26.52
C ASP A 470 -35.02 -0.24 27.98
N PHE A 471 -36.25 -0.66 28.26
CA PHE A 471 -36.71 -0.77 29.64
C PHE A 471 -35.79 -1.62 30.48
N PHE A 472 -35.01 -2.51 29.85
CA PHE A 472 -33.89 -3.12 30.53
C PHE A 472 -32.72 -2.15 30.62
N LEU A 473 -32.42 -1.47 29.52
CA LEU A 473 -31.27 -0.57 29.48
C LEU A 473 -31.51 0.67 30.32
N ALA A 474 -32.62 1.37 30.06
CA ALA A 474 -32.87 2.63 30.75
C ALA A 474 -33.05 2.42 32.25
N ALA A 475 -33.71 1.33 32.64
CA ALA A 475 -33.78 1.01 34.06
C ALA A 475 -32.40 0.67 34.61
N CYS A 476 -31.54 0.08 33.79
CA CYS A 476 -30.15 -0.08 34.20
C CYS A 476 -29.36 1.21 34.04
N GLU A 477 -29.81 2.12 33.17
CA GLU A 477 -29.21 3.45 33.08
C GLU A 477 -29.30 4.17 34.41
N ILE A 478 -30.51 4.23 34.99
CA ILE A 478 -30.68 4.92 36.27
C ILE A 478 -29.89 4.22 37.36
N ILE A 479 -29.71 2.90 37.24
CA ILE A 479 -28.85 2.17 38.16
C ILE A 479 -27.43 2.67 38.05
N PHE A 480 -26.97 2.91 36.82
CA PHE A 480 -25.60 3.35 36.60
C PHE A 480 -25.33 4.66 37.33
N CYS A 481 -26.09 5.71 37.01
CA CYS A 481 -25.87 7.00 37.65
C CYS A 481 -26.08 6.92 39.15
N PHE A 482 -26.92 6.00 39.61
CA PHE A 482 -26.96 5.70 41.04
C PHE A 482 -25.67 5.05 41.49
N PHE A 483 -25.19 4.07 40.72
CA PHE A 483 -24.06 3.28 41.16
C PHE A 483 -22.82 4.14 41.37
N ILE A 484 -22.59 5.10 40.47
CA ILE A 484 -21.47 6.00 40.67
C ILE A 484 -21.73 6.93 41.83
N PHE A 485 -22.97 7.40 41.97
CA PHE A 485 -23.32 8.23 43.13
C PHE A 485 -22.88 7.58 44.42
N TYR A 486 -22.87 6.25 44.48
CA TYR A 486 -22.27 5.54 45.60
C TYR A 486 -20.82 5.98 45.72
N TYR A 487 -19.97 5.57 44.79
CA TYR A 487 -18.56 5.93 44.87
C TYR A 487 -18.30 7.41 44.69
N VAL A 488 -19.30 8.21 44.31
CA VAL A 488 -19.09 9.66 44.35
C VAL A 488 -18.73 10.08 45.77
N VAL A 489 -19.61 9.79 46.72
CA VAL A 489 -19.39 10.21 48.10
C VAL A 489 -18.47 9.24 48.84
N GLU A 490 -18.66 7.93 48.64
CA GLU A 490 -17.84 6.92 49.31
C GLU A 490 -16.35 7.23 49.17
N GLU A 491 -15.96 7.65 47.97
CA GLU A 491 -14.55 7.90 47.68
C GLU A 491 -14.07 9.24 48.22
N ILE A 492 -14.95 10.23 48.31
CA ILE A 492 -14.52 11.53 48.80
C ILE A 492 -14.20 11.47 50.29
N LEU A 493 -14.84 10.55 51.02
CA LEU A 493 -14.61 10.45 52.45
C LEU A 493 -13.12 10.26 52.75
N GLU A 494 -12.47 9.33 52.06
CA GLU A 494 -11.03 9.20 52.22
C GLU A 494 -10.29 10.42 51.67
N ILE A 495 -10.84 11.09 50.66
CA ILE A 495 -10.20 12.28 50.12
C ILE A 495 -10.20 13.39 51.15
N ARG A 496 -11.31 13.60 51.83
CA ARG A 496 -11.35 14.64 52.85
C ARG A 496 -10.61 14.22 54.12
N ILE A 497 -10.80 12.98 54.57
CA ILE A 497 -10.24 12.57 55.85
C ILE A 497 -8.73 12.38 55.76
N HIS A 498 -8.27 11.57 54.81
CA HIS A 498 -6.85 11.39 54.56
C HIS A 498 -6.44 12.37 53.47
N LYS A 499 -5.69 13.41 53.84
CA LYS A 499 -5.20 14.31 52.80
C LYS A 499 -3.98 13.76 52.10
N LEU A 500 -2.97 13.32 52.86
CA LEU A 500 -1.72 12.90 52.27
C LEU A 500 -1.64 11.39 52.03
N HIS A 501 -2.60 10.63 52.55
CA HIS A 501 -2.53 9.18 52.38
C HIS A 501 -2.73 8.79 50.92
N TYR A 502 -3.66 9.43 50.23
CA TYR A 502 -3.81 9.21 48.79
C TYR A 502 -2.76 9.96 47.98
N PHE A 503 -2.16 10.99 48.56
CA PHE A 503 -1.18 11.82 47.88
C PHE A 503 -0.03 10.96 47.36
N ARG A 504 0.46 11.31 46.17
CA ARG A 504 1.64 10.69 45.58
C ARG A 504 1.43 9.18 45.35
N SER A 505 0.34 8.86 44.66
CA SER A 505 0.18 7.52 44.10
C SER A 505 -0.38 7.65 42.70
N PHE A 506 0.39 7.21 41.70
CA PHE A 506 -0.10 7.28 40.33
C PHE A 506 -1.34 6.42 40.14
N TRP A 507 -1.31 5.19 40.65
CA TRP A 507 -2.51 4.37 40.62
C TRP A 507 -3.69 5.11 41.23
N ASN A 508 -3.47 5.79 42.35
CA ASN A 508 -4.55 6.51 42.98
C ASN A 508 -4.81 7.83 42.29
N CYS A 509 -3.74 8.52 41.87
CA CYS A 509 -3.93 9.78 41.15
C CYS A 509 -4.80 9.59 39.91
N LEU A 510 -4.79 8.40 39.32
CA LEU A 510 -5.70 8.10 38.22
C LEU A 510 -7.07 7.68 38.69
N ASP A 511 -7.19 7.25 39.94
CA ASP A 511 -8.48 6.76 40.44
C ASP A 511 -9.53 7.85 40.42
N VAL A 512 -9.12 9.11 40.42
CA VAL A 512 -10.10 10.20 40.43
C VAL A 512 -10.64 10.46 39.03
N VAL A 513 -9.80 10.32 38.01
CA VAL A 513 -10.14 10.79 36.67
C VAL A 513 -11.42 10.13 36.18
N ILE A 514 -11.53 8.82 36.37
CA ILE A 514 -12.73 8.10 36.00
C ILE A 514 -13.97 8.82 36.51
N VAL A 515 -13.92 9.30 37.76
CA VAL A 515 -15.06 10.01 38.31
C VAL A 515 -15.17 11.39 37.69
N VAL A 516 -14.02 12.05 37.50
CA VAL A 516 -14.02 13.39 36.92
C VAL A 516 -14.84 13.40 35.63
N LEU A 517 -14.52 12.49 34.73
CA LEU A 517 -15.15 12.48 33.41
C LEU A 517 -16.59 12.02 33.49
N SER A 518 -16.81 10.92 34.18
CA SER A 518 -18.13 10.29 34.20
C SER A 518 -19.22 11.31 34.50
N VAL A 519 -19.04 12.09 35.55
CA VAL A 519 -20.03 13.09 35.92
C VAL A 519 -20.29 14.03 34.75
N VAL A 520 -19.22 14.48 34.09
CA VAL A 520 -19.38 15.31 32.90
C VAL A 520 -20.38 14.66 31.96
N ALA A 521 -20.16 13.38 31.66
CA ALA A 521 -21.10 12.66 30.84
C ALA A 521 -22.47 12.62 31.50
N ILE A 522 -22.51 12.47 32.82
CA ILE A 522 -23.76 12.21 33.51
C ILE A 522 -24.78 13.31 33.21
N GLY A 523 -24.48 14.53 33.61
CA GLY A 523 -25.43 15.60 33.39
C GLY A 523 -25.78 15.79 31.92
N ILE A 524 -24.76 15.99 31.10
CA ILE A 524 -24.97 16.49 29.74
C ILE A 524 -25.92 15.61 28.96
N ASN A 525 -26.03 14.33 29.30
CA ASN A 525 -26.95 13.49 28.55
C ASN A 525 -28.38 13.85 28.91
N ILE A 526 -28.78 13.66 30.17
CA ILE A 526 -30.09 14.11 30.59
C ILE A 526 -30.13 15.64 30.61
N TYR A 527 -29.24 16.26 31.37
CA TYR A 527 -29.39 17.68 31.66
C TYR A 527 -29.38 18.51 30.38
N ARG A 528 -28.31 18.42 29.61
CA ARG A 528 -28.32 19.10 28.32
C ARG A 528 -29.38 18.52 27.39
N THR A 529 -29.26 17.24 27.06
CA THR A 529 -29.90 16.72 25.86
C THR A 529 -31.28 16.10 26.07
N SER A 530 -31.70 15.86 27.30
CA SER A 530 -33.00 15.21 27.48
C SER A 530 -34.14 16.17 27.15
N ASN A 531 -34.14 17.35 27.78
CA ASN A 531 -35.19 18.32 27.50
C ASN A 531 -35.20 18.71 26.04
N VAL A 532 -34.04 18.65 25.39
CA VAL A 532 -33.96 18.77 23.94
C VAL A 532 -34.94 17.80 23.30
N GLU A 533 -34.72 16.51 23.52
CA GLU A 533 -35.53 15.48 22.87
C GLU A 533 -37.01 15.78 23.00
N VAL A 534 -37.43 16.25 24.18
CA VAL A 534 -38.83 16.58 24.39
C VAL A 534 -39.25 17.71 23.45
N LEU A 535 -38.53 18.83 23.50
CA LEU A 535 -38.98 20.04 22.81
C LEU A 535 -39.01 19.87 21.30
N LEU A 536 -38.48 18.77 20.77
CA LEU A 536 -38.76 18.37 19.40
C LEU A 536 -39.82 17.26 19.46
N GLN A 537 -41.04 17.60 19.08
CA GLN A 537 -42.04 16.61 18.73
C GLN A 537 -42.75 17.02 17.45
N PHE A 538 -43.61 18.03 17.56
CA PHE A 538 -44.09 18.69 16.37
C PHE A 538 -43.10 19.75 15.92
N LEU A 539 -42.24 20.20 16.83
CA LEU A 539 -41.16 21.08 16.42
C LEU A 539 -40.32 20.45 15.35
N GLU A 540 -40.02 19.16 15.49
CA GLU A 540 -39.15 18.46 14.56
C GLU A 540 -39.89 17.97 13.31
N ASP A 541 -41.18 17.65 13.43
CA ASP A 541 -41.86 16.93 12.35
C ASP A 541 -42.33 17.83 11.21
N GLN A 542 -42.65 19.08 11.50
CA GLN A 542 -43.33 19.92 10.53
C GLN A 542 -42.46 20.12 9.29
N ASN A 543 -43.11 20.51 8.19
CA ASN A 543 -42.40 20.77 6.94
C ASN A 543 -41.22 21.71 7.13
N THR A 544 -41.26 22.57 8.13
CA THR A 544 -40.12 23.42 8.42
C THR A 544 -38.94 22.59 8.90
N PHE A 545 -37.75 23.14 8.73
CA PHE A 545 -36.55 22.42 9.12
C PHE A 545 -36.11 22.81 10.52
N PRO A 546 -35.80 21.84 11.36
CA PRO A 546 -35.37 22.14 12.73
C PRO A 546 -33.89 22.50 12.79
N ASN A 547 -33.45 22.87 13.98
CA ASN A 547 -32.08 23.25 14.26
C ASN A 547 -31.22 22.06 14.66
N PHE A 548 -31.76 20.86 14.51
CA PHE A 548 -31.35 19.73 15.33
C PHE A 548 -29.85 19.54 15.44
N GLU A 549 -29.07 20.04 14.48
CA GLU A 549 -27.64 19.76 14.45
C GLU A 549 -26.97 20.02 15.79
N HIS A 550 -27.08 21.25 16.30
CA HIS A 550 -26.44 21.56 17.57
C HIS A 550 -26.93 20.64 18.67
N LEU A 551 -28.19 20.20 18.58
CA LEU A 551 -28.70 19.29 19.59
C LEU A 551 -27.96 17.97 19.56
N ALA A 552 -27.38 17.62 18.42
CA ALA A 552 -26.49 16.48 18.34
C ALA A 552 -25.03 16.85 18.53
N TYR A 553 -24.72 18.15 18.53
CA TYR A 553 -23.35 18.57 18.76
C TYR A 553 -22.77 17.86 19.97
N TRP A 554 -23.55 17.76 21.03
CA TRP A 554 -23.03 17.12 22.23
C TRP A 554 -22.87 15.63 22.05
N GLN A 555 -23.64 15.02 21.15
CA GLN A 555 -23.55 13.57 20.99
C GLN A 555 -22.11 13.15 20.74
N ILE A 556 -21.51 13.70 19.69
CA ILE A 556 -20.10 13.45 19.43
C ILE A 556 -19.29 13.86 20.64
N GLN A 557 -19.52 15.08 21.13
CA GLN A 557 -18.91 15.50 22.38
C GLN A 557 -19.08 14.44 23.45
N PHE A 558 -20.26 13.82 23.48
CA PHE A 558 -20.55 12.80 24.47
C PHE A 558 -19.94 11.47 24.09
N ASN A 559 -20.12 11.06 22.84
CA ASN A 559 -19.82 9.68 22.45
C ASN A 559 -18.42 9.29 22.88
N ASN A 560 -17.45 10.07 22.44
CA ASN A 560 -16.07 9.79 22.80
C ASN A 560 -15.89 9.79 24.30
N ILE A 561 -16.28 10.88 24.97
CA ILE A 561 -16.00 11.00 26.38
C ILE A 561 -16.76 9.96 27.16
N ALA A 562 -17.85 9.43 26.58
CA ALA A 562 -18.41 8.21 27.10
C ALA A 562 -17.38 7.08 27.01
N ALA A 563 -16.76 6.94 25.84
CA ALA A 563 -15.87 5.82 25.63
C ALA A 563 -14.58 5.97 26.43
N VAL A 564 -14.01 7.17 26.44
CA VAL A 564 -12.70 7.37 27.05
C VAL A 564 -12.70 6.85 28.48
N THR A 565 -13.78 7.12 29.21
CA THR A 565 -13.92 6.55 30.54
C THR A 565 -13.80 5.04 30.49
N VAL A 566 -14.62 4.42 29.65
CA VAL A 566 -14.68 2.96 29.57
C VAL A 566 -13.29 2.39 29.46
N PHE A 567 -12.46 3.01 28.64
CA PHE A 567 -11.05 2.65 28.56
C PHE A 567 -10.46 2.50 29.95
N PHE A 568 -10.36 3.61 30.67
CA PHE A 568 -9.72 3.58 31.97
C PHE A 568 -10.35 2.56 32.89
N VAL A 569 -11.60 2.20 32.67
CA VAL A 569 -12.24 1.30 33.60
C VAL A 569 -11.50 -0.02 33.69
N TRP A 570 -10.93 -0.49 32.58
CA TRP A 570 -10.16 -1.73 32.68
C TRP A 570 -8.91 -1.54 33.49
N ILE A 571 -8.08 -0.56 33.12
CA ILE A 571 -6.82 -0.41 33.81
C ILE A 571 -7.04 -0.17 35.29
N LYS A 572 -8.28 0.11 35.69
CA LYS A 572 -8.62 0.01 37.10
C LYS A 572 -8.35 -1.40 37.60
N LEU A 573 -8.98 -2.40 36.98
CA LEU A 573 -8.81 -3.77 37.45
C LEU A 573 -7.37 -4.21 37.38
N PHE A 574 -6.55 -3.48 36.63
CA PHE A 574 -5.16 -3.87 36.41
C PHE A 574 -4.42 -4.17 37.70
N LYS A 575 -4.68 -3.42 38.76
CA LYS A 575 -4.00 -3.67 40.03
C LYS A 575 -4.62 -4.82 40.81
N PHE A 576 -5.93 -5.03 40.63
CA PHE A 576 -6.70 -5.78 41.63
C PHE A 576 -6.54 -7.29 41.49
N ILE A 577 -7.15 -7.85 40.46
CA ILE A 577 -7.46 -9.28 40.42
C ILE A 577 -6.24 -10.06 39.94
N ASN A 578 -5.13 -9.37 39.74
CA ASN A 578 -3.86 -10.07 39.58
C ASN A 578 -3.17 -10.03 40.94
N PHE A 579 -3.43 -11.08 41.72
CA PHE A 579 -2.78 -11.31 42.99
C PHE A 579 -1.79 -12.46 42.94
N ASN A 580 -1.74 -13.17 41.81
CA ASN A 580 -1.38 -14.58 41.86
C ASN A 580 0.12 -14.81 41.84
N ARG A 581 0.75 -14.63 40.68
CA ARG A 581 2.10 -15.12 40.47
C ARG A 581 3.08 -14.12 41.03
N THR A 582 4.36 -14.32 40.71
CA THR A 582 5.33 -13.25 40.86
C THR A 582 4.95 -12.08 39.97
N MET A 583 4.01 -12.28 39.07
CA MET A 583 3.58 -11.19 38.22
C MET A 583 3.22 -10.00 39.11
N SER A 584 2.34 -10.22 40.08
CA SER A 584 1.93 -9.12 40.96
C SER A 584 3.14 -8.33 41.42
N GLN A 585 4.21 -9.04 41.81
CA GLN A 585 5.48 -8.36 42.02
C GLN A 585 6.07 -7.90 40.70
N LEU A 586 6.06 -8.76 39.69
CA LEU A 586 6.64 -8.38 38.41
C LEU A 586 5.88 -7.26 37.72
N SER A 587 4.75 -6.84 38.28
CA SER A 587 4.15 -5.60 37.85
C SER A 587 4.90 -4.39 38.40
N THR A 588 5.54 -4.54 39.56
CA THR A 588 6.37 -3.46 40.08
C THR A 588 7.58 -3.23 39.19
N THR A 589 8.03 -4.28 38.51
CA THR A 589 9.14 -4.15 37.57
C THR A 589 8.87 -3.05 36.56
N MET A 590 7.90 -3.29 35.66
CA MET A 590 7.48 -2.25 34.73
C MET A 590 7.11 -0.96 35.44
N SER A 591 6.59 -1.05 36.67
CA SER A 591 6.32 0.16 37.44
C SER A 591 7.60 0.94 37.70
N ARG A 592 8.74 0.26 37.80
CA ARG A 592 9.96 0.97 38.15
C ARG A 592 10.48 1.81 37.01
N CYS A 593 10.31 1.34 35.77
CA CYS A 593 11.08 1.89 34.66
C CYS A 593 10.83 3.38 34.51
N ALA A 594 9.56 3.76 34.30
CA ALA A 594 9.24 5.06 33.72
C ALA A 594 9.92 6.22 34.42
N LYS A 595 10.15 6.11 35.73
CA LYS A 595 10.77 7.22 36.46
C LYS A 595 12.04 7.68 35.77
N ASP A 596 12.77 6.75 35.16
CA ASP A 596 13.80 7.15 34.23
C ASP A 596 13.19 7.66 32.93
N LEU A 597 12.35 6.85 32.30
CA LEU A 597 11.98 7.11 30.92
C LEU A 597 10.88 8.16 30.80
N PHE A 598 9.86 8.09 31.65
CA PHE A 598 8.76 9.04 31.61
C PHE A 598 9.29 10.47 31.54
N GLY A 599 10.31 10.77 32.33
CA GLY A 599 10.94 12.08 32.22
C GLY A 599 11.97 12.10 31.10
N PHE A 600 12.40 10.93 30.64
CA PHE A 600 13.43 10.92 29.61
C PHE A 600 12.87 11.24 28.23
N ALA A 601 11.68 10.73 27.93
CA ALA A 601 11.23 10.64 26.54
C ALA A 601 11.32 11.97 25.82
N ILE A 602 11.41 13.07 26.56
CA ILE A 602 11.67 14.36 25.95
C ILE A 602 12.86 14.28 25.00
N MET A 603 13.98 13.71 25.47
CA MET A 603 15.23 13.79 24.71
C MET A 603 15.00 13.31 23.29
N PHE A 604 14.51 12.09 23.15
CA PHE A 604 13.99 11.67 21.86
C PHE A 604 13.01 12.69 21.33
N PHE A 605 11.91 12.89 22.06
CA PHE A 605 10.83 13.70 21.52
C PHE A 605 11.32 15.07 21.08
N ILE A 606 12.39 15.56 21.70
CA ILE A 606 13.02 16.79 21.22
C ILE A 606 13.55 16.60 19.81
N ILE A 607 14.48 15.65 19.64
CA ILE A 607 14.99 15.36 18.30
C ILE A 607 13.86 14.88 17.42
N PHE A 608 12.76 14.45 18.02
CA PHE A 608 11.64 13.97 17.23
C PHE A 608 10.92 15.12 16.59
N LEU A 609 10.61 16.16 17.36
CA LEU A 609 10.09 17.37 16.75
C LEU A 609 11.05 17.96 15.75
N ALA A 610 12.33 17.71 15.93
CA ALA A 610 13.32 18.31 15.05
C ALA A 610 12.95 18.05 13.60
N TYR A 611 13.09 16.79 13.18
CA TYR A 611 12.72 16.44 11.82
C TYR A 611 11.34 16.95 11.49
N ALA A 612 10.42 16.86 12.44
CA ALA A 612 9.07 17.32 12.19
C ALA A 612 9.09 18.75 11.67
N GLN A 613 9.67 19.66 12.45
CA GLN A 613 9.69 21.03 11.98
C GLN A 613 10.65 21.17 10.81
N LEU A 614 11.70 20.36 10.79
CA LEU A 614 12.54 20.32 9.59
C LEU A 614 11.72 19.90 8.39
N ALA A 615 10.72 19.07 8.58
CA ALA A 615 9.92 18.64 7.45
C ALA A 615 9.09 19.80 6.91
N TYR A 616 8.33 20.44 7.79
CA TYR A 616 7.39 21.46 7.33
C TYR A 616 8.08 22.47 6.43
N LEU A 617 9.13 23.09 6.93
CA LEU A 617 9.80 24.17 6.22
C LEU A 617 10.31 23.73 4.85
N VAL A 618 10.50 22.44 4.66
CA VAL A 618 11.16 21.96 3.45
C VAL A 618 10.15 21.52 2.42
N PHE A 619 9.41 20.48 2.71
CA PHE A 619 8.46 19.91 1.77
C PHE A 619 7.10 20.59 1.85
N GLY A 620 6.84 21.33 2.91
CA GLY A 620 5.49 21.75 3.23
C GLY A 620 4.77 22.46 2.12
N THR A 621 5.49 22.98 1.14
CA THR A 621 4.85 23.70 0.06
C THR A 621 4.56 22.81 -1.14
N GLN A 622 4.92 21.53 -1.09
CA GLN A 622 4.73 20.71 -2.26
C GLN A 622 4.03 19.39 -1.93
N VAL A 623 4.63 18.56 -1.11
CA VAL A 623 3.92 17.35 -0.70
C VAL A 623 2.70 17.75 0.11
N ASP A 624 1.62 17.01 -0.07
CA ASP A 624 0.44 17.26 0.73
C ASP A 624 0.61 16.75 2.13
N ASP A 625 1.13 15.53 2.25
CA ASP A 625 1.02 14.80 3.50
C ASP A 625 1.48 15.65 4.66
N PHE A 626 2.55 16.41 4.46
CA PHE A 626 3.04 17.25 5.55
C PHE A 626 2.09 18.41 5.79
N SER A 627 1.82 19.22 4.76
CA SER A 627 0.84 20.31 4.84
C SER A 627 1.15 20.97 6.17
N THR A 628 0.16 21.21 7.03
CA THR A 628 0.40 21.91 8.27
C THR A 628 1.51 21.35 9.10
N PHE A 629 1.79 21.97 10.22
CA PHE A 629 2.63 21.29 11.18
C PHE A 629 1.84 20.26 11.95
N GLN A 630 0.54 20.48 12.14
CA GLN A 630 -0.20 19.58 12.99
C GLN A 630 -0.41 18.23 12.33
N GLU A 631 -0.49 18.20 11.00
CA GLU A 631 -0.62 16.93 10.32
C GLU A 631 0.74 16.27 10.09
N CYS A 632 1.77 17.08 9.93
CA CYS A 632 3.08 16.53 9.63
C CYS A 632 3.78 15.99 10.86
N ILE A 633 3.25 16.24 12.05
CA ILE A 633 3.83 15.57 13.20
C ILE A 633 3.53 14.08 13.16
N PHE A 634 2.41 13.70 12.54
CA PHE A 634 2.08 12.28 12.52
C PHE A 634 2.94 11.54 11.52
N THR A 635 3.06 12.09 10.31
CA THR A 635 3.74 11.36 9.26
C THR A 635 5.08 10.85 9.71
N GLN A 636 5.78 11.60 10.55
CA GLN A 636 7.04 10.99 10.95
C GLN A 636 6.86 9.87 11.97
N PHE A 637 5.63 9.62 12.44
CA PHE A 637 5.32 8.29 12.97
C PHE A 637 5.06 7.33 11.84
N ARG A 638 4.02 7.62 11.06
CA ARG A 638 3.53 6.72 10.04
C ARG A 638 4.64 6.19 9.15
N ILE A 639 5.77 6.88 9.08
CA ILE A 639 6.92 6.30 8.41
C ILE A 639 7.67 5.35 9.33
N ILE A 640 7.75 5.61 10.63
CA ILE A 640 8.50 4.70 11.48
C ILE A 640 7.88 3.32 11.47
N LEU A 641 6.58 3.22 11.74
CA LEU A 641 5.92 1.95 11.47
C LEU A 641 6.05 1.59 10.01
N GLY A 642 6.02 2.59 9.16
CA GLY A 642 6.14 2.48 7.74
C GLY A 642 4.81 2.58 7.02
N ASP A 643 4.87 3.40 6.00
CA ASP A 643 3.87 3.68 4.99
C ASP A 643 4.50 4.80 4.20
N ILE A 644 4.13 4.99 2.96
CA ILE A 644 5.04 5.65 2.04
C ILE A 644 4.31 6.62 1.11
N ASN A 645 4.66 7.89 1.22
CA ASN A 645 4.57 8.81 0.10
C ASN A 645 5.91 8.92 -0.63
N PHE A 646 6.89 8.13 -0.21
CA PHE A 646 8.25 8.27 -0.70
C PHE A 646 8.31 8.17 -2.21
N ALA A 647 7.24 7.72 -2.84
CA ALA A 647 7.12 7.85 -4.28
C ALA A 647 7.39 9.27 -4.72
N GLU A 648 6.64 10.23 -4.18
CA GLU A 648 6.77 11.61 -4.61
C GLU A 648 7.65 12.45 -3.70
N ILE A 649 8.29 11.86 -2.70
CA ILE A 649 9.27 12.64 -1.96
C ILE A 649 10.42 13.08 -2.87
N GLU A 650 11.00 12.15 -3.65
CA GLU A 650 12.01 12.57 -4.61
C GLU A 650 11.49 13.70 -5.48
N GLU A 651 10.33 13.48 -6.09
CA GLU A 651 9.75 14.47 -6.98
C GLU A 651 9.65 15.84 -6.31
N ALA A 652 9.65 15.89 -4.99
CA ALA A 652 9.64 17.17 -4.30
C ALA A 652 11.00 17.85 -4.38
N ASN A 653 11.98 17.35 -3.63
CA ASN A 653 13.30 17.95 -3.66
C ASN A 653 14.35 16.85 -3.71
N ARG A 654 15.12 16.81 -4.79
CA ARG A 654 15.96 15.65 -5.03
C ARG A 654 17.12 15.57 -4.06
N VAL A 655 17.71 16.70 -3.69
CA VAL A 655 18.84 16.59 -2.79
C VAL A 655 18.37 16.40 -1.36
N LEU A 656 17.21 16.93 -1.02
CA LEU A 656 16.74 16.87 0.37
C LEU A 656 16.01 15.56 0.68
N GLY A 657 14.86 15.37 0.03
CA GLY A 657 13.95 14.32 0.40
C GLY A 657 14.66 13.02 0.67
N PRO A 658 15.64 12.70 -0.16
CA PRO A 658 16.55 11.63 0.24
C PRO A 658 17.23 11.88 1.55
N ILE A 659 17.86 13.04 1.72
CA ILE A 659 18.78 13.16 2.83
C ILE A 659 18.04 13.33 4.14
N TYR A 660 16.90 14.00 4.12
CA TYR A 660 16.01 13.93 5.27
C TYR A 660 15.70 12.47 5.56
N PHE A 661 14.97 11.84 4.63
CA PHE A 661 14.51 10.49 4.84
C PHE A 661 15.64 9.56 5.24
N THR A 662 16.71 9.55 4.45
CA THR A 662 17.79 8.61 4.70
C THR A 662 18.30 8.71 6.13
N THR A 663 18.65 9.93 6.55
CA THR A 663 19.11 10.10 7.91
C THR A 663 18.06 9.71 8.91
N PHE A 664 16.84 10.19 8.69
CA PHE A 664 15.79 10.00 9.69
C PHE A 664 15.59 8.54 10.01
N VAL A 665 15.28 7.74 8.99
CA VAL A 665 15.14 6.32 9.24
C VAL A 665 16.41 5.79 9.87
N PHE A 666 17.56 6.35 9.50
CA PHE A 666 18.76 5.87 10.14
C PHE A 666 18.70 6.18 11.63
N PHE A 667 18.80 7.46 12.01
CA PHE A 667 18.82 7.79 13.43
C PHE A 667 17.58 7.34 14.16
N MET A 668 16.44 7.97 13.87
CA MET A 668 15.23 7.72 14.63
C MET A 668 14.95 6.23 14.76
N PHE A 669 15.10 5.49 13.67
CA PHE A 669 14.85 4.06 13.77
C PHE A 669 16.02 3.32 14.37
N PHE A 670 17.21 3.91 14.37
CA PHE A 670 18.29 3.31 15.15
C PHE A 670 18.54 4.00 16.48
N ILE A 671 17.88 5.12 16.78
CA ILE A 671 17.89 5.65 18.13
C ILE A 671 16.79 5.03 18.99
N LEU A 672 15.61 4.80 18.41
CA LEU A 672 14.54 4.24 19.22
C LEU A 672 14.96 2.92 19.80
N LEU A 673 15.74 2.16 19.03
CA LEU A 673 16.46 1.02 19.54
C LEU A 673 17.13 1.45 20.83
N ASN A 674 18.06 2.38 20.69
CA ASN A 674 19.06 2.66 21.71
C ASN A 674 18.44 2.88 23.08
N MET A 675 17.84 4.05 23.27
CA MET A 675 17.41 4.42 24.61
C MET A 675 16.43 3.40 25.16
N PHE A 676 15.43 3.02 24.36
CA PHE A 676 14.36 2.19 24.87
C PHE A 676 14.88 0.87 25.41
N LEU A 677 15.31 0.01 24.51
CA LEU A 677 15.44 -1.41 24.84
C LEU A 677 16.39 -1.64 26.00
N ALA A 678 17.59 -1.10 25.91
CA ALA A 678 18.54 -1.23 27.00
C ALA A 678 17.94 -0.73 28.31
N ILE A 679 17.62 0.56 28.36
CA ILE A 679 17.05 1.16 29.55
C ILE A 679 15.79 0.45 29.96
N ILE A 680 15.15 -0.25 29.02
CA ILE A 680 14.16 -1.24 29.40
C ILE A 680 14.84 -2.45 30.03
N ASN A 681 15.82 -3.01 29.32
CA ASN A 681 16.37 -4.31 29.68
C ASN A 681 16.95 -4.31 31.09
N ASP A 682 17.90 -3.42 31.32
CA ASP A 682 18.65 -3.34 32.56
C ASP A 682 17.75 -3.47 33.78
N THR A 683 16.89 -2.47 33.97
CA THR A 683 16.11 -2.34 35.19
C THR A 683 15.43 -3.65 35.55
N TYR A 684 14.82 -4.31 34.56
CA TYR A 684 14.17 -5.57 34.86
C TYR A 684 15.19 -6.60 35.32
N SER A 685 16.32 -6.68 34.62
CA SER A 685 17.37 -7.59 35.05
C SER A 685 17.80 -7.26 36.47
N GLU A 686 17.80 -5.98 36.83
CA GLU A 686 18.15 -5.61 38.19
C GLU A 686 17.04 -6.01 39.15
N VAL A 687 15.80 -5.59 38.89
CA VAL A 687 14.73 -5.80 39.86
C VAL A 687 14.38 -7.28 39.96
N LYS A 688 14.32 -7.98 38.83
CA LYS A 688 14.12 -9.42 38.93
C LYS A 688 15.26 -10.05 39.72
N SER A 689 16.46 -9.53 39.58
CA SER A 689 17.52 -9.93 40.49
C SER A 689 17.35 -9.29 41.86
N ASP A 690 16.65 -8.16 41.94
CA ASP A 690 16.42 -7.57 43.26
C ASP A 690 15.37 -8.33 44.03
N LEU A 691 14.30 -8.76 43.36
CA LEU A 691 13.38 -9.67 44.02
C LEU A 691 14.03 -11.02 44.25
N ALA A 692 15.12 -11.32 43.54
CA ALA A 692 15.95 -12.45 43.89
C ALA A 692 16.85 -12.15 45.07
N GLN A 693 17.25 -10.89 45.24
CA GLN A 693 18.14 -10.54 46.35
C GLN A 693 17.37 -10.18 47.61
N GLN A 694 16.04 -10.25 47.59
CA GLN A 694 15.32 -10.41 48.84
C GLN A 694 15.11 -11.87 49.18
N LYS A 695 15.41 -12.78 48.26
CA LYS A 695 15.27 -14.21 48.49
C LYS A 695 16.53 -14.77 49.15
N LYS B 215 20.49 -51.48 21.64
CA LYS B 215 20.11 -50.70 22.81
C LYS B 215 18.90 -49.81 22.51
N TYR B 216 18.88 -48.63 23.13
CA TYR B 216 17.79 -47.67 22.86
C TYR B 216 17.68 -47.37 21.38
N LEU B 217 18.81 -47.27 20.67
CA LEU B 217 18.79 -46.81 19.29
C LEU B 217 17.86 -47.65 18.42
N LYS B 218 17.69 -48.93 18.76
CA LYS B 218 16.70 -49.73 18.05
C LYS B 218 15.28 -49.23 18.33
N SER B 219 14.94 -49.05 19.61
CA SER B 219 13.64 -48.50 19.96
C SER B 219 13.59 -47.00 19.67
N VAL B 220 14.74 -46.34 19.59
CA VAL B 220 14.76 -44.94 19.18
C VAL B 220 14.33 -44.82 17.72
N LEU B 221 15.03 -45.51 16.81
CA LEU B 221 14.74 -45.35 15.39
C LEU B 221 13.42 -46.00 15.02
N ARG B 222 13.10 -47.15 15.62
CA ARG B 222 11.90 -47.88 15.23
C ARG B 222 10.65 -47.00 15.34
N GLU B 223 10.42 -46.43 16.52
CA GLU B 223 9.35 -45.45 16.66
C GLU B 223 9.56 -44.27 15.73
N LEU B 224 10.81 -43.82 15.59
CA LEU B 224 11.09 -42.78 14.60
C LEU B 224 10.76 -43.26 13.19
N VAL B 225 11.34 -44.40 12.80
CA VAL B 225 11.15 -44.92 11.44
C VAL B 225 9.67 -44.90 11.07
N THR B 226 8.80 -45.23 12.01
CA THR B 226 7.38 -45.05 11.77
C THR B 226 7.10 -43.59 11.40
N TYR B 227 7.27 -42.68 12.36
CA TYR B 227 7.01 -41.28 12.07
C TYR B 227 7.90 -40.78 10.94
N LEU B 228 9.19 -41.15 10.97
CA LEU B 228 10.09 -40.71 9.91
C LEU B 228 9.56 -41.13 8.55
N LEU B 229 8.98 -42.33 8.46
CA LEU B 229 8.30 -42.70 7.23
C LEU B 229 6.91 -42.07 7.17
N PHE B 230 6.20 -42.06 8.30
CA PHE B 230 4.86 -41.50 8.33
C PHE B 230 4.83 -40.06 7.83
N LEU B 231 5.89 -39.29 8.10
CA LEU B 231 5.87 -37.88 7.73
C LEU B 231 5.75 -37.70 6.23
N ILE B 232 6.46 -38.53 5.47
CA ILE B 232 6.38 -38.42 4.02
C ILE B 232 4.99 -38.76 3.52
N VAL B 233 4.29 -39.65 4.22
CA VAL B 233 2.99 -40.12 3.75
C VAL B 233 2.06 -38.96 3.48
N LEU B 234 1.92 -38.05 4.44
CA LEU B 234 0.99 -36.95 4.28
C LEU B 234 1.48 -35.95 3.24
N CYS B 235 2.78 -35.69 3.20
CA CYS B 235 3.33 -34.80 2.19
C CYS B 235 2.90 -35.24 0.80
N ILE B 236 2.73 -36.55 0.61
CA ILE B 236 2.11 -37.04 -0.62
C ILE B 236 0.68 -36.52 -0.74
N LEU B 237 -0.12 -36.77 0.31
CA LEU B 237 -1.52 -36.36 0.28
C LEU B 237 -1.67 -34.90 -0.12
N THR B 238 -0.85 -34.03 0.47
CA THR B 238 -0.87 -32.60 0.18
C THR B 238 -0.86 -32.38 -1.32
N TYR B 239 0.28 -32.66 -1.94
CA TYR B 239 0.38 -32.56 -3.38
C TYR B 239 -0.61 -33.49 -4.07
N GLY B 240 -0.76 -34.70 -3.54
CA GLY B 240 -1.60 -35.69 -4.17
C GLY B 240 -3.08 -35.36 -4.12
N MET B 241 -3.63 -35.18 -2.91
CA MET B 241 -5.07 -34.98 -2.82
C MET B 241 -5.48 -33.63 -3.42
N MET B 242 -4.56 -32.66 -3.46
CA MET B 242 -4.83 -31.36 -4.06
C MET B 242 -3.67 -30.97 -4.94
N SER B 243 -3.94 -30.85 -6.25
CA SER B 243 -2.92 -30.45 -7.20
C SER B 243 -2.55 -28.98 -6.99
N SER B 244 -1.41 -28.60 -7.57
CA SER B 244 -0.89 -27.26 -7.31
C SER B 244 -1.62 -26.18 -8.10
N ASN B 245 -2.09 -26.47 -9.31
CA ASN B 245 -2.69 -25.41 -10.10
C ASN B 245 -4.14 -25.13 -9.73
N VAL B 246 -4.68 -25.84 -8.75
CA VAL B 246 -6.11 -25.72 -8.44
C VAL B 246 -6.51 -24.27 -8.31
N TYR B 247 -5.62 -23.45 -7.77
CA TYR B 247 -5.91 -22.03 -7.68
C TYR B 247 -6.34 -21.46 -9.02
N TYR B 248 -5.53 -21.66 -10.06
CA TYR B 248 -5.87 -21.07 -11.35
C TYR B 248 -7.16 -21.64 -11.90
N TYR B 249 -7.74 -22.65 -11.26
CA TYR B 249 -9.11 -22.98 -11.57
C TYR B 249 -10.05 -21.91 -11.05
N THR B 250 -9.94 -21.60 -9.76
CA THR B 250 -10.81 -20.58 -9.18
C THR B 250 -10.62 -19.25 -9.87
N ARG B 251 -9.38 -18.76 -9.88
CA ARG B 251 -9.10 -17.41 -10.36
C ARG B 251 -9.80 -17.14 -11.68
N MET B 252 -9.71 -18.07 -12.63
CA MET B 252 -10.58 -17.96 -13.77
C MET B 252 -12.02 -17.96 -13.28
N MET B 253 -12.47 -19.11 -12.79
CA MET B 253 -13.87 -19.28 -12.46
C MET B 253 -14.37 -18.15 -11.60
N SER B 254 -13.52 -17.64 -10.72
CA SER B 254 -13.83 -16.42 -10.00
C SER B 254 -14.10 -15.28 -10.96
N GLN B 255 -13.05 -14.80 -11.61
CA GLN B 255 -13.16 -13.51 -12.26
C GLN B 255 -14.15 -13.51 -13.39
N LEU B 256 -14.72 -14.66 -13.73
CA LEU B 256 -15.79 -14.63 -14.71
C LEU B 256 -17.02 -13.95 -14.15
N PHE B 257 -17.50 -14.42 -12.99
CA PHE B 257 -18.78 -14.00 -12.46
C PHE B 257 -18.69 -12.88 -11.45
N LEU B 258 -17.50 -12.37 -11.18
CA LEU B 258 -17.40 -11.30 -10.21
C LEU B 258 -17.18 -9.95 -10.87
N ASP B 259 -15.99 -9.74 -11.37
CA ASP B 259 -15.49 -8.40 -11.60
C ASP B 259 -15.89 -7.82 -12.96
N THR B 260 -16.56 -8.59 -13.79
CA THR B 260 -16.59 -8.29 -15.23
C THR B 260 -18.00 -8.11 -15.77
N PRO B 261 -18.74 -7.09 -15.34
CA PRO B 261 -19.81 -6.60 -16.19
C PRO B 261 -19.21 -5.76 -17.30
N VAL B 262 -19.56 -6.12 -18.53
CA VAL B 262 -19.63 -5.16 -19.64
C VAL B 262 -21.07 -4.73 -19.85
N SER B 263 -21.97 -5.18 -18.97
CA SER B 263 -23.41 -5.15 -19.22
C SER B 263 -23.85 -3.80 -19.76
N LYS B 264 -23.21 -2.74 -19.31
CA LYS B 264 -23.23 -1.46 -19.99
C LYS B 264 -21.85 -0.85 -19.80
N THR B 265 -21.72 0.43 -20.13
CA THR B 265 -20.54 1.16 -19.71
C THR B 265 -20.40 1.22 -18.20
N GLU B 266 -21.43 0.83 -17.45
CA GLU B 266 -21.36 0.83 -16.00
C GLU B 266 -20.16 0.03 -15.54
N LYS B 267 -19.32 0.67 -14.74
CA LYS B 267 -18.12 0.05 -14.24
C LYS B 267 -18.40 -0.90 -13.09
N THR B 268 -19.51 -0.74 -12.40
CA THR B 268 -19.71 -1.44 -11.14
C THR B 268 -19.90 -2.93 -11.37
N ASN B 269 -19.04 -3.72 -10.74
CA ASN B 269 -19.03 -5.16 -10.85
C ASN B 269 -19.86 -5.75 -9.72
N PHE B 270 -19.72 -7.03 -9.49
CA PHE B 270 -20.38 -7.62 -8.33
C PHE B 270 -19.84 -7.02 -7.05
N LYS B 271 -18.52 -6.98 -6.89
CA LYS B 271 -17.93 -6.50 -5.65
C LYS B 271 -18.44 -5.12 -5.27
N THR B 272 -18.60 -4.24 -6.24
CA THR B 272 -19.08 -2.87 -5.99
C THR B 272 -20.54 -2.84 -6.39
N LEU B 273 -21.44 -2.77 -5.42
CA LEU B 273 -22.85 -2.84 -5.76
C LEU B 273 -23.64 -2.12 -4.69
N SER B 274 -24.75 -1.51 -5.09
CA SER B 274 -25.60 -0.82 -4.13
C SER B 274 -27.07 -1.16 -4.29
N SER B 275 -27.66 -0.70 -5.38
CA SER B 275 -29.10 -0.73 -5.50
C SER B 275 -29.59 -2.14 -5.75
N MET B 276 -30.87 -2.34 -5.50
CA MET B 276 -31.49 -3.63 -5.79
C MET B 276 -31.65 -3.84 -7.29
N GLU B 277 -32.01 -2.79 -8.04
CA GLU B 277 -32.20 -2.98 -9.46
C GLU B 277 -30.90 -3.38 -10.15
N ASP B 278 -29.78 -2.85 -9.67
CA ASP B 278 -28.50 -3.36 -10.15
C ASP B 278 -28.41 -4.86 -9.93
N PHE B 279 -28.80 -5.30 -8.74
CA PHE B 279 -28.81 -6.73 -8.47
C PHE B 279 -29.59 -7.48 -9.53
N TRP B 280 -30.73 -6.94 -9.94
CA TRP B 280 -31.44 -7.53 -11.07
C TRP B 280 -30.58 -7.49 -12.33
N LYS B 281 -30.13 -6.30 -12.71
CA LYS B 281 -29.25 -6.21 -13.86
C LYS B 281 -28.04 -7.10 -13.70
N PHE B 282 -27.67 -7.44 -12.48
CA PHE B 282 -26.59 -8.40 -12.30
C PHE B 282 -27.01 -9.79 -12.76
N THR B 283 -28.11 -10.30 -12.21
CA THR B 283 -28.56 -11.64 -12.54
C THR B 283 -28.72 -11.78 -14.04
N GLU B 284 -29.75 -11.13 -14.55
CA GLU B 284 -30.09 -11.25 -15.96
C GLU B 284 -29.03 -10.64 -16.86
N GLY B 285 -28.07 -9.90 -16.33
CA GLY B 285 -27.08 -9.28 -17.17
C GLY B 285 -25.71 -9.93 -17.16
N SER B 286 -25.45 -10.80 -16.19
CA SER B 286 -24.12 -11.38 -16.14
C SER B 286 -24.15 -12.89 -16.04
N LEU B 287 -24.58 -13.43 -14.90
CA LEU B 287 -24.65 -14.88 -14.76
C LEU B 287 -25.54 -15.48 -15.82
N LEU B 288 -26.65 -14.80 -16.13
CA LEU B 288 -27.48 -15.20 -17.26
C LEU B 288 -26.65 -15.34 -18.53
N ASP B 289 -25.71 -14.43 -18.74
CA ASP B 289 -24.75 -14.60 -19.81
C ASP B 289 -23.49 -15.34 -19.35
N GLY B 290 -23.31 -15.52 -18.05
CA GLY B 290 -22.20 -16.32 -17.57
C GLY B 290 -22.39 -17.79 -17.89
N LEU B 291 -23.49 -18.37 -17.41
CA LEU B 291 -23.69 -19.80 -17.58
C LEU B 291 -24.25 -20.15 -18.95
N TYR B 292 -25.31 -19.47 -19.37
CA TYR B 292 -26.08 -19.90 -20.53
C TYR B 292 -25.59 -19.17 -21.76
N TRP B 293 -24.93 -19.91 -22.65
CA TRP B 293 -24.31 -19.33 -23.82
C TRP B 293 -23.63 -20.44 -24.60
N LYS B 294 -23.08 -20.08 -25.76
CA LYS B 294 -22.88 -21.05 -26.82
C LYS B 294 -21.69 -21.95 -26.49
N MET B 295 -21.40 -22.88 -27.41
CA MET B 295 -20.41 -23.92 -27.24
C MET B 295 -19.37 -23.81 -28.35
N GLN B 296 -18.24 -24.53 -28.19
CA GLN B 296 -17.10 -24.42 -29.09
C GLN B 296 -17.46 -24.47 -30.57
N PRO B 297 -18.07 -25.56 -31.07
CA PRO B 297 -18.33 -25.62 -32.51
C PRO B 297 -19.43 -24.69 -32.96
N SER B 298 -20.30 -24.28 -32.03
CA SER B 298 -21.58 -23.63 -32.28
C SER B 298 -22.54 -24.55 -32.99
N ASN B 299 -22.10 -25.72 -33.49
CA ASN B 299 -22.91 -26.63 -34.27
C ASN B 299 -23.06 -27.96 -33.54
N GLN B 300 -23.64 -28.94 -34.25
CA GLN B 300 -23.83 -30.32 -33.81
C GLN B 300 -24.85 -30.46 -32.69
N THR B 301 -25.86 -29.57 -32.64
CA THR B 301 -27.18 -29.85 -32.11
C THR B 301 -27.20 -30.61 -30.78
N GLU B 302 -26.84 -29.95 -29.68
CA GLU B 302 -26.96 -30.60 -28.38
C GLU B 302 -28.21 -30.07 -27.69
N ALA B 303 -29.25 -30.91 -27.72
CA ALA B 303 -30.51 -30.63 -27.05
C ALA B 303 -30.67 -31.38 -25.73
N ASP B 304 -29.72 -32.24 -25.37
CA ASP B 304 -29.80 -33.02 -24.15
C ASP B 304 -28.97 -32.37 -23.05
N ASN B 305 -27.65 -32.31 -23.25
CA ASN B 305 -26.84 -31.28 -22.60
C ASN B 305 -26.82 -30.13 -23.58
N ARG B 306 -27.51 -29.04 -23.24
CA ARG B 306 -27.63 -27.97 -24.20
C ARG B 306 -26.35 -27.15 -24.24
N SER B 307 -25.72 -26.92 -23.10
CA SER B 307 -24.43 -26.23 -23.09
C SER B 307 -23.77 -26.36 -21.74
N PHE B 308 -22.56 -25.81 -21.66
CA PHE B 308 -21.89 -25.39 -20.45
C PHE B 308 -21.32 -24.02 -20.75
N ILE B 309 -20.55 -23.48 -19.80
CA ILE B 309 -20.07 -22.11 -19.93
C ILE B 309 -19.28 -21.95 -21.21
N PHE B 310 -18.07 -22.48 -21.22
CA PHE B 310 -17.23 -22.50 -22.39
C PHE B 310 -16.27 -23.66 -22.23
N TYR B 311 -15.93 -24.29 -23.35
CA TYR B 311 -14.67 -25.00 -23.39
C TYR B 311 -14.59 -26.02 -22.26
N GLU B 312 -13.64 -25.84 -21.35
CA GLU B 312 -13.20 -26.94 -20.51
C GLU B 312 -13.98 -27.17 -19.21
N ASN B 313 -15.09 -26.50 -18.96
CA ASN B 313 -15.86 -26.78 -17.75
C ASN B 313 -17.30 -27.13 -18.06
N LEU B 314 -17.79 -28.14 -17.37
CA LEU B 314 -19.14 -28.65 -17.52
C LEU B 314 -20.07 -28.00 -16.51
N LEU B 315 -21.22 -27.54 -16.98
CA LEU B 315 -22.31 -27.20 -16.10
C LEU B 315 -23.19 -28.41 -15.86
N LEU B 316 -23.59 -28.60 -14.61
CA LEU B 316 -24.50 -29.66 -14.23
C LEU B 316 -25.63 -29.08 -13.41
N GLY B 317 -26.73 -29.81 -13.34
CA GLY B 317 -27.87 -29.31 -12.60
C GLY B 317 -28.36 -28.02 -13.20
N VAL B 318 -28.70 -27.08 -12.33
CA VAL B 318 -29.32 -25.80 -12.65
C VAL B 318 -29.33 -24.96 -11.38
N PRO B 319 -29.17 -23.65 -11.51
CA PRO B 319 -29.05 -22.81 -10.32
C PRO B 319 -30.34 -22.79 -9.53
N ARG B 320 -30.19 -22.48 -8.25
CA ARG B 320 -31.30 -22.37 -7.32
C ARG B 320 -31.18 -21.04 -6.58
N ILE B 321 -32.22 -20.23 -6.64
CA ILE B 321 -32.26 -18.96 -5.95
C ILE B 321 -32.97 -19.16 -4.63
N ARG B 322 -32.30 -18.85 -3.53
CA ARG B 322 -32.91 -18.99 -2.23
C ARG B 322 -32.88 -17.64 -1.53
N GLN B 323 -33.74 -17.48 -0.53
CA GLN B 323 -34.08 -16.16 -0.04
C GLN B 323 -34.65 -16.25 1.36
N LEU B 324 -34.67 -15.10 2.04
CA LEU B 324 -35.41 -14.96 3.29
C LEU B 324 -36.27 -13.69 3.23
N ARG B 325 -37.17 -13.58 4.20
CA ARG B 325 -37.91 -12.34 4.40
C ARG B 325 -38.40 -12.31 5.84
N VAL B 326 -38.72 -11.11 6.33
CA VAL B 326 -39.17 -10.89 7.69
C VAL B 326 -40.57 -10.29 7.65
N ARG B 327 -41.41 -10.66 8.62
CA ARG B 327 -42.83 -10.36 8.56
C ARG B 327 -43.10 -8.87 8.77
N ASN B 328 -44.20 -8.44 8.17
CA ASN B 328 -44.64 -7.06 8.25
C ASN B 328 -44.88 -6.63 9.69
N GLY B 329 -44.58 -5.36 9.96
CA GLY B 329 -44.82 -4.80 11.28
C GLY B 329 -44.20 -5.61 12.40
N SER B 330 -43.08 -6.25 12.11
CA SER B 330 -42.38 -7.01 13.14
C SER B 330 -41.80 -6.10 14.21
N CYS B 331 -41.79 -4.79 14.00
CA CYS B 331 -41.23 -3.83 14.93
C CYS B 331 -42.19 -2.67 15.13
N SER B 332 -42.41 -2.30 16.38
CA SER B 332 -43.38 -1.27 16.73
C SER B 332 -42.66 0.08 16.73
N ILE B 333 -43.02 0.93 15.76
CA ILE B 333 -42.49 2.29 15.70
C ILE B 333 -42.87 3.02 16.98
N PRO B 334 -42.02 3.90 17.52
CA PRO B 334 -42.43 4.68 18.69
C PRO B 334 -43.73 5.43 18.45
N GLN B 335 -44.48 5.59 19.54
CA GLN B 335 -45.87 6.03 19.50
C GLN B 335 -46.06 7.32 18.73
N ASP B 336 -45.05 8.19 18.74
CA ASP B 336 -45.23 9.54 18.21
C ASP B 336 -45.40 9.51 16.71
N LEU B 337 -44.46 8.88 16.02
CA LEU B 337 -44.46 8.88 14.57
C LEU B 337 -45.53 8.00 13.98
N ARG B 338 -46.29 7.26 14.80
CA ARG B 338 -47.17 6.22 14.28
C ARG B 338 -48.05 6.72 13.16
N ASP B 339 -48.47 7.98 13.21
CA ASP B 339 -49.17 8.55 12.05
C ASP B 339 -48.19 8.95 10.96
N GLU B 340 -47.00 9.40 11.33
CA GLU B 340 -46.06 9.94 10.35
C GLU B 340 -45.73 8.93 9.27
N ILE B 341 -45.53 7.68 9.64
CA ILE B 341 -45.18 6.63 8.67
C ILE B 341 -45.76 5.31 9.15
N LYS B 342 -46.20 4.50 8.19
CA LYS B 342 -47.02 3.32 8.44
C LYS B 342 -46.24 2.06 8.79
N GLU B 343 -45.04 1.88 8.25
CA GLU B 343 -44.43 0.56 8.09
C GLU B 343 -43.22 0.39 8.99
N CYS B 344 -42.92 -0.87 9.34
CA CYS B 344 -41.67 -1.17 10.01
C CYS B 344 -41.26 -2.60 9.72
N TYR B 345 -39.95 -2.80 9.50
CA TYR B 345 -39.38 -4.14 9.36
C TYR B 345 -38.05 -4.15 10.09
N ASP B 346 -37.92 -4.99 11.10
CA ASP B 346 -36.72 -4.95 11.93
C ASP B 346 -35.72 -6.02 11.50
N VAL B 347 -34.67 -6.17 12.29
CA VAL B 347 -33.56 -7.03 11.91
C VAL B 347 -34.02 -8.47 11.86
N TYR B 348 -33.31 -9.28 11.08
CA TYR B 348 -33.62 -10.69 10.94
C TYR B 348 -33.25 -11.46 12.21
N SER B 349 -34.19 -12.24 12.71
CA SER B 349 -33.92 -13.18 13.81
C SER B 349 -35.01 -14.24 13.81
N VAL B 350 -34.70 -15.37 14.47
CA VAL B 350 -35.58 -16.54 14.42
C VAL B 350 -37.00 -16.16 14.81
N SER B 351 -37.15 -15.59 16.00
CA SER B 351 -38.47 -15.16 16.44
C SER B 351 -39.04 -14.06 15.56
N SER B 352 -38.18 -13.34 14.84
CA SER B 352 -38.64 -12.34 13.89
C SER B 352 -38.77 -12.90 12.49
N GLU B 353 -38.38 -14.15 12.27
CA GLU B 353 -38.49 -14.73 10.95
C GLU B 353 -39.94 -14.81 10.51
N ASP B 354 -40.14 -14.85 9.21
CA ASP B 354 -41.48 -14.88 8.65
C ASP B 354 -41.68 -16.17 7.87
N ARG B 355 -42.63 -16.98 8.30
CA ARG B 355 -43.05 -18.16 7.56
C ARG B 355 -44.32 -17.93 6.77
N ALA B 356 -44.90 -16.75 6.84
CA ALA B 356 -46.21 -16.55 6.22
C ALA B 356 -46.07 -16.59 4.70
N PRO B 357 -47.04 -17.20 4.01
CA PRO B 357 -47.05 -17.13 2.55
C PRO B 357 -47.21 -15.70 2.08
N PHE B 358 -46.88 -15.47 0.81
CA PHE B 358 -46.42 -14.16 0.40
C PHE B 358 -46.80 -13.86 -1.04
N GLY B 359 -47.17 -12.60 -1.29
CA GLY B 359 -47.41 -12.12 -2.62
C GLY B 359 -48.46 -12.94 -3.33
N PRO B 360 -48.51 -12.85 -4.66
CA PRO B 360 -49.29 -13.84 -5.41
C PRO B 360 -48.64 -15.19 -5.24
N ARG B 361 -49.42 -16.17 -4.83
CA ARG B 361 -48.86 -17.43 -4.37
C ARG B 361 -49.01 -18.45 -5.48
N ASN B 362 -47.89 -18.74 -6.14
CA ASN B 362 -47.85 -19.71 -7.22
C ASN B 362 -46.42 -20.24 -7.28
N GLY B 363 -46.30 -21.51 -7.64
CA GLY B 363 -44.94 -22.05 -7.69
C GLY B 363 -44.27 -22.05 -6.33
N THR B 364 -42.97 -22.35 -6.37
CA THR B 364 -42.22 -22.54 -5.14
C THR B 364 -41.99 -21.22 -4.43
N ALA B 365 -41.26 -20.31 -5.09
CA ALA B 365 -40.77 -19.11 -4.43
C ALA B 365 -41.90 -18.23 -3.90
N TRP B 366 -43.15 -18.56 -4.22
CA TRP B 366 -44.26 -17.89 -3.57
C TRP B 366 -44.84 -18.72 -2.44
N ILE B 367 -44.27 -19.88 -2.16
CA ILE B 367 -44.71 -20.74 -1.08
C ILE B 367 -43.54 -20.93 -0.13
N TYR B 368 -43.77 -20.63 1.13
CA TYR B 368 -42.73 -20.83 2.13
C TYR B 368 -42.39 -22.30 2.24
N THR B 369 -41.18 -22.58 2.72
CA THR B 369 -40.80 -23.95 3.01
C THR B 369 -39.98 -23.98 4.29
N SER B 370 -40.05 -25.11 4.97
CA SER B 370 -39.29 -25.30 6.19
C SER B 370 -37.83 -25.58 5.88
N GLU B 371 -37.00 -25.35 6.89
CA GLU B 371 -35.58 -25.69 6.79
C GLU B 371 -35.42 -27.17 6.50
N LYS B 372 -36.13 -28.01 7.26
CA LYS B 372 -36.01 -29.45 7.06
C LYS B 372 -36.70 -29.92 5.79
N ASP B 373 -37.73 -29.19 5.34
CA ASP B 373 -38.41 -29.59 4.12
C ASP B 373 -37.43 -29.65 2.96
N LEU B 374 -36.76 -28.54 2.68
CA LEU B 374 -35.61 -28.62 1.81
C LEU B 374 -34.52 -29.43 2.48
N ASN B 375 -33.66 -30.00 1.66
CA ASN B 375 -32.57 -30.82 2.16
C ASN B 375 -31.37 -29.98 2.55
N GLY B 376 -31.48 -28.67 2.48
CA GLY B 376 -30.37 -27.80 2.78
C GLY B 376 -30.20 -27.52 4.25
N SER B 377 -29.02 -27.02 4.59
CA SER B 377 -28.63 -26.65 5.94
C SER B 377 -28.63 -25.13 6.08
N SER B 378 -28.24 -24.68 7.27
CA SER B 378 -28.15 -23.25 7.55
C SER B 378 -26.86 -22.71 6.97
N HIS B 379 -26.56 -21.43 7.23
CA HIS B 379 -25.35 -20.86 6.69
C HIS B 379 -24.84 -19.75 7.60
N TRP B 380 -23.53 -19.51 7.53
CA TRP B 380 -22.89 -18.59 8.46
C TRP B 380 -23.16 -17.13 8.06
N GLY B 381 -22.56 -16.68 6.98
CA GLY B 381 -22.74 -15.30 6.56
C GLY B 381 -22.08 -14.33 7.51
N ILE B 382 -22.05 -13.05 7.12
CA ILE B 382 -21.32 -12.08 7.91
C ILE B 382 -22.16 -11.52 9.04
N ILE B 383 -23.17 -10.71 8.73
CA ILE B 383 -23.92 -10.09 9.81
C ILE B 383 -24.81 -11.12 10.49
N ALA B 384 -25.78 -11.65 9.76
CA ALA B 384 -26.78 -12.54 10.34
C ALA B 384 -26.66 -13.93 9.73
N THR B 385 -26.72 -14.95 10.57
CA THR B 385 -26.71 -16.31 10.07
C THR B 385 -28.11 -16.70 9.62
N TYR B 386 -28.16 -17.56 8.62
CA TYR B 386 -29.41 -17.85 7.93
C TYR B 386 -29.61 -19.35 7.88
N SER B 387 -30.87 -19.75 7.80
CA SER B 387 -31.20 -21.16 7.84
C SER B 387 -32.36 -21.42 6.90
N GLY B 388 -32.28 -22.56 6.21
CA GLY B 388 -33.41 -22.97 5.42
C GLY B 388 -33.74 -21.96 4.35
N ALA B 389 -35.02 -21.82 4.08
CA ALA B 389 -35.47 -20.95 3.02
C ALA B 389 -36.78 -20.31 3.39
N GLY B 390 -36.91 -19.04 3.05
CA GLY B 390 -38.23 -18.46 3.00
C GLY B 390 -38.88 -18.94 1.73
N TYR B 391 -38.17 -18.83 0.61
CA TYR B 391 -38.70 -19.22 -0.68
C TYR B 391 -37.55 -19.70 -1.52
N TYR B 392 -37.86 -20.24 -2.70
CA TYR B 392 -36.80 -20.60 -3.63
C TYR B 392 -37.37 -20.78 -5.01
N LEU B 393 -36.48 -20.65 -6.00
CA LEU B 393 -36.79 -20.99 -7.38
C LEU B 393 -35.58 -21.68 -7.99
N ASP B 394 -35.78 -22.88 -8.51
CA ASP B 394 -34.74 -23.52 -9.29
C ASP B 394 -34.73 -22.92 -10.70
N LEU B 395 -33.54 -22.71 -11.23
CA LEU B 395 -33.44 -22.11 -12.54
C LEU B 395 -33.66 -23.15 -13.64
N SER B 396 -34.09 -22.66 -14.80
CA SER B 396 -34.14 -23.50 -15.99
C SER B 396 -32.73 -23.74 -16.52
N ARG B 397 -32.60 -24.80 -17.33
CA ARG B 397 -31.32 -25.10 -17.95
C ARG B 397 -31.10 -24.30 -19.23
N THR B 398 -32.15 -23.74 -19.80
CA THR B 398 -32.02 -22.95 -21.02
C THR B 398 -31.85 -21.48 -20.66
N ARG B 399 -31.03 -20.78 -21.44
CA ARG B 399 -30.97 -19.34 -21.35
C ARG B 399 -32.35 -18.71 -21.36
N GLU B 400 -33.09 -18.93 -22.45
CA GLU B 400 -34.32 -18.20 -22.71
C GLU B 400 -35.26 -18.26 -21.52
N GLU B 401 -35.60 -19.46 -21.08
CA GLU B 401 -36.57 -19.57 -19.99
C GLU B 401 -36.05 -18.92 -18.73
N THR B 402 -34.78 -19.14 -18.41
CA THR B 402 -34.17 -18.41 -17.31
C THR B 402 -34.33 -16.91 -17.53
N ALA B 403 -33.95 -16.44 -18.72
CA ALA B 403 -34.22 -15.06 -19.08
C ALA B 403 -35.71 -14.77 -19.04
N ALA B 404 -36.54 -15.74 -19.40
CA ALA B 404 -37.98 -15.50 -19.41
C ALA B 404 -38.51 -15.32 -18.00
N GLN B 405 -38.05 -16.14 -17.06
CA GLN B 405 -38.54 -16.02 -15.70
C GLN B 405 -38.19 -14.66 -15.12
N VAL B 406 -36.90 -14.32 -15.12
CA VAL B 406 -36.41 -13.16 -14.37
C VAL B 406 -37.28 -11.94 -14.62
N ALA B 407 -37.59 -11.67 -15.89
CA ALA B 407 -38.53 -10.62 -16.21
C ALA B 407 -39.85 -10.86 -15.50
N SER B 408 -40.46 -12.01 -15.76
CA SER B 408 -41.66 -12.39 -15.02
C SER B 408 -41.40 -12.42 -13.53
N LEU B 409 -40.15 -12.65 -13.13
CA LEU B 409 -39.82 -12.65 -11.71
C LEU B 409 -39.78 -11.25 -11.13
N LYS B 410 -39.05 -10.34 -11.78
CA LYS B 410 -39.04 -8.95 -11.35
C LYS B 410 -40.44 -8.40 -11.28
N LYS B 411 -41.23 -8.65 -12.32
CA LYS B 411 -42.55 -8.05 -12.43
C LYS B 411 -43.36 -8.20 -11.15
N ASN B 412 -43.18 -9.32 -10.44
CA ASN B 412 -43.84 -9.50 -9.16
C ASN B 412 -43.10 -8.84 -8.01
N VAL B 413 -41.81 -8.55 -8.18
CA VAL B 413 -41.06 -7.79 -7.18
C VAL B 413 -41.13 -8.49 -5.84
N TRP B 414 -40.41 -9.59 -5.66
CA TRP B 414 -40.41 -10.18 -4.35
C TRP B 414 -39.26 -9.66 -3.49
N LEU B 415 -38.53 -8.67 -3.97
CA LEU B 415 -37.47 -8.02 -3.22
C LEU B 415 -37.93 -6.78 -2.47
N ASP B 416 -39.23 -6.54 -2.41
CA ASP B 416 -39.81 -5.23 -2.08
C ASP B 416 -39.14 -4.51 -0.92
N ARG B 417 -38.99 -5.19 0.21
CA ARG B 417 -38.52 -4.59 1.45
C ARG B 417 -38.47 -5.74 2.45
N GLY B 418 -37.68 -5.55 3.49
CA GLY B 418 -37.50 -6.57 4.50
C GLY B 418 -36.73 -7.76 4.02
N THR B 419 -36.49 -7.86 2.72
CA THR B 419 -35.66 -8.93 2.19
C THR B 419 -34.34 -8.93 2.91
N ARG B 420 -33.88 -10.10 3.30
CA ARG B 420 -32.60 -10.10 3.97
C ARG B 420 -31.61 -10.97 3.22
N ALA B 421 -31.70 -12.27 3.38
CA ALA B 421 -30.78 -13.16 2.71
C ALA B 421 -31.25 -13.43 1.31
N THR B 422 -30.32 -13.41 0.37
CA THR B 422 -30.60 -13.76 -1.01
C THR B 422 -29.49 -14.69 -1.48
N PHE B 423 -29.84 -15.90 -1.82
CA PHE B 423 -28.85 -16.85 -2.30
C PHE B 423 -29.05 -17.13 -3.77
N ILE B 424 -27.94 -17.39 -4.44
CA ILE B 424 -27.94 -17.97 -5.76
C ILE B 424 -26.99 -19.14 -5.72
N ASP B 425 -27.47 -20.33 -6.06
CA ASP B 425 -26.66 -21.54 -5.99
C ASP B 425 -26.79 -22.34 -7.27
N PHE B 426 -25.67 -22.47 -7.97
CA PHE B 426 -25.47 -23.49 -8.99
C PHE B 426 -24.17 -24.18 -8.68
N SER B 427 -23.80 -25.14 -9.52
CA SER B 427 -22.50 -25.77 -9.37
C SER B 427 -22.08 -26.36 -10.71
N VAL B 428 -20.78 -26.65 -10.83
CA VAL B 428 -20.22 -27.08 -12.10
C VAL B 428 -19.17 -28.16 -11.86
N TYR B 429 -18.84 -28.83 -12.95
CA TYR B 429 -17.88 -29.92 -12.94
C TYR B 429 -16.77 -29.60 -13.93
N ASN B 430 -15.56 -30.05 -13.62
CA ASN B 430 -14.45 -29.95 -14.55
C ASN B 430 -14.14 -31.31 -15.14
N ALA B 431 -14.29 -31.42 -16.46
CA ALA B 431 -14.01 -32.68 -17.12
C ALA B 431 -12.53 -33.02 -17.02
N ASN B 432 -11.66 -32.05 -17.30
CA ASN B 432 -10.25 -32.34 -17.47
C ASN B 432 -9.66 -33.01 -16.25
N ILE B 433 -9.47 -32.31 -15.14
CA ILE B 433 -8.72 -32.91 -14.05
C ILE B 433 -9.65 -33.58 -13.06
N ASN B 434 -10.94 -33.62 -13.39
CA ASN B 434 -12.09 -34.26 -12.71
C ASN B 434 -12.72 -33.38 -11.66
N LEU B 435 -12.22 -32.18 -11.42
CA LEU B 435 -12.54 -31.48 -10.19
C LEU B 435 -13.93 -30.87 -10.25
N PHE B 436 -14.55 -30.76 -9.08
CA PHE B 436 -15.98 -30.59 -8.95
C PHE B 436 -16.22 -29.41 -8.02
N CYS B 437 -16.79 -28.32 -8.54
CA CYS B 437 -16.83 -27.07 -7.78
C CYS B 437 -18.25 -26.55 -7.64
N VAL B 438 -18.49 -25.88 -6.51
CA VAL B 438 -19.80 -25.39 -6.12
C VAL B 438 -19.76 -23.88 -5.92
N VAL B 439 -20.91 -23.23 -6.10
CA VAL B 439 -20.98 -21.79 -6.12
C VAL B 439 -22.14 -21.33 -5.27
N ARG B 440 -21.85 -20.54 -4.24
CA ARG B 440 -22.87 -19.89 -3.45
C ARG B 440 -22.62 -18.39 -3.45
N LEU B 441 -23.55 -17.65 -4.02
CA LEU B 441 -23.49 -16.19 -4.02
C LEU B 441 -24.55 -15.71 -3.05
N LEU B 442 -24.12 -15.10 -1.96
CA LEU B 442 -25.05 -14.55 -0.99
C LEU B 442 -25.00 -13.04 -1.08
N VAL B 443 -26.16 -12.43 -1.26
CA VAL B 443 -26.28 -10.99 -1.30
C VAL B 443 -27.11 -10.60 -0.11
N GLU B 444 -26.48 -10.04 0.90
CA GLU B 444 -27.23 -9.65 2.07
C GLU B 444 -27.91 -8.33 1.84
N PHE B 445 -29.01 -8.12 2.54
CA PHE B 445 -29.62 -6.80 2.63
C PHE B 445 -29.64 -6.35 4.07
N PRO B 446 -28.95 -5.28 4.44
CA PRO B 446 -29.08 -4.77 5.80
C PRO B 446 -30.49 -4.30 6.02
N ALA B 447 -30.90 -4.30 7.29
CA ALA B 447 -32.21 -3.77 7.63
C ALA B 447 -32.27 -2.27 7.49
N THR B 448 -31.15 -1.62 7.19
CA THR B 448 -31.09 -0.18 7.00
C THR B 448 -31.14 0.25 5.54
N GLY B 449 -31.28 -0.67 4.60
CA GLY B 449 -31.51 -0.32 3.22
C GLY B 449 -30.36 -0.55 2.26
N GLY B 450 -29.19 -0.90 2.76
CA GLY B 450 -28.01 -0.99 1.92
C GLY B 450 -27.99 -2.26 1.11
N VAL B 451 -26.77 -2.68 0.75
CA VAL B 451 -26.57 -4.02 0.23
C VAL B 451 -25.17 -4.45 0.61
N ILE B 452 -25.01 -5.72 0.94
CA ILE B 452 -23.70 -6.31 1.15
C ILE B 452 -23.53 -7.46 0.16
N PRO B 453 -22.69 -7.33 -0.84
CA PRO B 453 -22.35 -8.48 -1.66
C PRO B 453 -21.34 -9.37 -0.97
N SER B 454 -21.41 -10.65 -1.29
CA SER B 454 -20.43 -11.62 -0.81
C SER B 454 -20.49 -12.84 -1.69
N TRP B 455 -19.47 -13.69 -1.59
CA TRP B 455 -19.43 -14.87 -2.44
C TRP B 455 -18.65 -15.98 -1.76
N GLN B 456 -18.94 -17.21 -2.17
CA GLN B 456 -18.21 -18.37 -1.71
C GLN B 456 -17.96 -19.32 -2.87
N PHE B 457 -16.70 -19.62 -3.15
CA PHE B 457 -16.30 -20.58 -4.17
C PHE B 457 -15.57 -21.72 -3.50
N GLN B 458 -16.12 -22.92 -3.58
CA GLN B 458 -15.45 -24.11 -3.05
C GLN B 458 -15.16 -25.13 -4.13
N PRO B 459 -13.91 -25.39 -4.43
CA PRO B 459 -13.58 -26.53 -5.29
C PRO B 459 -13.60 -27.82 -4.50
N LEU B 460 -13.87 -28.91 -5.20
CA LEU B 460 -13.88 -30.21 -4.54
C LEU B 460 -13.57 -31.32 -5.52
N LYS B 461 -12.92 -32.37 -5.03
CA LYS B 461 -12.86 -33.63 -5.75
C LYS B 461 -13.90 -34.55 -5.15
N LEU B 462 -14.74 -35.13 -5.98
CA LEU B 462 -15.84 -35.94 -5.46
C LEU B 462 -15.49 -37.42 -5.60
N ILE B 463 -15.55 -37.95 -6.82
CA ILE B 463 -15.23 -39.35 -7.02
C ILE B 463 -13.80 -39.58 -6.59
N ARG B 464 -13.61 -40.52 -5.66
CA ARG B 464 -12.31 -40.68 -5.03
C ARG B 464 -11.30 -41.34 -5.93
N TYR B 465 -11.72 -41.85 -7.09
CA TYR B 465 -10.87 -42.74 -7.88
C TYR B 465 -10.54 -42.08 -9.21
N VAL B 466 -9.28 -41.71 -9.37
CA VAL B 466 -8.68 -41.39 -10.65
C VAL B 466 -7.78 -42.54 -11.04
N THR B 467 -8.09 -43.18 -12.17
CA THR B 467 -7.47 -44.46 -12.51
C THR B 467 -5.94 -44.37 -12.55
N THR B 468 -5.38 -43.17 -12.67
CA THR B 468 -3.93 -43.05 -12.83
C THR B 468 -3.20 -43.13 -11.49
N PHE B 469 -3.26 -42.05 -10.71
CA PHE B 469 -2.42 -41.90 -9.53
C PHE B 469 -3.10 -42.36 -8.25
N ASP B 470 -4.41 -42.57 -8.25
CA ASP B 470 -5.10 -42.73 -6.99
C ASP B 470 -4.89 -44.11 -6.39
N PHE B 471 -4.87 -45.15 -7.22
CA PHE B 471 -4.59 -46.50 -6.72
C PHE B 471 -3.28 -46.55 -5.95
N PHE B 472 -2.37 -45.61 -6.21
CA PHE B 472 -1.26 -45.41 -5.29
C PHE B 472 -1.71 -44.66 -4.05
N LEU B 473 -2.49 -43.60 -4.23
CA LEU B 473 -2.91 -42.78 -3.11
C LEU B 473 -3.90 -43.51 -2.23
N ALA B 474 -4.99 -44.01 -2.82
CA ALA B 474 -6.04 -44.64 -2.03
C ALA B 474 -5.54 -45.89 -1.32
N ALA B 475 -4.69 -46.66 -1.99
CA ALA B 475 -4.07 -47.79 -1.29
C ALA B 475 -3.15 -47.32 -0.20
N CYS B 476 -2.52 -46.15 -0.37
CA CYS B 476 -1.79 -45.55 0.73
C CYS B 476 -2.73 -44.85 1.71
N GLU B 477 -3.91 -44.45 1.27
CA GLU B 477 -4.92 -43.94 2.18
C GLU B 477 -5.28 -44.96 3.24
N ILE B 478 -5.62 -46.19 2.82
CA ILE B 478 -5.98 -47.22 3.78
C ILE B 478 -4.79 -47.55 4.68
N ILE B 479 -3.57 -47.40 4.15
CA ILE B 479 -2.38 -47.57 4.98
C ILE B 479 -2.37 -46.52 6.08
N PHE B 480 -2.74 -45.29 5.74
CA PHE B 480 -2.72 -44.19 6.70
C PHE B 480 -3.62 -44.50 7.89
N CYS B 481 -4.90 -44.72 7.62
CA CYS B 481 -5.84 -44.99 8.71
C CYS B 481 -5.46 -46.26 9.46
N PHE B 482 -4.81 -47.20 8.78
CA PHE B 482 -4.20 -48.31 9.51
C PHE B 482 -3.03 -47.83 10.36
N PHE B 483 -2.18 -46.97 9.79
CA PHE B 483 -0.96 -46.60 10.50
C PHE B 483 -1.27 -45.90 11.81
N ILE B 484 -2.28 -45.04 11.82
CA ILE B 484 -2.66 -44.40 13.07
C ILE B 484 -3.29 -45.40 14.01
N PHE B 485 -4.11 -46.30 13.47
CA PHE B 485 -4.69 -47.36 14.29
C PHE B 485 -3.63 -48.07 15.10
N TYR B 486 -2.41 -48.17 14.58
CA TYR B 486 -1.28 -48.63 15.35
C TYR B 486 -1.15 -47.77 16.59
N TYR B 487 -0.71 -46.52 16.42
CA TYR B 487 -0.53 -45.64 17.55
C TYR B 487 -1.82 -45.26 18.24
N VAL B 488 -2.99 -45.60 17.69
CA VAL B 488 -4.20 -45.42 18.47
C VAL B 488 -4.12 -46.23 19.76
N VAL B 489 -3.91 -47.54 19.63
CA VAL B 489 -3.87 -48.41 20.79
C VAL B 489 -2.49 -48.40 21.45
N GLU B 490 -1.42 -48.44 20.64
CA GLU B 490 -0.06 -48.45 21.18
C GLU B 490 0.14 -47.35 22.20
N GLU B 491 -0.41 -46.16 21.92
CA GLU B 491 -0.21 -45.01 22.78
C GLU B 491 -1.12 -45.04 24.01
N ILE B 492 -2.30 -45.63 23.89
CA ILE B 492 -3.21 -45.66 25.05
C ILE B 492 -2.67 -46.57 26.13
N LEU B 493 -1.87 -47.58 25.76
CA LEU B 493 -1.33 -48.50 26.75
C LEU B 493 -0.58 -47.76 27.84
N GLU B 494 0.31 -46.85 27.46
CA GLU B 494 0.96 -46.03 28.46
C GLU B 494 -0.01 -45.07 29.13
N ILE B 495 -1.06 -44.65 28.43
CA ILE B 495 -2.04 -43.77 29.04
C ILE B 495 -2.79 -44.48 30.15
N ARG B 496 -3.20 -45.73 29.91
CA ARG B 496 -3.90 -46.46 30.95
C ARG B 496 -2.95 -46.94 32.04
N ILE B 497 -1.78 -47.46 31.66
CA ILE B 497 -0.88 -48.08 32.64
C ILE B 497 -0.22 -47.02 33.51
N HIS B 498 0.43 -46.04 32.90
CA HIS B 498 1.02 -44.92 33.62
C HIS B 498 0.01 -43.78 33.64
N LYS B 499 -0.58 -43.52 34.80
CA LYS B 499 -1.48 -42.39 34.87
C LYS B 499 -0.74 -41.07 35.03
N LEU B 500 0.20 -41.01 35.97
CA LEU B 500 0.86 -39.75 36.27
C LEU B 500 2.19 -39.59 35.55
N HIS B 501 2.69 -40.65 34.89
CA HIS B 501 3.98 -40.54 34.22
C HIS B 501 3.90 -39.60 33.02
N TYR B 502 2.82 -39.66 32.25
CA TYR B 502 2.61 -38.69 31.18
C TYR B 502 2.09 -37.35 31.70
N PHE B 503 1.51 -37.35 32.90
CA PHE B 503 0.93 -36.16 33.48
C PHE B 503 1.97 -35.04 33.57
N ARG B 504 1.53 -33.82 33.31
CA ARG B 504 2.36 -32.62 33.47
C ARG B 504 3.59 -32.65 32.56
N SER B 505 3.33 -32.87 31.27
CA SER B 505 4.34 -32.61 30.24
C SER B 505 3.68 -31.92 29.07
N PHE B 506 4.09 -30.69 28.79
CA PHE B 506 3.51 -29.98 27.65
C PHE B 506 3.81 -30.70 26.35
N TRP B 507 5.06 -31.12 26.15
CA TRP B 507 5.38 -31.92 24.97
C TRP B 507 4.45 -33.13 24.88
N ASN B 508 4.20 -33.78 26.01
CA ASN B 508 3.34 -34.94 25.98
C ASN B 508 1.86 -34.53 25.93
N CYS B 509 1.51 -33.48 26.69
CA CYS B 509 0.13 -33.01 26.67
C CYS B 509 -0.31 -32.67 25.25
N LEU B 510 0.61 -32.27 24.38
CA LEU B 510 0.30 -32.05 22.98
C LEU B 510 0.33 -33.33 22.16
N ASP B 511 0.98 -34.38 22.67
CA ASP B 511 1.10 -35.61 21.91
C ASP B 511 -0.25 -36.25 21.66
N VAL B 512 -1.25 -35.92 22.47
CA VAL B 512 -2.56 -36.53 22.28
C VAL B 512 -3.35 -35.83 21.18
N VAL B 513 -3.18 -34.50 21.06
CA VAL B 513 -4.06 -33.70 20.21
C VAL B 513 -4.02 -34.21 18.78
N ILE B 514 -2.83 -34.49 18.26
CA ILE B 514 -2.70 -35.05 16.93
C ILE B 514 -3.64 -36.21 16.73
N VAL B 515 -3.75 -37.08 17.73
CA VAL B 515 -4.65 -38.22 17.60
C VAL B 515 -6.09 -37.77 17.73
N VAL B 516 -6.34 -36.84 18.66
CA VAL B 516 -7.69 -36.33 18.88
C VAL B 516 -8.31 -35.91 17.55
N LEU B 517 -7.60 -35.06 16.82
CA LEU B 517 -8.14 -34.48 15.60
C LEU B 517 -8.20 -35.52 14.50
N SER B 518 -7.11 -36.24 14.30
CA SER B 518 -6.99 -37.15 13.16
C SER B 518 -8.22 -38.05 13.05
N VAL B 519 -8.60 -38.69 14.16
CA VAL B 519 -9.76 -39.58 14.14
C VAL B 519 -10.98 -38.82 13.65
N VAL B 520 -11.19 -37.60 14.15
CA VAL B 520 -12.29 -36.78 13.67
C VAL B 520 -12.28 -36.76 12.15
N ALA B 521 -11.14 -36.45 11.57
CA ALA B 521 -11.00 -36.49 10.13
C ALA B 521 -11.28 -37.89 9.60
N ILE B 522 -10.83 -38.90 10.32
CA ILE B 522 -10.86 -40.26 9.80
C ILE B 522 -12.27 -40.66 9.41
N GLY B 523 -13.18 -40.71 10.37
CA GLY B 523 -14.53 -41.12 10.05
C GLY B 523 -15.18 -40.25 9.01
N ILE B 524 -15.22 -38.95 9.27
CA ILE B 524 -16.08 -38.04 8.51
C ILE B 524 -15.81 -38.12 7.02
N ASN B 525 -14.60 -38.51 6.62
CA ASN B 525 -14.36 -38.59 5.19
C ASN B 525 -15.10 -39.79 4.61
N ILE B 526 -14.74 -41.00 5.03
CA ILE B 526 -15.50 -42.17 4.61
C ILE B 526 -16.89 -42.13 5.23
N TYR B 527 -16.95 -42.09 6.57
CA TYR B 527 -18.22 -42.35 7.24
C TYR B 527 -19.28 -41.35 6.82
N ARG B 528 -19.02 -40.06 7.02
CA ARG B 528 -19.97 -39.07 6.52
C ARG B 528 -20.04 -39.10 4.99
N THR B 529 -18.93 -38.83 4.33
CA THR B 529 -18.99 -38.37 2.94
C THR B 529 -18.84 -39.47 1.90
N SER B 530 -18.46 -40.69 2.27
CA SER B 530 -18.28 -41.70 1.23
C SER B 530 -19.63 -42.16 0.68
N ASN B 531 -20.54 -42.58 1.57
CA ASN B 531 -21.84 -43.03 1.10
C ASN B 531 -22.57 -41.92 0.37
N VAL B 532 -22.27 -40.67 0.73
CA VAL B 532 -22.71 -39.53 -0.06
C VAL B 532 -22.34 -39.72 -1.52
N GLU B 533 -21.04 -39.82 -1.79
CA GLU B 533 -20.56 -39.91 -3.17
C GLU B 533 -21.32 -40.98 -3.94
N VAL B 534 -21.58 -42.12 -3.30
CA VAL B 534 -22.32 -43.18 -3.96
C VAL B 534 -23.72 -42.70 -4.34
N LEU B 535 -24.47 -42.21 -3.35
CA LEU B 535 -25.89 -41.93 -3.56
C LEU B 535 -26.12 -40.83 -4.57
N LEU B 536 -25.08 -40.14 -5.01
CA LEU B 536 -25.15 -39.31 -6.21
C LEU B 536 -24.51 -40.10 -7.34
N GLN B 537 -25.35 -40.61 -8.24
CA GLN B 537 -24.87 -41.05 -9.56
C GLN B 537 -25.80 -40.54 -10.64
N PHE B 538 -26.99 -41.13 -10.71
CA PHE B 538 -28.06 -40.54 -11.48
C PHE B 538 -28.79 -39.50 -10.65
N LEU B 539 -28.67 -39.60 -9.32
CA LEU B 539 -29.19 -38.54 -8.47
C LEU B 539 -28.60 -37.21 -8.85
N GLU B 540 -27.29 -37.18 -9.10
CA GLU B 540 -26.60 -35.94 -9.41
C GLU B 540 -26.72 -35.51 -10.86
N ASP B 541 -26.85 -36.46 -11.79
CA ASP B 541 -26.69 -36.14 -13.21
C ASP B 541 -27.96 -35.54 -13.84
N GLN B 542 -29.13 -35.92 -13.33
CA GLN B 542 -30.37 -35.60 -14.03
C GLN B 542 -30.56 -34.09 -14.12
N ASN B 543 -31.41 -33.68 -15.06
CA ASN B 543 -31.71 -32.25 -15.24
C ASN B 543 -32.11 -31.58 -13.94
N THR B 544 -32.65 -32.32 -12.99
CA THR B 544 -32.96 -31.74 -11.69
C THR B 544 -31.67 -31.36 -10.96
N PHE B 545 -31.80 -30.42 -10.05
CA PHE B 545 -30.63 -29.96 -9.31
C PHE B 545 -30.48 -30.70 -7.99
N PRO B 546 -29.28 -31.16 -7.69
CA PRO B 546 -29.06 -31.90 -6.44
C PRO B 546 -28.86 -30.95 -5.26
N ASN B 547 -28.74 -31.54 -4.08
CA ASN B 547 -28.54 -30.83 -2.82
C ASN B 547 -27.07 -30.61 -2.52
N PHE B 548 -26.21 -30.91 -3.48
CA PHE B 548 -24.84 -31.31 -3.18
C PHE B 548 -24.13 -30.40 -2.19
N GLU B 549 -24.55 -29.15 -2.05
CA GLU B 549 -23.81 -28.19 -1.24
C GLU B 549 -23.47 -28.75 0.14
N HIS B 550 -24.49 -29.15 0.89
CA HIS B 550 -24.23 -29.67 2.24
C HIS B 550 -23.30 -30.85 2.19
N LEU B 551 -23.36 -31.64 1.12
CA LEU B 551 -22.46 -32.77 0.99
C LEU B 551 -21.02 -32.32 0.91
N ALA B 552 -20.78 -31.09 0.46
CA ALA B 552 -19.47 -30.49 0.52
C ALA B 552 -19.25 -29.67 1.76
N TYR B 553 -20.32 -29.40 2.52
CA TYR B 553 -20.16 -28.64 3.75
C TYR B 553 -19.01 -29.20 4.57
N TRP B 554 -18.93 -30.53 4.67
CA TRP B 554 -17.87 -31.10 5.47
C TRP B 554 -16.51 -30.93 4.84
N GLN B 555 -16.45 -30.79 3.52
CA GLN B 555 -15.15 -30.68 2.86
C GLN B 555 -14.34 -29.56 3.48
N ILE B 556 -14.89 -28.35 3.48
CA ILE B 556 -14.24 -27.24 4.15
C ILE B 556 -14.02 -27.58 5.61
N GLN B 557 -15.07 -28.05 6.28
CA GLN B 557 -14.94 -28.57 7.62
C GLN B 557 -13.77 -29.53 7.71
N PHE B 558 -13.62 -30.36 6.68
CA PHE B 558 -12.54 -31.34 6.66
C PHE B 558 -11.22 -30.71 6.28
N ASN B 559 -11.23 -29.91 5.21
CA ASN B 559 -9.99 -29.49 4.58
C ASN B 559 -9.03 -28.91 5.61
N ASN B 560 -9.50 -27.89 6.32
CA ASN B 560 -8.68 -27.26 7.35
C ASN B 560 -8.25 -28.27 8.39
N ILE B 561 -9.21 -28.98 8.99
CA ILE B 561 -8.86 -29.85 10.09
C ILE B 561 -7.99 -30.98 9.62
N ALA B 562 -8.03 -31.30 8.33
CA ALA B 562 -6.98 -32.11 7.75
C ALA B 562 -5.65 -31.41 7.89
N ALA B 563 -5.59 -30.14 7.54
CA ALA B 563 -4.31 -29.43 7.53
C ALA B 563 -3.81 -29.18 8.93
N VAL B 564 -4.70 -28.75 9.83
CA VAL B 564 -4.27 -28.34 11.16
C VAL B 564 -3.44 -29.43 11.80
N THR B 565 -3.88 -30.68 11.66
CA THR B 565 -3.08 -31.80 12.14
C THR B 565 -1.68 -31.74 11.54
N VAL B 566 -1.61 -31.69 10.21
CA VAL B 566 -0.33 -31.74 9.51
C VAL B 566 0.63 -30.75 10.12
N PHE B 567 0.15 -29.56 10.45
CA PHE B 567 0.94 -28.60 11.17
C PHE B 567 1.64 -29.24 12.36
N PHE B 568 0.85 -29.67 13.34
CA PHE B 568 1.43 -30.23 14.55
C PHE B 568 2.36 -31.38 14.26
N VAL B 569 2.20 -32.05 13.13
CA VAL B 569 3.02 -33.23 12.89
C VAL B 569 4.49 -32.86 12.87
N TRP B 570 4.84 -31.67 12.39
CA TRP B 570 6.25 -31.30 12.43
C TRP B 570 6.70 -31.07 13.85
N ILE B 571 6.03 -30.20 14.58
CA ILE B 571 6.50 -29.87 15.91
C ILE B 571 6.58 -31.13 16.77
N LYS B 572 5.99 -32.22 16.31
CA LYS B 572 6.31 -33.51 16.90
C LYS B 572 7.81 -33.77 16.79
N LEU B 573 8.35 -33.77 15.56
CA LEU B 573 9.76 -34.07 15.37
C LEU B 573 10.64 -33.09 16.11
N PHE B 574 10.08 -31.95 16.51
CA PHE B 574 10.84 -30.89 17.13
C PHE B 574 11.70 -31.37 18.28
N LYS B 575 11.20 -32.32 19.09
CA LYS B 575 11.98 -32.82 20.21
C LYS B 575 13.00 -33.88 19.77
N PHE B 576 12.70 -34.61 18.71
CA PHE B 576 13.36 -35.91 18.49
C PHE B 576 14.74 -35.76 17.86
N ILE B 577 14.78 -35.41 16.59
CA ILE B 577 15.96 -35.65 15.77
C ILE B 577 16.96 -34.52 15.95
N ASN B 578 16.67 -33.61 16.85
CA ASN B 578 17.70 -32.68 17.30
C ASN B 578 18.26 -33.24 18.61
N PHE B 579 19.30 -34.05 18.47
CA PHE B 579 20.07 -34.59 19.58
C PHE B 579 21.42 -33.94 19.72
N ASN B 580 21.80 -33.10 18.77
CA ASN B 580 23.21 -32.95 18.43
C ASN B 580 23.94 -31.96 19.33
N ARG B 581 23.69 -30.67 19.11
CA ARG B 581 24.56 -29.65 19.66
C ARG B 581 24.14 -29.36 21.10
N THR B 582 24.69 -28.29 21.66
CA THR B 582 24.08 -27.72 22.85
C THR B 582 22.67 -27.25 22.56
N MET B 583 22.30 -27.16 21.28
CA MET B 583 20.95 -26.82 20.88
C MET B 583 19.92 -27.65 21.65
N SER B 584 20.11 -28.97 21.68
CA SER B 584 19.20 -29.84 22.41
C SER B 584 19.02 -29.36 23.84
N GLN B 585 20.12 -28.98 24.48
CA GLN B 585 20.00 -28.27 25.74
C GLN B 585 19.45 -26.87 25.52
N LEU B 586 19.98 -26.15 24.55
CA LEU B 586 19.53 -24.80 24.30
C LEU B 586 18.08 -24.74 23.85
N SER B 587 17.45 -25.88 23.62
CA SER B 587 16.00 -25.89 23.49
C SER B 587 15.32 -25.75 24.83
N THR B 588 15.96 -26.22 25.91
CA THR B 588 15.39 -26.01 27.24
C THR B 588 15.38 -24.54 27.60
N THR B 589 16.32 -23.77 27.04
CA THR B 589 16.35 -22.34 27.26
C THR B 589 15.01 -21.70 26.92
N MET B 590 14.67 -21.68 25.63
CA MET B 590 13.35 -21.21 25.22
C MET B 590 12.23 -21.93 25.96
N SER B 591 12.44 -23.20 26.33
CA SER B 591 11.46 -23.89 27.14
C SER B 591 11.25 -23.21 28.47
N ARG B 592 12.28 -22.56 29.01
CA ARG B 592 12.16 -22.00 30.34
C ARG B 592 11.29 -20.76 30.34
N CYS B 593 11.34 -19.96 29.28
CA CYS B 593 10.83 -18.60 29.34
C CYS B 593 9.36 -18.58 29.71
N ALA B 594 8.53 -19.25 28.90
CA ALA B 594 7.10 -18.96 28.87
C ALA B 594 6.47 -18.98 30.26
N LYS B 595 6.98 -19.81 31.18
CA LYS B 595 6.36 -19.90 32.50
C LYS B 595 6.22 -18.54 33.13
N ASP B 596 7.15 -17.63 32.84
CA ASP B 596 6.92 -16.23 33.13
C ASP B 596 5.92 -15.64 32.13
N LEU B 597 6.20 -15.77 30.85
CA LEU B 597 5.49 -14.96 29.86
C LEU B 597 4.13 -15.54 29.51
N PHE B 598 4.06 -16.87 29.31
CA PHE B 598 2.80 -17.52 28.96
C PHE B 598 1.68 -17.06 29.88
N GLY B 599 1.96 -16.96 31.17
CA GLY B 599 0.96 -16.40 32.09
C GLY B 599 1.02 -14.88 32.10
N PHE B 600 2.11 -14.30 31.60
CA PHE B 600 2.22 -12.85 31.65
C PHE B 600 1.40 -12.17 30.57
N ALA B 601 1.36 -12.76 29.37
CA ALA B 601 0.94 -12.02 28.19
C ALA B 601 -0.41 -11.35 28.37
N ILE B 602 -1.18 -11.80 29.35
CA ILE B 602 -2.42 -11.11 29.70
C ILE B 602 -2.17 -9.62 29.89
N MET B 603 -1.15 -9.26 30.67
CA MET B 603 -0.98 -7.86 31.07
C MET B 603 -0.98 -6.97 29.85
N PHE B 604 -0.08 -7.24 28.91
CA PHE B 604 -0.21 -6.63 27.60
C PHE B 604 -1.61 -6.84 27.07
N PHE B 605 -1.98 -8.10 26.86
CA PHE B 605 -3.22 -8.37 26.14
C PHE B 605 -4.40 -7.66 26.79
N ILE B 606 -4.32 -7.39 28.09
CA ILE B 606 -5.32 -6.57 28.74
C ILE B 606 -5.32 -5.16 28.16
N ILE B 607 -4.19 -4.46 28.26
CA ILE B 607 -4.09 -3.15 27.66
C ILE B 607 -4.26 -3.25 26.16
N PHE B 608 -4.10 -4.44 25.62
CA PHE B 608 -4.26 -4.62 24.18
C PHE B 608 -5.72 -4.56 23.79
N LEU B 609 -6.57 -5.28 24.50
CA LEU B 609 -7.99 -5.12 24.29
C LEU B 609 -8.45 -3.71 24.57
N ALA B 610 -7.73 -3.00 25.44
CA ALA B 610 -8.15 -1.67 25.81
C ALA B 610 -8.40 -0.85 24.56
N TYR B 611 -7.32 -0.49 23.87
CA TYR B 611 -7.48 0.27 22.64
C TYR B 611 -8.51 -0.37 21.73
N ALA B 612 -8.50 -1.70 21.66
CA ALA B 612 -9.44 -2.39 20.81
C ALA B 612 -10.86 -1.92 21.11
N GLN B 613 -11.28 -2.07 22.36
CA GLN B 613 -12.64 -1.63 22.67
C GLN B 613 -12.72 -0.13 22.65
N LEU B 614 -11.64 0.55 23.00
CA LEU B 614 -11.61 2.00 22.80
C LEU B 614 -11.81 2.35 21.34
N ALA B 615 -11.36 1.49 20.44
CA ALA B 615 -11.53 1.80 19.03
C ALA B 615 -12.99 1.71 18.64
N TYR B 616 -13.63 0.58 18.95
CA TYR B 616 -14.99 0.35 18.48
C TYR B 616 -15.89 1.52 18.81
N LEU B 617 -15.95 1.86 20.09
CA LEU B 617 -16.88 2.89 20.55
C LEU B 617 -16.65 4.22 19.87
N VAL B 618 -15.46 4.45 19.32
CA VAL B 618 -15.11 5.76 18.83
C VAL B 618 -15.32 5.85 17.33
N PHE B 619 -14.55 5.09 16.57
CA PHE B 619 -14.61 5.15 15.12
C PHE B 619 -15.67 4.23 14.55
N GLY B 620 -16.17 3.29 15.34
CA GLY B 620 -16.93 2.17 14.82
C GLY B 620 -18.11 2.57 13.97
N THR B 621 -18.57 3.81 14.06
CA THR B 621 -19.71 4.22 13.28
C THR B 621 -19.31 4.89 11.98
N GLN B 622 -18.02 5.02 11.70
CA GLN B 622 -17.63 5.74 10.50
C GLN B 622 -16.61 4.99 9.68
N VAL B 623 -15.43 4.72 10.23
CA VAL B 623 -14.49 3.90 9.49
C VAL B 623 -15.06 2.50 9.34
N ASP B 624 -14.81 1.89 8.20
CA ASP B 624 -15.26 0.52 8.02
C ASP B 624 -14.38 -0.44 8.77
N ASP B 625 -13.07 -0.25 8.67
CA ASP B 625 -12.13 -1.28 9.05
C ASP B 625 -12.45 -1.82 10.43
N PHE B 626 -12.82 -0.93 11.35
CA PHE B 626 -13.14 -1.39 12.69
C PHE B 626 -14.46 -2.14 12.71
N SER B 627 -15.53 -1.51 12.24
CA SER B 627 -16.84 -2.16 12.09
C SER B 627 -17.01 -2.92 13.40
N THR B 628 -17.34 -4.20 13.36
CA THR B 628 -17.59 -4.96 14.58
C THR B 628 -16.48 -4.87 15.60
N PHE B 629 -16.67 -5.50 16.73
CA PHE B 629 -15.52 -5.69 17.58
C PHE B 629 -14.66 -6.84 17.09
N GLN B 630 -15.27 -7.82 16.44
CA GLN B 630 -14.49 -9.00 16.07
C GLN B 630 -13.52 -8.70 14.96
N GLU B 631 -13.85 -7.76 14.08
CA GLU B 631 -12.92 -7.39 13.04
C GLU B 631 -11.91 -6.35 13.52
N CYS B 632 -12.31 -5.51 14.45
CA CYS B 632 -11.44 -4.45 14.91
C CYS B 632 -10.41 -4.93 15.90
N ILE B 633 -10.51 -6.16 16.38
CA ILE B 633 -9.42 -6.68 17.19
C ILE B 633 -8.19 -6.90 16.32
N PHE B 634 -8.39 -7.20 15.05
CA PHE B 634 -7.23 -7.46 14.21
C PHE B 634 -6.52 -6.18 13.84
N THR B 635 -7.27 -5.16 13.44
CA THR B 635 -6.64 -3.97 12.92
C THR B 635 -5.59 -3.44 13.87
N GLN B 636 -5.82 -3.57 15.18
CA GLN B 636 -4.74 -3.07 16.01
C GLN B 636 -3.54 -4.01 16.02
N PHE B 637 -3.61 -5.18 15.39
CA PHE B 637 -2.39 -5.84 14.95
C PHE B 637 -1.89 -5.21 13.67
N ARG B 638 -2.71 -5.30 12.62
CA ARG B 638 -2.32 -4.90 11.28
C ARG B 638 -1.68 -3.52 11.26
N ILE B 639 -1.93 -2.69 12.26
CA ILE B 639 -1.18 -1.46 12.38
C ILE B 639 0.17 -1.70 13.02
N ILE B 640 0.28 -2.61 13.99
CA ILE B 640 1.58 -2.78 14.63
C ILE B 640 2.62 -3.25 13.62
N LEU B 641 2.32 -4.31 12.88
CA LEU B 641 3.17 -4.62 11.73
C LEU B 641 3.18 -3.45 10.76
N GLY B 642 2.06 -2.78 10.66
CA GLY B 642 1.84 -1.64 9.80
C GLY B 642 1.11 -1.97 8.54
N ASP B 643 0.12 -1.13 8.30
CA ASP B 643 -0.72 -1.02 7.12
C ASP B 643 -1.72 0.03 7.55
N ILE B 644 -2.34 0.73 6.61
CA ILE B 644 -2.85 2.04 6.94
C ILE B 644 -4.20 2.30 6.30
N ASN B 645 -5.20 2.52 7.14
CA ASN B 645 -6.34 3.34 6.79
C ASN B 645 -6.16 4.77 7.27
N PHE B 646 -5.00 5.07 7.85
CA PHE B 646 -4.78 6.35 8.52
C PHE B 646 -5.05 7.51 7.59
N ALA B 647 -5.17 7.25 6.29
CA ALA B 647 -5.69 8.26 5.39
C ALA B 647 -7.00 8.83 5.91
N GLU B 648 -7.98 7.97 6.15
CA GLU B 648 -9.29 8.45 6.56
C GLU B 648 -9.52 8.39 8.07
N ILE B 649 -8.52 8.02 8.85
CA ILE B 649 -8.69 8.16 10.29
C ILE B 649 -8.92 9.62 10.67
N GLU B 650 -8.08 10.54 10.19
CA GLU B 650 -8.35 11.95 10.45
C GLU B 650 -9.76 12.31 10.05
N GLU B 651 -10.12 11.99 8.82
CA GLU B 651 -11.44 12.31 8.31
C GLU B 651 -12.54 11.82 9.23
N ALA B 652 -12.26 10.82 10.07
CA ALA B 652 -13.26 10.36 11.02
C ALA B 652 -13.41 11.34 12.17
N ASN B 653 -12.43 11.41 13.08
CA ASN B 653 -12.52 12.33 14.20
C ASN B 653 -11.17 13.01 14.40
N ARG B 654 -11.15 14.33 14.22
CA ARG B 654 -9.86 15.01 14.15
C ARG B 654 -9.15 15.04 15.49
N VAL B 655 -9.87 15.20 16.58
CA VAL B 655 -9.15 15.28 17.83
C VAL B 655 -8.79 13.89 18.33
N LEU B 656 -9.58 12.88 17.98
CA LEU B 656 -9.34 11.53 18.48
C LEU B 656 -8.35 10.75 17.64
N GLY B 657 -8.72 10.46 16.40
CA GLY B 657 -8.00 9.54 15.57
C GLY B 657 -6.51 9.75 15.65
N PRO B 658 -6.09 11.00 15.66
CA PRO B 658 -4.71 11.26 16.05
C PRO B 658 -4.36 10.74 17.42
N ILE B 659 -5.16 11.08 18.44
CA ILE B 659 -4.66 10.87 19.78
C ILE B 659 -4.75 9.39 20.16
N TYR B 660 -5.76 8.70 19.67
CA TYR B 660 -5.71 7.25 19.75
C TYR B 660 -4.43 6.75 19.10
N PHE B 661 -4.35 6.93 17.78
CA PHE B 661 -3.22 6.42 17.02
C PHE B 661 -1.90 6.82 17.63
N THR B 662 -1.71 8.12 17.85
CA THR B 662 -0.42 8.61 18.32
C THR B 662 0.01 7.88 19.58
N THR B 663 -0.86 7.84 20.59
CA THR B 663 -0.52 7.14 21.81
C THR B 663 -0.28 5.68 21.54
N PHE B 664 -1.19 5.04 20.81
CA PHE B 664 -1.13 3.61 20.63
C PHE B 664 0.21 3.17 20.08
N VAL B 665 0.57 3.69 18.91
CA VAL B 665 1.86 3.35 18.36
C VAL B 665 2.94 3.69 19.38
N PHE B 666 2.74 4.75 20.14
CA PHE B 666 3.76 5.04 21.14
C PHE B 666 3.82 3.90 22.14
N PHE B 667 2.80 3.74 22.98
CA PHE B 667 2.86 2.70 24.00
C PHE B 667 3.03 1.31 23.44
N MET B 668 1.98 0.81 22.76
CA MET B 668 1.98 -0.58 22.31
C MET B 668 3.26 -0.92 21.58
N PHE B 669 3.71 -0.04 20.70
CA PHE B 669 4.94 -0.35 19.98
C PHE B 669 6.16 -0.05 20.82
N PHE B 670 6.05 0.76 21.86
CA PHE B 670 7.16 0.86 22.80
C PHE B 670 6.95 0.06 24.08
N ILE B 671 5.79 -0.54 24.30
CA ILE B 671 5.66 -1.54 25.37
C ILE B 671 6.05 -2.93 24.89
N LEU B 672 5.71 -3.29 23.65
CA LEU B 672 6.04 -4.63 23.19
C LEU B 672 7.53 -4.84 23.26
N LEU B 673 8.28 -3.79 22.98
CA LEU B 673 9.70 -3.74 23.30
C LEU B 673 9.87 -4.25 24.71
N ASN B 674 9.31 -3.49 25.65
CA ASN B 674 9.66 -3.58 27.06
C ASN B 674 9.59 -5.00 27.57
N MET B 675 8.38 -5.49 27.79
CA MET B 675 8.22 -6.76 28.48
C MET B 675 8.94 -7.87 27.73
N PHE B 676 8.73 -7.95 26.41
CA PHE B 676 9.24 -9.08 25.66
C PHE B 676 10.76 -9.20 25.77
N LEU B 677 11.46 -8.27 25.14
CA LEU B 677 12.86 -8.49 24.83
C LEU B 677 13.68 -8.76 26.07
N ALA B 678 13.60 -7.87 27.05
CA ALA B 678 14.33 -8.06 28.29
C ALA B 678 13.99 -9.42 28.90
N ILE B 679 12.73 -9.60 29.27
CA ILE B 679 12.29 -10.84 29.88
C ILE B 679 12.59 -12.03 28.98
N ILE B 680 12.76 -11.78 27.69
CA ILE B 680 13.41 -12.76 26.84
C ILE B 680 14.90 -12.83 27.16
N ASN B 681 15.57 -11.68 27.14
CA ASN B 681 17.03 -11.65 27.18
C ASN B 681 17.57 -12.31 28.42
N ASP B 682 17.16 -11.83 29.58
CA ASP B 682 17.66 -12.27 30.87
C ASP B 682 17.77 -13.78 30.97
N THR B 683 16.62 -14.44 30.93
CA THR B 683 16.54 -15.86 31.21
C THR B 683 17.58 -16.64 30.42
N TYR B 684 17.70 -16.33 29.13
CA TYR B 684 18.70 -17.03 28.34
C TYR B 684 20.09 -16.74 28.87
N SER B 685 20.38 -15.48 29.15
CA SER B 685 21.68 -15.15 29.75
C SER B 685 21.89 -15.93 31.03
N GLU B 686 20.82 -16.14 31.79
CA GLU B 686 20.95 -16.92 33.01
C GLU B 686 21.17 -18.39 32.70
N VAL B 687 20.29 -18.99 31.88
CA VAL B 687 20.35 -20.43 31.68
C VAL B 687 21.59 -20.81 30.89
N LYS B 688 21.92 -20.03 29.85
CA LYS B 688 23.18 -20.30 29.17
C LYS B 688 24.34 -20.18 30.13
N SER B 689 24.26 -19.25 31.08
CA SER B 689 25.21 -19.25 32.17
C SER B 689 24.93 -20.36 33.17
N ASP B 690 23.68 -20.83 33.24
CA ASP B 690 23.39 -21.94 34.14
C ASP B 690 23.92 -23.25 33.58
N LEU B 691 23.76 -23.48 32.28
CA LEU B 691 24.43 -24.62 31.68
C LEU B 691 25.94 -24.41 31.68
N ALA B 692 26.40 -23.18 31.84
CA ALA B 692 27.80 -22.94 32.12
C ALA B 692 28.14 -23.22 33.57
N GLN B 693 27.18 -23.03 34.49
CA GLN B 693 27.45 -23.26 35.91
C GLN B 693 27.17 -24.70 36.32
N GLN B 694 26.77 -25.56 35.39
CA GLN B 694 26.97 -26.99 35.60
C GLN B 694 28.32 -27.44 35.05
N LYS B 695 29.01 -26.59 34.31
CA LYS B 695 30.30 -26.92 33.75
C LYS B 695 31.42 -26.61 34.75
N LYS C 215 59.09 -4.94 4.75
CA LYS C 215 58.57 -6.05 5.54
C LYS C 215 57.26 -6.58 4.93
N TYR C 216 56.34 -7.00 5.80
CA TYR C 216 55.04 -7.48 5.32
C TYR C 216 54.34 -6.43 4.47
N LEU C 217 54.47 -5.15 4.85
CA LEU C 217 53.69 -4.10 4.19
C LEU C 217 53.90 -4.10 2.69
N LYS C 218 55.08 -4.52 2.23
CA LYS C 218 55.27 -4.67 0.78
C LYS C 218 54.41 -5.79 0.23
N SER C 219 54.46 -6.97 0.86
CA SER C 219 53.59 -8.06 0.43
C SER C 219 52.15 -7.83 0.86
N VAL C 220 51.94 -6.99 1.88
CA VAL C 220 50.57 -6.59 2.23
C VAL C 220 49.94 -5.78 1.12
N LEU C 221 50.58 -4.67 0.74
CA LEU C 221 49.96 -3.78 -0.25
C LEU C 221 50.00 -4.40 -1.64
N ARG C 222 51.08 -5.11 -1.99
CA ARG C 222 51.22 -5.63 -3.35
C ARG C 222 50.02 -6.49 -3.72
N GLU C 223 49.73 -7.52 -2.92
CA GLU C 223 48.51 -8.29 -3.13
C GLU C 223 47.27 -7.40 -3.04
N LEU C 224 47.27 -6.46 -2.10
CA LEU C 224 46.18 -5.48 -2.06
C LEU C 224 46.14 -4.67 -3.35
N VAL C 225 47.26 -4.03 -3.69
CA VAL C 225 47.31 -3.16 -4.87
C VAL C 225 46.69 -3.85 -6.07
N THR C 226 46.92 -5.14 -6.22
CA THR C 226 46.21 -5.89 -7.24
C THR C 226 44.71 -5.75 -7.03
N TYR C 227 44.19 -6.30 -5.94
CA TYR C 227 42.76 -6.20 -5.68
C TYR C 227 42.33 -4.74 -5.56
N LEU C 228 43.11 -3.94 -4.84
CA LEU C 228 42.77 -2.53 -4.70
C LEU C 228 42.61 -1.87 -6.06
N LEU C 229 43.47 -2.24 -7.02
CA LEU C 229 43.25 -1.77 -8.38
C LEU C 229 42.18 -2.62 -9.07
N PHE C 230 42.22 -3.93 -8.85
CA PHE C 230 41.25 -4.82 -9.49
C PHE C 230 39.82 -4.40 -9.19
N LEU C 231 39.56 -3.87 -8.00
CA LEU C 231 38.18 -3.56 -7.63
C LEU C 231 37.60 -2.49 -8.54
N ILE C 232 38.40 -1.49 -8.89
CA ILE C 232 37.90 -0.44 -9.77
C ILE C 232 37.59 -1.00 -11.15
N VAL C 233 38.34 -2.03 -11.58
CA VAL C 233 38.20 -2.55 -12.93
C VAL C 233 36.74 -2.91 -13.21
N LEU C 234 36.13 -3.69 -12.33
CA LEU C 234 34.77 -4.14 -12.58
C LEU C 234 33.76 -3.00 -12.45
N CYS C 235 33.98 -2.09 -11.50
CA CYS C 235 33.11 -0.93 -11.37
C CYS C 235 33.00 -0.18 -12.69
N ILE C 236 34.07 -0.22 -13.49
CA ILE C 236 33.98 0.29 -14.85
C ILE C 236 32.99 -0.55 -15.65
N LEU C 237 33.20 -1.86 -15.67
CA LEU C 237 32.34 -2.76 -16.44
C LEU C 237 30.86 -2.50 -16.14
N THR C 238 30.52 -2.37 -14.87
CA THR C 238 29.16 -2.10 -14.45
C THR C 238 28.56 -0.96 -15.26
N TYR C 239 29.06 0.26 -14.99
CA TYR C 239 28.64 1.41 -15.76
C TYR C 239 28.96 1.23 -17.24
N GLY C 240 30.13 0.69 -17.54
CA GLY C 240 30.57 0.56 -18.91
C GLY C 240 29.77 -0.43 -19.72
N MET C 241 29.73 -1.69 -19.28
CA MET C 241 29.06 -2.70 -20.10
C MET C 241 27.56 -2.47 -20.15
N MET C 242 26.99 -1.80 -19.15
CA MET C 242 25.57 -1.48 -19.14
C MET C 242 25.39 -0.02 -18.74
N SER C 243 24.87 0.78 -19.65
CA SER C 243 24.60 2.19 -19.38
C SER C 243 23.46 2.33 -18.38
N SER C 244 23.36 3.53 -17.80
CA SER C 244 22.41 3.73 -16.72
C SER C 244 20.98 3.90 -17.21
N ASN C 245 20.77 4.47 -18.39
CA ASN C 245 19.40 4.73 -18.82
C ASN C 245 18.74 3.51 -19.44
N VAL C 246 19.44 2.38 -19.52
CA VAL C 246 18.92 1.21 -20.23
C VAL C 246 17.50 0.90 -19.80
N TYR C 247 17.20 1.12 -18.51
CA TYR C 247 15.85 0.92 -18.05
C TYR C 247 14.84 1.67 -18.91
N TYR C 248 15.03 2.98 -19.08
CA TYR C 248 14.06 3.75 -19.84
C TYR C 248 13.99 3.29 -21.28
N TYR C 249 14.86 2.39 -21.71
CA TYR C 249 14.61 1.70 -22.96
C TYR C 249 13.44 0.74 -22.81
N THR C 250 13.53 -0.15 -21.82
CA THR C 250 12.46 -1.12 -21.61
C THR C 250 11.15 -0.42 -21.33
N ARG C 251 11.13 0.43 -20.30
CA ARG C 251 9.89 1.03 -19.83
C ARG C 251 9.06 1.57 -20.98
N MET C 252 9.70 2.30 -21.89
CA MET C 252 8.99 2.59 -23.13
C MET C 252 8.62 1.28 -23.79
N MET C 253 9.63 0.56 -24.28
CA MET C 253 9.39 -0.60 -25.09
C MET C 253 8.40 -1.54 -24.41
N SER C 254 8.47 -1.61 -23.09
CA SER C 254 7.44 -2.32 -22.35
C SER C 254 6.07 -1.73 -22.62
N GLN C 255 5.85 -0.53 -22.10
CA GLN C 255 4.48 -0.05 -22.01
C GLN C 255 3.84 0.14 -23.36
N LEU C 256 4.58 -0.03 -24.45
CA LEU C 256 3.94 0.01 -25.74
C LEU C 256 3.05 -1.21 -25.93
N PHE C 257 3.60 -2.39 -25.74
CA PHE C 257 2.91 -3.63 -26.11
C PHE C 257 2.19 -4.28 -24.94
N LEU C 258 2.21 -3.68 -23.77
CA LEU C 258 1.53 -4.30 -22.64
C LEU C 258 0.22 -3.61 -22.32
N ASP C 259 0.32 -2.43 -21.75
CA ASP C 259 -0.78 -1.87 -20.98
C ASP C 259 -1.79 -1.10 -21.82
N THR C 260 -1.55 -0.94 -23.11
CA THR C 260 -2.18 0.12 -23.86
C THR C 260 -2.98 -0.39 -25.06
N PRO C 261 -4.04 -1.16 -24.84
CA PRO C 261 -5.08 -1.21 -25.88
C PRO C 261 -5.91 0.06 -25.79
N VAL C 262 -6.03 0.75 -26.92
CA VAL C 262 -7.19 1.56 -27.22
C VAL C 262 -8.14 0.80 -28.13
N SER C 263 -7.83 -0.47 -28.40
CA SER C 263 -8.41 -1.23 -29.50
C SER C 263 -9.92 -1.07 -29.54
N LYS C 264 -10.54 -0.93 -28.38
CA LYS C 264 -11.87 -0.39 -28.25
C LYS C 264 -11.89 0.40 -26.95
N THR C 265 -13.09 0.79 -26.53
CA THR C 265 -13.23 1.29 -25.18
C THR C 265 -12.85 0.25 -24.13
N GLU C 266 -12.66 -1.01 -24.53
CA GLU C 266 -12.27 -2.05 -23.59
C GLU C 266 -11.01 -1.65 -22.86
N LYS C 267 -11.09 -1.67 -21.55
CA LYS C 267 -9.98 -1.28 -20.71
C LYS C 267 -8.93 -2.36 -20.60
N THR C 268 -9.28 -3.62 -20.85
CA THR C 268 -8.40 -4.73 -20.51
C THR C 268 -7.18 -4.73 -21.43
N ASN C 269 -6.02 -4.67 -20.82
CA ASN C 269 -4.74 -4.64 -21.48
C ASN C 269 -4.21 -6.06 -21.61
N PHE C 270 -2.93 -6.20 -21.93
CA PHE C 270 -2.35 -7.52 -21.92
C PHE C 270 -2.37 -8.11 -20.52
N LYS C 271 -1.92 -7.35 -19.52
CA LYS C 271 -1.82 -7.88 -18.17
C LYS C 271 -3.14 -8.44 -17.68
N THR C 272 -4.24 -7.78 -18.00
CA THR C 272 -5.57 -8.23 -17.58
C THR C 272 -6.23 -8.89 -18.79
N LEU C 273 -6.35 -10.21 -18.77
CA LEU C 273 -6.85 -10.89 -19.94
C LEU C 273 -7.51 -12.18 -19.51
N SER C 274 -8.55 -12.59 -20.24
CA SER C 274 -9.22 -13.84 -19.91
C SER C 274 -9.47 -14.71 -21.15
N SER C 275 -10.36 -14.25 -22.01
CA SER C 275 -10.86 -15.11 -23.06
C SER C 275 -9.83 -15.30 -24.14
N MET C 276 -10.03 -16.34 -24.93
CA MET C 276 -9.16 -16.58 -26.08
C MET C 276 -9.42 -15.57 -27.19
N GLU C 277 -10.67 -15.21 -27.42
CA GLU C 277 -10.93 -14.27 -28.51
C GLU C 277 -10.30 -12.92 -28.22
N ASP C 278 -10.26 -12.51 -26.95
CA ASP C 278 -9.48 -11.32 -26.61
C ASP C 278 -8.04 -11.50 -27.06
N PHE C 279 -7.47 -12.66 -26.79
CA PHE C 279 -6.11 -12.94 -27.25
C PHE C 279 -5.98 -12.68 -28.73
N TRP C 280 -6.97 -13.09 -29.52
CA TRP C 280 -6.97 -12.74 -30.92
C TRP C 280 -7.03 -11.24 -31.10
N LYS C 281 -8.05 -10.59 -30.52
CA LYS C 281 -8.12 -9.15 -30.59
C LYS C 281 -6.85 -8.50 -30.07
N PHE C 282 -6.10 -9.20 -29.22
CA PHE C 282 -4.82 -8.65 -28.81
C PHE C 282 -3.82 -8.65 -29.96
N THR C 283 -3.61 -9.81 -30.58
CA THR C 283 -2.64 -9.91 -31.66
C THR C 283 -2.95 -8.90 -32.74
N GLU C 284 -4.02 -9.16 -33.46
CA GLU C 284 -4.40 -8.34 -34.60
C GLU C 284 -4.81 -6.93 -34.18
N GLY C 285 -5.01 -6.68 -32.90
CA GLY C 285 -5.44 -5.36 -32.47
C GLY C 285 -4.37 -4.50 -31.83
N SER C 286 -3.24 -5.09 -31.45
CA SER C 286 -2.25 -4.28 -30.76
C SER C 286 -0.87 -4.42 -31.39
N LEU C 287 -0.24 -5.58 -31.20
CA LEU C 287 1.06 -5.81 -31.79
C LEU C 287 1.03 -5.61 -33.29
N LEU C 288 -0.04 -6.09 -33.93
CA LEU C 288 -0.26 -5.79 -35.34
C LEU C 288 -0.17 -4.31 -35.62
N ASP C 289 -0.72 -3.49 -34.72
CA ASP C 289 -0.50 -2.06 -34.80
C ASP C 289 0.71 -1.61 -34.00
N GLY C 290 1.27 -2.47 -33.17
CA GLY C 290 2.50 -2.14 -32.49
C GLY C 290 3.69 -2.08 -33.44
N LEU C 291 3.95 -3.19 -34.13
CA LEU C 291 5.13 -3.25 -34.99
C LEU C 291 4.89 -2.60 -36.34
N TYR C 292 3.81 -2.95 -37.01
CA TYR C 292 3.63 -2.61 -38.41
C TYR C 292 2.83 -1.33 -38.53
N TRP C 293 3.50 -0.25 -38.94
CA TRP C 293 2.89 1.06 -38.99
C TRP C 293 3.94 2.05 -39.49
N LYS C 294 3.50 3.29 -39.67
CA LYS C 294 4.17 4.19 -40.59
C LYS C 294 5.49 4.69 -39.99
N MET C 295 6.18 5.52 -40.75
CA MET C 295 7.52 6.01 -40.44
C MET C 295 7.49 7.53 -40.36
N GLN C 296 8.57 8.12 -39.83
CA GLN C 296 8.66 9.56 -39.56
C GLN C 296 8.19 10.42 -40.73
N PRO C 297 8.83 10.35 -41.91
CA PRO C 297 8.42 11.26 -42.99
C PRO C 297 7.09 10.92 -43.58
N SER C 298 6.66 9.67 -43.42
CA SER C 298 5.56 9.05 -44.15
C SER C 298 5.87 8.90 -45.63
N ASN C 299 6.96 9.51 -46.13
CA ASN C 299 7.30 9.53 -47.54
C ASN C 299 8.63 8.82 -47.77
N GLN C 300 9.13 8.94 -49.00
CA GLN C 300 10.41 8.43 -49.47
C GLN C 300 10.48 6.90 -49.53
N THR C 301 9.34 6.26 -49.78
CA THR C 301 9.27 4.96 -50.46
C THR C 301 10.28 3.93 -49.99
N GLU C 302 10.09 3.36 -48.80
CA GLU C 302 10.97 2.28 -48.37
C GLU C 302 10.24 0.95 -48.57
N ALA C 303 10.62 0.26 -49.63
CA ALA C 303 10.10 -1.06 -49.95
C ALA C 303 11.05 -2.19 -49.58
N ASP C 304 12.26 -1.86 -49.09
CA ASP C 304 13.25 -2.87 -48.73
C ASP C 304 13.24 -3.13 -47.23
N ASN C 305 13.58 -2.11 -46.44
CA ASN C 305 13.11 -2.02 -45.07
C ASN C 305 11.82 -1.22 -45.15
N ARG C 306 10.69 -1.90 -44.94
CA ARG C 306 9.44 -1.20 -45.14
C ARG C 306 9.12 -0.29 -43.96
N SER C 307 9.44 -0.73 -42.75
CA SER C 307 9.26 0.14 -41.59
C SER C 307 9.95 -0.45 -40.38
N PHE C 308 9.90 0.32 -39.30
CA PHE C 308 10.06 -0.13 -37.93
C PHE C 308 8.94 0.52 -37.14
N ILE C 309 8.96 0.33 -35.82
CA ILE C 309 7.87 0.81 -34.98
C ILE C 309 7.67 2.30 -35.17
N PHE C 310 8.57 3.07 -34.60
CA PHE C 310 8.58 4.51 -34.76
C PHE C 310 10.00 4.97 -34.52
N TYR C 311 10.41 6.01 -35.24
CA TYR C 311 11.47 6.85 -34.73
C TYR C 311 12.71 6.01 -34.43
N GLU C 312 13.10 5.95 -33.17
CA GLU C 312 14.47 5.57 -32.81
C GLU C 312 14.74 4.07 -32.65
N ASN C 313 13.81 3.17 -32.95
CA ASN C 313 14.10 1.75 -32.85
C ASN C 313 13.84 1.02 -34.16
N LEU C 314 14.76 0.13 -34.51
CA LEU C 314 14.70 -0.67 -35.71
C LEU C 314 14.06 -2.00 -35.43
N LEU C 315 13.13 -2.39 -36.29
CA LEU C 315 12.66 -3.76 -36.34
C LEU C 315 13.51 -4.56 -37.30
N LEU C 316 13.86 -5.77 -36.89
CA LEU C 316 14.59 -6.70 -37.73
C LEU C 316 13.89 -8.04 -37.72
N GLY C 317 14.18 -8.84 -38.74
CA GLY C 317 13.52 -10.13 -38.83
C GLY C 317 12.03 -9.95 -38.96
N VAL C 318 11.29 -10.79 -38.25
CA VAL C 318 9.83 -10.91 -38.32
C VAL C 318 9.40 -11.83 -37.20
N PRO C 319 8.24 -11.58 -36.60
CA PRO C 319 7.83 -12.36 -35.45
C PRO C 319 7.56 -13.81 -35.81
N ARG C 320 7.67 -14.65 -34.80
CA ARG C 320 7.42 -16.08 -34.93
C ARG C 320 6.46 -16.49 -33.82
N ILE C 321 5.34 -17.10 -34.21
CA ILE C 321 4.36 -17.59 -33.26
C ILE C 321 4.63 -19.06 -33.04
N ARG C 322 4.86 -19.44 -31.79
CA ARG C 322 5.11 -20.83 -31.45
C ARG C 322 4.08 -21.27 -30.43
N GLN C 323 3.90 -22.59 -30.33
CA GLN C 323 2.72 -23.13 -29.69
C GLN C 323 2.95 -24.56 -29.25
N LEU C 324 2.09 -25.04 -28.36
CA LEU C 324 2.01 -26.45 -28.03
C LEU C 324 0.56 -26.92 -28.09
N ARG C 325 0.39 -28.23 -28.06
CA ARG C 325 -0.93 -28.83 -27.90
C ARG C 325 -0.76 -30.23 -27.34
N VAL C 326 -1.82 -30.76 -26.75
CA VAL C 326 -1.84 -32.07 -26.13
C VAL C 326 -2.89 -32.94 -26.82
N ARG C 327 -2.59 -34.23 -26.95
CA ARG C 327 -3.36 -35.11 -27.81
C ARG C 327 -4.75 -35.38 -27.23
N ASN C 328 -5.68 -35.64 -28.14
CA ASN C 328 -7.06 -35.94 -27.79
C ASN C 328 -7.16 -37.15 -26.88
N GLY C 329 -8.12 -37.11 -25.98
CA GLY C 329 -8.37 -38.24 -25.09
C GLY C 329 -7.15 -38.70 -24.35
N SER C 330 -6.25 -37.78 -24.05
CA SER C 330 -5.06 -38.12 -23.28
C SER C 330 -5.41 -38.50 -21.85
N CYS C 331 -6.64 -38.28 -21.42
CA CYS C 331 -7.07 -38.57 -20.06
C CYS C 331 -8.40 -39.31 -20.09
N SER C 332 -8.49 -40.38 -19.31
CA SER C 332 -9.67 -41.24 -19.30
C SER C 332 -10.64 -40.72 -18.24
N ILE C 333 -11.77 -40.18 -18.71
CA ILE C 333 -12.84 -39.74 -17.81
C ILE C 333 -13.30 -40.92 -16.97
N PRO C 334 -13.65 -40.74 -15.69
CA PRO C 334 -14.20 -41.85 -14.92
C PRO C 334 -15.40 -42.49 -15.61
N GLN C 335 -15.51 -43.80 -15.39
CA GLN C 335 -16.41 -44.67 -16.15
C GLN C 335 -17.85 -44.16 -16.18
N ASP C 336 -18.28 -43.46 -15.13
CA ASP C 336 -19.68 -43.13 -14.99
C ASP C 336 -20.10 -42.11 -16.03
N LEU C 337 -19.38 -41.00 -16.10
CA LEU C 337 -19.75 -39.91 -16.98
C LEU C 337 -19.48 -40.21 -18.44
N ARG C 338 -18.87 -41.35 -18.75
CA ARG C 338 -18.36 -41.58 -20.10
C ARG C 338 -19.41 -41.31 -21.17
N ASP C 339 -20.69 -41.57 -20.88
CA ASP C 339 -21.74 -41.13 -21.79
C ASP C 339 -22.04 -39.65 -21.64
N GLU C 340 -21.94 -39.13 -20.42
CA GLU C 340 -22.35 -37.76 -20.15
C GLU C 340 -21.60 -36.76 -21.03
N ILE C 341 -20.30 -36.96 -21.21
CA ILE C 341 -19.49 -36.05 -22.00
C ILE C 341 -18.36 -36.83 -22.67
N LYS C 342 -18.04 -36.45 -23.90
CA LYS C 342 -17.19 -37.23 -24.80
C LYS C 342 -15.70 -37.02 -24.61
N GLU C 343 -15.25 -35.82 -24.22
CA GLU C 343 -13.89 -35.37 -24.47
C GLU C 343 -13.08 -35.25 -23.19
N CYS C 344 -11.76 -35.37 -23.32
CA CYS C 344 -10.89 -35.07 -22.20
C CYS C 344 -9.53 -34.62 -22.73
N TYR C 345 -8.94 -33.61 -22.08
CA TYR C 345 -7.58 -33.18 -22.34
C TYR C 345 -6.92 -32.86 -21.02
N ASP C 346 -5.85 -33.56 -20.67
CA ASP C 346 -5.26 -33.40 -19.35
C ASP C 346 -4.06 -32.47 -19.42
N VAL C 347 -3.35 -32.37 -18.29
CA VAL C 347 -2.30 -31.39 -18.15
C VAL C 347 -1.15 -31.72 -19.11
N TYR C 348 -0.38 -30.69 -19.45
CA TYR C 348 0.75 -30.85 -20.35
C TYR C 348 1.89 -31.58 -19.67
N SER C 349 2.40 -32.62 -20.32
CA SER C 349 3.62 -33.30 -19.88
C SER C 349 4.19 -34.06 -21.06
N VAL C 350 5.49 -34.40 -20.95
CA VAL C 350 6.22 -34.99 -22.06
C VAL C 350 5.48 -36.20 -22.61
N SER C 351 5.23 -37.19 -21.74
CA SER C 351 4.50 -38.37 -22.17
C SER C 351 3.08 -38.03 -22.62
N SER C 352 2.55 -36.90 -22.17
CA SER C 352 1.24 -36.43 -22.62
C SER C 352 1.34 -35.50 -23.80
N GLU C 353 2.55 -35.13 -24.21
CA GLU C 353 2.70 -34.22 -25.33
C GLU C 353 2.15 -34.87 -26.61
N ASP C 354 1.79 -34.02 -27.55
CA ASP C 354 1.20 -34.48 -28.80
C ASP C 354 2.10 -34.07 -29.96
N ARG C 355 2.60 -35.06 -30.68
CA ARG C 355 3.33 -34.83 -31.91
C ARG C 355 2.49 -35.05 -33.15
N ALA C 356 1.24 -35.44 -32.99
CA ALA C 356 0.44 -35.82 -34.14
C ALA C 356 0.14 -34.59 -35.00
N PRO C 357 0.18 -34.73 -36.32
CA PRO C 357 -0.27 -33.65 -37.19
C PRO C 357 -1.74 -33.34 -36.97
N PHE C 358 -2.14 -32.17 -37.42
CA PHE C 358 -3.27 -31.50 -36.81
C PHE C 358 -4.04 -30.65 -37.80
N GLY C 359 -5.37 -30.65 -37.66
CA GLY C 359 -6.23 -29.79 -38.42
C GLY C 359 -6.03 -29.98 -39.90
N PRO C 360 -6.47 -29.02 -40.71
CA PRO C 360 -6.05 -29.00 -42.11
C PRO C 360 -4.55 -28.76 -42.15
N ARG C 361 -3.85 -29.62 -42.85
CA ARG C 361 -2.40 -29.65 -42.74
C ARG C 361 -1.80 -28.95 -43.95
N ASN C 362 -1.32 -27.73 -43.73
CA ASN C 362 -0.70 -26.94 -44.77
C ASN C 362 0.25 -25.97 -44.09
N GLY C 363 1.35 -25.67 -44.76
CA GLY C 363 2.28 -24.77 -44.12
C GLY C 363 2.88 -25.34 -42.84
N THR C 364 3.58 -24.47 -42.14
CA THR C 364 4.33 -24.90 -40.97
C THR C 364 3.40 -25.23 -39.81
N ALA C 365 2.67 -24.22 -39.34
CA ALA C 365 1.92 -24.36 -38.09
C ALA C 365 0.88 -25.45 -38.15
N TRP C 366 0.65 -26.05 -39.31
CA TRP C 366 -0.17 -27.24 -39.38
C TRP C 366 0.66 -28.50 -39.44
N ILE C 367 1.98 -28.39 -39.38
CA ILE C 367 2.89 -29.52 -39.39
C ILE C 367 3.70 -29.48 -38.11
N TYR C 368 3.68 -30.58 -37.36
CA TYR C 368 4.47 -30.64 -36.16
C TYR C 368 5.94 -30.56 -36.48
N THR C 369 6.73 -30.13 -35.52
CA THR C 369 8.18 -30.16 -35.67
C THR C 369 8.82 -30.59 -34.36
N SER C 370 10.00 -31.19 -34.48
CA SER C 370 10.73 -31.61 -33.31
C SER C 370 11.42 -30.43 -32.64
N GLU C 371 11.76 -30.64 -31.37
CA GLU C 371 12.53 -29.64 -30.64
C GLU C 371 13.85 -29.37 -31.33
N LYS C 372 14.55 -30.43 -31.71
CA LYS C 372 15.85 -30.28 -32.38
C LYS C 372 15.70 -29.79 -33.80
N ASP C 373 14.57 -30.10 -34.46
CA ASP C 373 14.38 -29.65 -35.82
C ASP C 373 14.48 -28.13 -35.90
N LEU C 374 13.64 -27.44 -35.14
CA LEU C 374 13.89 -26.03 -34.94
C LEU C 374 15.18 -25.85 -34.15
N ASN C 375 15.78 -24.69 -34.32
CA ASN C 375 17.02 -24.38 -33.65
C ASN C 375 16.78 -23.85 -32.25
N GLY C 376 15.54 -23.82 -31.80
CA GLY C 376 15.23 -23.27 -30.50
C GLY C 376 15.41 -24.26 -29.37
N SER C 377 15.46 -23.71 -28.16
CA SER C 377 15.59 -24.46 -26.93
C SER C 377 14.27 -24.50 -26.18
N SER C 378 14.29 -25.12 -25.01
CA SER C 378 13.10 -25.21 -24.17
C SER C 378 12.93 -23.90 -23.42
N HIS C 379 11.95 -23.85 -22.52
CA HIS C 379 11.71 -22.63 -21.78
C HIS C 379 11.12 -22.93 -20.41
N TRP C 380 11.35 -22.01 -19.49
CA TRP C 380 10.96 -22.23 -18.09
C TRP C 380 9.47 -22.06 -17.89
N GLY C 381 8.98 -20.83 -17.95
CA GLY C 381 7.57 -20.59 -17.74
C GLY C 381 7.17 -20.82 -16.29
N ILE C 382 5.92 -20.46 -15.98
CA ILE C 382 5.50 -20.53 -14.58
C ILE C 382 4.99 -21.91 -14.21
N ILE C 383 3.83 -22.32 -14.73
CA ILE C 383 3.28 -23.60 -14.30
C ILE C 383 4.08 -24.72 -14.94
N ALA C 384 4.04 -24.84 -16.26
CA ALA C 384 4.64 -25.97 -16.95
C ALA C 384 5.78 -25.49 -17.83
N THR C 385 6.90 -26.20 -17.79
CA THR C 385 7.99 -25.88 -18.69
C THR C 385 7.73 -26.47 -20.06
N TYR C 386 8.24 -25.80 -21.07
CA TYR C 386 7.90 -26.11 -22.45
C TYR C 386 9.17 -26.26 -23.26
N SER C 387 9.07 -27.04 -24.32
CA SER C 387 10.24 -27.36 -25.13
C SER C 387 9.84 -27.42 -26.59
N GLY C 388 10.70 -26.90 -27.43
CA GLY C 388 10.48 -27.06 -28.85
C GLY C 388 9.19 -26.43 -29.28
N ALA C 389 8.54 -27.07 -30.24
CA ALA C 389 7.33 -26.53 -30.83
C ALA C 389 6.39 -27.65 -31.18
N GLY C 390 5.11 -27.43 -30.94
CA GLY C 390 4.12 -28.23 -31.60
C GLY C 390 4.01 -27.72 -33.02
N TYR C 391 3.87 -26.41 -33.16
CA TYR C 391 3.70 -25.82 -34.48
C TYR C 391 4.32 -24.43 -34.43
N TYR C 392 4.39 -23.78 -35.58
CA TYR C 392 4.86 -22.40 -35.59
C TYR C 392 4.46 -21.73 -36.89
N LEU C 393 4.41 -20.41 -36.84
CA LEU C 393 4.25 -19.59 -38.04
C LEU C 393 5.13 -18.36 -37.89
N ASP C 394 6.01 -18.15 -38.86
CA ASP C 394 6.75 -16.90 -38.92
C ASP C 394 5.86 -15.81 -39.50
N LEU C 395 5.95 -14.62 -38.95
CA LEU C 395 5.11 -13.55 -39.42
C LEU C 395 5.69 -12.91 -40.68
N SER C 396 4.80 -12.29 -41.45
CA SER C 396 5.23 -11.47 -42.57
C SER C 396 5.81 -10.16 -42.08
N ARG C 397 6.61 -9.51 -42.92
CA ARG C 397 7.15 -8.22 -42.58
C ARG C 397 6.19 -7.07 -42.87
N THR C 398 5.17 -7.31 -43.68
CA THR C 398 4.19 -6.27 -43.98
C THR C 398 3.02 -6.37 -43.02
N ARG C 399 2.48 -5.22 -42.65
CA ARG C 399 1.21 -5.19 -41.93
C ARG C 399 0.16 -6.06 -42.60
N GLU C 400 -0.18 -5.73 -43.84
CA GLU C 400 -1.33 -6.33 -44.51
C GLU C 400 -1.31 -7.84 -44.44
N GLU C 401 -0.22 -8.45 -44.92
CA GLU C 401 -0.18 -9.90 -44.95
C GLU C 401 -0.26 -10.48 -43.56
N THR C 402 0.46 -9.89 -42.61
CA THR C 402 0.29 -10.28 -41.21
C THR C 402 -1.17 -10.16 -40.81
N ALA C 403 -1.76 -9.01 -41.08
CA ALA C 403 -3.20 -8.86 -40.89
C ALA C 403 -3.97 -9.86 -41.72
N ALA C 404 -3.47 -10.17 -42.92
CA ALA C 404 -4.18 -11.10 -43.79
C ALA C 404 -4.18 -12.50 -43.21
N GLN C 405 -3.03 -12.94 -42.68
CA GLN C 405 -2.97 -14.28 -42.13
C GLN C 405 -3.93 -14.43 -40.97
N VAL C 406 -3.78 -13.58 -39.95
CA VAL C 406 -4.47 -13.77 -38.67
C VAL C 406 -5.94 -14.10 -38.87
N ALA C 407 -6.61 -13.32 -39.74
CA ALA C 407 -7.97 -13.67 -40.11
C ALA C 407 -8.03 -15.09 -40.67
N SER C 408 -7.26 -15.34 -41.73
CA SER C 408 -7.15 -16.70 -42.24
C SER C 408 -6.66 -17.65 -41.16
N LEU C 409 -5.91 -17.13 -40.19
CA LEU C 409 -5.43 -17.98 -39.11
C LEU C 409 -6.53 -18.33 -38.13
N LYS C 410 -7.27 -17.33 -37.64
CA LYS C 410 -8.40 -17.59 -36.78
C LYS C 410 -9.38 -18.54 -37.44
N LYS C 411 -9.69 -18.29 -38.70
CA LYS C 411 -10.72 -19.05 -39.39
C LYS C 411 -10.53 -20.55 -39.22
N ASN C 412 -9.28 -21.01 -39.14
CA ASN C 412 -9.02 -22.42 -38.90
C ASN C 412 -9.07 -22.78 -37.41
N VAL C 413 -8.92 -21.79 -36.52
CA VAL C 413 -9.09 -22.00 -35.10
C VAL C 413 -8.14 -23.09 -34.63
N TRP C 414 -6.86 -22.79 -34.52
CA TRP C 414 -5.99 -23.82 -33.96
C TRP C 414 -5.83 -23.67 -32.46
N LEU C 415 -6.60 -22.79 -31.83
CA LEU C 415 -6.61 -22.63 -30.39
C LEU C 415 -7.71 -23.44 -29.70
N ASP C 416 -8.37 -24.34 -30.43
CA ASP C 416 -9.66 -24.91 -30.06
C ASP C 416 -9.79 -25.32 -28.60
N ARG C 417 -8.84 -26.10 -28.10
CA ARG C 417 -8.89 -26.70 -26.78
C ARG C 417 -7.58 -27.45 -26.63
N GLY C 418 -7.21 -27.72 -25.39
CA GLY C 418 -5.98 -28.39 -25.10
C GLY C 418 -4.75 -27.58 -25.39
N THR C 419 -4.91 -26.44 -26.06
CA THR C 419 -3.80 -25.55 -26.29
C THR C 419 -3.15 -25.22 -24.96
N ARG C 420 -1.83 -25.26 -24.92
CA ARG C 420 -1.23 -24.91 -23.65
C ARG C 420 -0.28 -23.74 -23.82
N ALA C 421 0.90 -23.98 -24.35
CA ALA C 421 1.85 -22.90 -24.52
C ALA C 421 1.58 -22.17 -25.82
N THR C 422 1.64 -20.85 -25.74
CA THR C 422 1.51 -20.00 -26.92
C THR C 422 2.61 -18.97 -26.86
N PHE C 423 3.50 -18.99 -27.83
CA PHE C 423 4.57 -18.02 -27.87
C PHE C 423 4.38 -17.05 -29.02
N ILE C 424 4.83 -15.83 -28.80
CA ILE C 424 5.02 -14.86 -29.85
C ILE C 424 6.42 -14.31 -29.69
N ASP C 425 7.23 -14.41 -30.73
CA ASP C 425 8.61 -13.99 -30.67
C ASP C 425 8.97 -13.14 -31.87
N PHE C 426 9.31 -11.89 -31.61
CA PHE C 426 10.03 -11.03 -32.53
C PHE C 426 11.19 -10.43 -31.77
N SER C 427 11.97 -9.61 -32.45
CA SER C 427 13.02 -8.87 -31.75
C SER C 427 13.37 -7.63 -32.54
N VAL C 428 14.04 -6.70 -31.88
CA VAL C 428 14.30 -5.38 -32.46
C VAL C 428 15.69 -4.91 -32.07
N TYR C 429 16.16 -3.91 -32.81
CA TYR C 429 17.47 -3.32 -32.63
C TYR C 429 17.30 -1.84 -32.35
N ASN C 430 18.21 -1.30 -31.55
CA ASN C 430 18.27 0.14 -31.33
C ASN C 430 19.45 0.73 -32.07
N ALA C 431 19.16 1.61 -33.02
CA ALA C 431 20.23 2.25 -33.78
C ALA C 431 21.08 3.14 -32.87
N ASN C 432 20.43 3.96 -32.05
CA ASN C 432 21.14 5.00 -31.33
C ASN C 432 22.27 4.45 -30.47
N ILE C 433 21.97 3.77 -29.38
CA ILE C 433 23.06 3.41 -28.48
C ILE C 433 23.60 2.02 -28.78
N ASN C 434 23.10 1.42 -29.86
CA ASN C 434 23.45 0.13 -30.49
C ASN C 434 22.70 -1.04 -29.89
N LEU C 435 21.85 -0.83 -28.89
CA LEU C 435 21.44 -1.94 -28.05
C LEU C 435 20.38 -2.78 -28.76
N PHE C 436 20.36 -4.06 -28.41
CA PHE C 436 19.75 -5.11 -29.23
C PHE C 436 18.84 -5.91 -28.32
N CYS C 437 17.53 -5.85 -28.53
CA CYS C 437 16.58 -6.40 -27.56
C CYS C 437 15.65 -7.41 -28.20
N VAL C 438 15.25 -8.40 -27.39
CA VAL C 438 14.45 -9.54 -27.82
C VAL C 438 13.15 -9.60 -27.02
N VAL C 439 12.13 -10.18 -27.62
CA VAL C 439 10.79 -10.16 -27.05
C VAL C 439 10.19 -11.54 -27.12
N ARG C 440 9.84 -12.08 -25.96
CA ARG C 440 9.10 -13.34 -25.89
C ARG C 440 7.84 -13.12 -25.07
N LEU C 441 6.70 -13.26 -25.71
CA LEU C 441 5.41 -13.17 -25.05
C LEU C 441 4.86 -14.56 -24.97
N LEU C 442 4.73 -15.08 -23.75
CA LEU C 442 4.15 -16.40 -23.54
C LEU C 442 2.78 -16.24 -22.92
N VAL C 443 1.79 -16.84 -23.54
CA VAL C 443 0.45 -16.82 -23.02
C VAL C 443 0.10 -18.26 -22.68
N GLU C 444 0.07 -18.57 -21.41
CA GLU C 444 -0.22 -19.93 -21.04
C GLU C 444 -1.73 -20.16 -21.07
N PHE C 445 -2.12 -21.39 -21.28
CA PHE C 445 -3.50 -21.82 -21.07
C PHE C 445 -3.54 -22.90 -20.02
N PRO C 446 -4.17 -22.67 -18.87
CA PRO C 446 -4.33 -23.75 -17.91
C PRO C 446 -5.19 -24.84 -18.51
N ALA C 447 -5.00 -26.06 -18.02
CA ALA C 447 -5.85 -27.15 -18.46
C ALA C 447 -7.27 -27.02 -17.93
N THR C 448 -7.54 -26.03 -17.09
CA THR C 448 -8.86 -25.79 -16.54
C THR C 448 -9.64 -24.72 -17.28
N GLY C 449 -9.10 -24.13 -18.34
CA GLY C 449 -9.86 -23.24 -19.20
C GLY C 449 -9.48 -21.77 -19.10
N GLY C 450 -8.63 -21.38 -18.16
CA GLY C 450 -8.37 -19.98 -17.92
C GLY C 450 -7.41 -19.41 -18.94
N VAL C 451 -6.71 -18.36 -18.54
CA VAL C 451 -5.56 -17.89 -19.29
C VAL C 451 -4.58 -17.27 -18.31
N ILE C 452 -3.30 -17.47 -18.56
CA ILE C 452 -2.26 -16.78 -17.82
C ILE C 452 -1.42 -15.97 -18.79
N PRO C 453 -1.50 -14.66 -18.78
CA PRO C 453 -0.55 -13.87 -19.54
C PRO C 453 0.79 -13.77 -18.84
N SER C 454 1.83 -13.62 -19.62
CA SER C 454 3.17 -13.38 -19.09
C SER C 454 4.02 -12.81 -20.20
N TRP C 455 5.17 -12.24 -19.83
CA TRP C 455 6.03 -11.62 -20.81
C TRP C 455 7.48 -11.67 -20.36
N GLN C 456 8.38 -11.60 -21.34
CA GLN C 456 9.80 -11.50 -21.05
C GLN C 456 10.44 -10.51 -22.01
N PHE C 457 11.07 -9.48 -21.46
CA PHE C 457 11.83 -8.50 -22.23
C PHE C 457 13.28 -8.56 -21.82
N GLN C 458 14.15 -8.92 -22.75
CA GLN C 458 15.58 -8.92 -22.50
C GLN C 458 16.33 -7.97 -23.40
N PRO C 459 16.94 -6.92 -22.86
CA PRO C 459 17.86 -6.10 -23.64
C PRO C 459 19.21 -6.77 -23.74
N LEU C 460 19.92 -6.45 -24.81
CA LEU C 460 21.25 -7.02 -24.97
C LEU C 460 22.11 -6.12 -25.84
N LYS C 461 23.42 -6.10 -25.56
CA LYS C 461 24.39 -5.58 -26.51
C LYS C 461 25.01 -6.76 -27.22
N LEU C 462 25.04 -6.70 -28.54
CA LEU C 462 25.52 -7.85 -29.31
C LEU C 462 26.93 -7.58 -29.80
N ILE C 463 27.08 -6.72 -30.80
CA ILE C 463 28.40 -6.42 -31.32
C ILE C 463 29.23 -5.81 -30.18
N ARG C 464 30.37 -6.42 -29.91
CA ARG C 464 31.13 -6.05 -28.73
C ARG C 464 31.85 -4.72 -28.88
N TYR C 465 31.87 -4.16 -30.08
CA TYR C 465 32.75 -3.04 -30.38
C TYR C 465 31.94 -1.79 -30.68
N VAL C 466 32.00 -0.83 -29.77
CA VAL C 466 31.59 0.55 -30.02
C VAL C 466 32.85 1.38 -30.15
N THR C 467 33.03 2.00 -31.32
CA THR C 467 34.31 2.62 -31.66
C THR C 467 34.75 3.65 -30.63
N THR C 468 33.83 4.16 -29.82
CA THR C 468 34.18 5.24 -28.90
C THR C 468 34.86 4.71 -27.62
N PHE C 469 34.06 4.13 -26.73
CA PHE C 469 34.52 3.81 -25.39
C PHE C 469 35.02 2.37 -25.25
N ASP C 470 34.75 1.51 -26.22
CA ASP C 470 34.98 0.08 -25.99
C ASP C 470 36.45 -0.29 -26.07
N PHE C 471 37.19 0.31 -27.01
CA PHE C 471 38.63 0.07 -27.10
C PHE C 471 39.32 0.36 -25.78
N PHE C 472 38.73 1.19 -24.92
CA PHE C 472 39.17 1.24 -23.53
C PHE C 472 38.66 0.03 -22.76
N LEU C 473 37.38 -0.30 -22.94
CA LEU C 473 36.79 -1.38 -22.18
C LEU C 473 37.32 -2.74 -22.62
N ALA C 474 37.24 -3.02 -23.92
CA ALA C 474 37.65 -4.33 -24.43
C ALA C 474 39.12 -4.58 -24.20
N ALA C 475 39.96 -3.56 -24.35
CA ALA C 475 41.37 -3.71 -24.01
C ALA C 475 41.54 -3.92 -22.51
N CYS C 476 40.66 -3.33 -21.71
CA CYS C 476 40.65 -3.65 -20.29
C CYS C 476 39.95 -4.98 -20.02
N GLU C 477 39.06 -5.40 -20.91
CA GLU C 477 38.47 -6.74 -20.81
C GLU C 477 39.55 -7.81 -20.85
N ILE C 478 40.43 -7.76 -21.84
CA ILE C 478 41.48 -8.76 -21.95
C ILE C 478 42.42 -8.67 -20.76
N ILE C 479 42.58 -7.47 -20.20
CA ILE C 479 43.35 -7.32 -18.96
C ILE C 479 42.69 -8.09 -17.83
N PHE C 480 41.36 -8.02 -17.76
CA PHE C 480 40.63 -8.69 -16.69
C PHE C 480 40.89 -10.18 -16.70
N CYS C 481 40.58 -10.85 -17.82
CA CYS C 481 40.78 -12.29 -17.90
C CYS C 481 42.24 -12.66 -17.75
N PHE C 482 43.15 -11.76 -18.12
CA PHE C 482 44.55 -11.95 -17.75
C PHE C 482 44.74 -11.80 -16.25
N PHE C 483 44.11 -10.78 -15.65
CA PHE C 483 44.38 -10.49 -14.25
C PHE C 483 43.98 -11.65 -13.36
N ILE C 484 42.86 -12.28 -13.65
CA ILE C 484 42.47 -13.44 -12.87
C ILE C 484 43.39 -14.61 -13.15
N PHE C 485 43.79 -14.78 -14.42
CA PHE C 485 44.74 -15.82 -14.77
C PHE C 485 45.96 -15.77 -13.87
N TYR C 486 46.33 -14.57 -13.42
CA TYR C 486 47.35 -14.43 -12.38
C TYR C 486 46.92 -15.24 -11.17
N TYR C 487 45.91 -14.76 -10.45
CA TYR C 487 45.46 -15.47 -9.26
C TYR C 487 44.85 -16.82 -9.54
N VAL C 488 44.62 -17.19 -10.80
CA VAL C 488 44.23 -18.57 -11.06
C VAL C 488 45.32 -19.51 -10.56
N VAL C 489 46.54 -19.34 -11.07
CA VAL C 489 47.64 -20.22 -10.71
C VAL C 489 48.27 -19.80 -9.38
N GLU C 490 48.48 -18.50 -9.18
CA GLU C 490 49.09 -17.99 -7.95
C GLU C 490 48.43 -18.59 -6.72
N GLU C 491 47.10 -18.69 -6.75
CA GLU C 491 46.34 -19.16 -5.60
C GLU C 491 46.37 -20.68 -5.46
N ILE C 492 46.47 -21.41 -6.58
CA ILE C 492 46.47 -22.85 -6.50
C ILE C 492 47.76 -23.36 -5.87
N LEU C 493 48.85 -22.60 -6.00
CA LEU C 493 50.13 -23.03 -5.44
C LEU C 493 50.00 -23.32 -3.95
N GLU C 494 49.38 -22.41 -3.20
CA GLU C 494 49.12 -22.70 -1.80
C GLU C 494 48.10 -23.81 -1.63
N ILE C 495 47.17 -23.96 -2.58
CA ILE C 495 46.19 -25.03 -2.48
C ILE C 495 46.86 -26.38 -2.62
N ARG C 496 47.78 -26.52 -3.57
CA ARG C 496 48.47 -27.79 -3.72
C ARG C 496 49.50 -28.00 -2.63
N ILE C 497 50.28 -26.96 -2.30
CA ILE C 497 51.40 -27.14 -1.37
C ILE C 497 50.90 -27.32 0.06
N HIS C 498 50.08 -26.39 0.53
CA HIS C 498 49.47 -26.49 1.85
C HIS C 498 48.10 -27.13 1.68
N LYS C 499 47.95 -28.38 2.11
CA LYS C 499 46.63 -28.98 2.02
C LYS C 499 45.74 -28.55 3.19
N LEU C 500 46.25 -28.64 4.41
CA LEU C 500 45.42 -28.38 5.58
C LEU C 500 45.56 -26.95 6.09
N HIS C 501 46.52 -26.17 5.58
CA HIS C 501 46.70 -24.81 6.07
C HIS C 501 45.51 -23.93 5.71
N TYR C 502 44.99 -24.06 4.48
CA TYR C 502 43.76 -23.36 4.10
C TYR C 502 42.53 -24.04 4.65
N PHE C 503 42.62 -25.33 4.99
CA PHE C 503 41.49 -26.10 5.47
C PHE C 503 40.88 -25.42 6.70
N ARG C 504 39.54 -25.48 6.78
CA ARG C 504 38.78 -25.00 7.94
C ARG C 504 39.01 -23.51 8.20
N SER C 505 38.79 -22.72 7.15
CA SER C 505 38.65 -21.28 7.31
C SER C 505 37.50 -20.80 6.44
N PHE C 506 36.47 -20.26 7.08
CA PHE C 506 35.32 -19.75 6.31
C PHE C 506 35.75 -18.61 5.41
N TRP C 507 36.51 -17.66 5.94
CA TRP C 507 37.05 -16.59 5.09
C TRP C 507 37.79 -17.18 3.91
N ASN C 508 38.58 -18.23 4.13
CA ASN C 508 39.32 -18.82 3.04
C ASN C 508 38.42 -19.73 2.22
N CYS C 509 37.55 -20.49 2.88
CA CYS C 509 36.63 -21.37 2.14
C CYS C 509 35.81 -20.58 1.13
N LEU C 510 35.56 -19.30 1.40
CA LEU C 510 34.89 -18.44 0.43
C LEU C 510 35.85 -17.87 -0.59
N ASP C 511 37.14 -17.86 -0.30
CA ASP C 511 38.11 -17.26 -1.21
C ASP C 511 38.15 -17.99 -2.54
N VAL C 512 37.70 -19.25 -2.57
CA VAL C 512 37.76 -19.99 -3.82
C VAL C 512 36.57 -19.65 -4.72
N VAL C 513 35.40 -19.39 -4.11
CA VAL C 513 34.16 -19.30 -4.87
C VAL C 513 34.26 -18.23 -5.93
N ILE C 514 34.79 -17.07 -5.57
CA ILE C 514 35.00 -15.99 -6.53
C ILE C 514 35.67 -16.51 -7.78
N VAL C 515 36.68 -17.36 -7.62
CA VAL C 515 37.36 -17.91 -8.79
C VAL C 515 36.48 -18.94 -9.47
N VAL C 516 35.79 -19.76 -8.68
CA VAL C 516 34.92 -20.79 -9.24
C VAL C 516 33.99 -20.19 -10.27
N LEU C 517 33.28 -19.13 -9.88
CA LEU C 517 32.26 -18.55 -10.73
C LEU C 517 32.89 -17.81 -11.89
N SER C 518 33.87 -16.97 -11.60
CA SER C 518 34.44 -16.08 -12.60
C SER C 518 34.79 -16.83 -13.87
N VAL C 519 35.53 -17.94 -13.73
CA VAL C 519 35.91 -18.73 -14.89
C VAL C 519 34.69 -19.15 -15.68
N VAL C 520 33.64 -19.59 -14.98
CA VAL C 520 32.39 -19.93 -15.67
C VAL C 520 31.98 -18.79 -16.58
N ALA C 521 31.96 -17.58 -16.02
CA ALA C 521 31.67 -16.41 -16.83
C ALA C 521 32.71 -16.25 -17.95
N ILE C 522 33.97 -16.54 -17.63
CA ILE C 522 35.05 -16.22 -18.56
C ILE C 522 34.81 -16.87 -19.92
N GLY C 523 34.79 -18.19 -19.95
CA GLY C 523 34.61 -18.86 -21.22
C GLY C 523 33.33 -18.47 -21.92
N ILE C 524 32.20 -18.64 -21.23
CA ILE C 524 30.90 -18.60 -21.88
C ILE C 524 30.69 -17.31 -22.64
N ASN C 525 31.35 -16.23 -22.24
CA ASN C 525 31.15 -14.99 -22.98
C ASN C 525 31.82 -15.09 -24.35
N ILE C 526 33.14 -15.22 -24.37
CA ILE C 526 33.83 -15.45 -25.63
C ILE C 526 33.47 -16.83 -26.17
N TYR C 527 33.75 -17.87 -25.37
CA TYR C 527 33.72 -19.22 -25.92
C TYR C 527 32.33 -19.56 -26.46
N ARG C 528 31.30 -19.49 -25.61
CA ARG C 528 29.96 -19.71 -26.12
C ARG C 528 29.58 -18.60 -27.11
N THR C 529 29.54 -17.35 -26.66
CA THR C 529 28.76 -16.33 -27.35
C THR C 529 29.54 -15.49 -28.36
N SER C 530 30.87 -15.58 -28.40
CA SER C 530 31.58 -14.72 -29.35
C SER C 530 31.38 -15.22 -30.77
N ASN C 531 31.66 -16.49 -31.03
CA ASN C 531 31.50 -17.02 -32.37
C ASN C 531 30.05 -16.91 -32.82
N VAL C 532 29.12 -16.93 -31.87
CA VAL C 532 27.74 -16.58 -32.15
C VAL C 532 27.67 -15.25 -32.88
N GLU C 533 28.14 -14.19 -32.21
CA GLU C 533 28.04 -12.84 -32.77
C GLU C 533 28.54 -12.80 -34.20
N VAL C 534 29.64 -13.50 -34.48
CA VAL C 534 30.17 -13.54 -35.83
C VAL C 534 29.15 -14.16 -36.78
N LEU C 535 28.71 -15.37 -36.48
CA LEU C 535 27.91 -16.13 -37.43
C LEU C 535 26.57 -15.48 -37.73
N LEU C 536 26.21 -14.43 -37.01
CA LEU C 536 25.13 -13.55 -37.43
C LEU C 536 25.77 -12.31 -38.03
N GLN C 537 25.71 -12.20 -39.35
CA GLN C 537 25.93 -10.93 -40.03
C GLN C 537 24.87 -10.71 -41.09
N PHE C 538 24.98 -11.46 -42.18
CA PHE C 538 23.87 -11.56 -43.10
C PHE C 538 22.90 -12.62 -42.63
N LEU C 539 23.36 -13.54 -41.79
CA LEU C 539 22.45 -14.48 -41.17
C LEU C 539 21.35 -13.75 -40.42
N GLU C 540 21.71 -12.70 -39.70
CA GLU C 540 20.76 -11.96 -38.88
C GLU C 540 19.95 -10.94 -39.67
N ASP C 541 20.54 -10.36 -40.73
CA ASP C 541 19.93 -9.18 -41.35
C ASP C 541 18.80 -9.51 -42.31
N GLN C 542 18.86 -10.68 -42.96
CA GLN C 542 17.96 -10.96 -44.07
C GLN C 542 16.51 -10.96 -43.60
N ASN C 543 15.61 -10.79 -44.57
CA ASN C 543 14.18 -10.79 -44.27
C ASN C 543 13.75 -12.01 -43.45
N THR C 544 14.48 -13.11 -43.55
CA THR C 544 14.18 -14.26 -42.71
C THR C 544 14.47 -13.95 -41.26
N PHE C 545 13.81 -14.69 -40.38
CA PHE C 545 13.99 -14.45 -38.95
C PHE C 545 15.05 -15.37 -38.37
N PRO C 546 15.96 -14.83 -37.58
CA PRO C 546 17.02 -15.65 -36.99
C PRO C 546 16.54 -16.37 -35.73
N ASN C 547 17.41 -17.21 -35.19
CA ASN C 547 17.16 -17.98 -33.99
C ASN C 547 17.55 -17.24 -32.73
N PHE C 548 17.88 -15.96 -32.87
CA PHE C 548 18.79 -15.30 -31.95
C PHE C 548 18.46 -15.53 -30.47
N GLU C 549 17.23 -15.88 -30.13
CA GLU C 549 16.83 -15.95 -28.72
C GLU C 549 17.80 -16.79 -27.91
N HIS C 550 18.01 -18.05 -28.30
CA HIS C 550 18.89 -18.90 -27.53
C HIS C 550 20.28 -18.30 -27.45
N LEU C 551 20.70 -17.57 -28.48
CA LEU C 551 22.00 -16.94 -28.43
C LEU C 551 22.07 -15.89 -27.34
N ALA C 552 20.93 -15.36 -26.93
CA ALA C 552 20.87 -14.50 -25.75
C ALA C 552 20.51 -15.27 -24.50
N TYR C 553 20.10 -16.53 -24.63
CA TYR C 553 19.79 -17.32 -23.46
C TYR C 553 20.90 -17.21 -22.43
N TRP C 554 22.13 -17.27 -22.88
CA TRP C 554 23.24 -17.21 -21.93
C TRP C 554 23.39 -15.83 -21.34
N GLN C 555 22.95 -14.79 -22.04
CA GLN C 555 23.13 -13.44 -21.52
C GLN C 555 22.56 -13.32 -20.12
N ILE C 556 21.28 -13.63 -19.98
CA ILE C 556 20.68 -13.67 -18.65
C ILE C 556 21.43 -14.63 -17.78
N GLN C 557 21.66 -15.85 -18.27
CA GLN C 557 22.52 -16.80 -17.59
C GLN C 557 23.82 -16.13 -17.17
N PHE C 558 24.36 -15.28 -18.04
CA PHE C 558 25.61 -14.60 -17.76
C PHE C 558 25.39 -13.41 -16.84
N ASN C 559 24.41 -12.59 -17.16
CA ASN C 559 24.30 -11.28 -16.52
C ASN C 559 24.36 -11.41 -15.01
N ASN C 560 23.46 -12.22 -14.46
CA ASN C 560 23.44 -12.41 -13.02
C ASN C 560 24.78 -12.95 -12.52
N ILE C 561 25.24 -14.06 -13.10
CA ILE C 561 26.43 -14.70 -12.57
C ILE C 561 27.63 -13.82 -12.77
N ALA C 562 27.56 -12.89 -13.72
CA ALA C 562 28.51 -11.79 -13.71
C ALA C 562 28.39 -10.99 -12.43
N ALA C 563 27.16 -10.64 -12.07
CA ALA C 563 26.97 -9.77 -10.93
C ALA C 563 27.27 -10.48 -9.62
N VAL C 564 26.81 -11.72 -9.48
CA VAL C 564 26.93 -12.42 -8.21
C VAL C 564 28.37 -12.40 -7.73
N THR C 565 29.30 -12.63 -8.65
CA THR C 565 30.72 -12.51 -8.30
C THR C 565 30.99 -11.15 -7.71
N VAL C 566 30.63 -10.09 -8.45
CA VAL C 566 30.94 -8.72 -8.05
C VAL C 566 30.54 -8.51 -6.60
N PHE C 567 29.38 -9.02 -6.22
CA PHE C 567 28.98 -9.01 -4.83
C PHE C 567 30.11 -9.46 -3.93
N PHE C 568 30.47 -10.73 -4.04
CA PHE C 568 31.49 -11.29 -3.16
C PHE C 568 32.77 -10.50 -3.20
N VAL C 569 33.03 -9.79 -4.29
CA VAL C 569 34.31 -9.13 -4.39
C VAL C 569 34.49 -8.13 -3.26
N TRP C 570 33.42 -7.48 -2.82
CA TRP C 570 33.57 -6.56 -1.69
C TRP C 570 33.90 -7.32 -0.42
N ILE C 571 33.05 -8.29 -0.06
CA ILE C 571 33.27 -8.96 1.21
C ILE C 571 34.64 -9.61 1.25
N LYS C 572 35.32 -9.69 0.10
CA LYS C 572 36.74 -9.97 0.13
C LYS C 572 37.47 -8.92 0.95
N LEU C 573 37.34 -7.64 0.56
CA LEU C 573 38.06 -6.58 1.26
C LEU C 573 37.66 -6.52 2.72
N PHE C 574 36.54 -7.14 3.06
CA PHE C 574 36.01 -7.05 4.41
C PHE C 574 37.04 -7.38 5.48
N LYS C 575 37.92 -8.35 5.23
CA LYS C 575 38.94 -8.71 6.21
C LYS C 575 40.13 -7.75 6.18
N PHE C 576 40.42 -7.18 5.01
CA PHE C 576 41.76 -6.63 4.77
C PHE C 576 41.95 -5.25 5.36
N ILE C 577 41.32 -4.26 4.77
CA ILE C 577 41.73 -2.86 4.95
C ILE C 577 41.12 -2.29 6.22
N ASN C 578 40.42 -3.13 6.97
CA ASN C 578 40.06 -2.75 8.32
C ASN C 578 41.08 -3.38 9.25
N PHE C 579 42.14 -2.63 9.52
CA PHE C 579 43.18 -2.99 10.47
C PHE C 579 43.10 -2.16 11.74
N ASN C 580 42.24 -1.17 11.78
CA ASN C 580 42.51 0.03 12.57
C ASN C 580 42.09 -0.14 14.02
N ARG C 581 40.79 -0.08 14.29
CA ARG C 581 40.30 0.11 15.64
C ARG C 581 40.27 -1.22 16.35
N THR C 582 39.64 -1.25 17.53
CA THR C 582 39.22 -2.52 18.10
C THR C 582 38.23 -3.21 17.17
N MET C 583 37.70 -2.48 16.19
CA MET C 583 36.82 -3.07 15.18
C MET C 583 37.40 -4.36 14.62
N SER C 584 38.67 -4.30 14.19
CA SER C 584 39.33 -5.48 13.65
C SER C 584 39.19 -6.66 14.61
N GLN C 585 39.39 -6.40 15.90
CA GLN C 585 39.04 -7.40 16.90
C GLN C 585 37.53 -7.54 17.00
N LEU C 586 36.81 -6.42 17.06
CA LEU C 586 35.37 -6.49 17.20
C LEU C 586 34.70 -7.11 15.98
N SER C 587 35.45 -7.39 14.92
CA SER C 587 34.93 -8.24 13.87
C SER C 587 34.91 -9.70 14.29
N THR C 588 35.82 -10.11 15.17
CA THR C 588 35.78 -11.47 15.70
C THR C 588 34.53 -11.68 16.54
N THR C 589 34.03 -10.61 17.15
CA THR C 589 32.80 -10.70 17.92
C THR C 589 31.68 -11.30 17.10
N MET C 590 31.21 -10.56 16.09
CA MET C 590 30.22 -11.10 15.16
C MET C 590 30.67 -12.42 14.56
N SER C 591 31.98 -12.61 14.38
CA SER C 591 32.47 -13.89 13.91
C SER C 591 32.13 -15.01 14.88
N ARG C 592 32.04 -14.70 16.17
CA ARG C 592 31.82 -15.76 17.14
C ARG C 592 30.40 -16.28 17.11
N CYS C 593 29.42 -15.41 16.83
CA CYS C 593 28.04 -15.75 17.12
C CYS C 593 27.60 -17.00 16.36
N ALA C 594 27.71 -16.96 15.03
CA ALA C 594 26.95 -17.86 14.18
C ALA C 594 27.10 -19.32 14.59
N LYS C 595 28.26 -19.71 15.13
CA LYS C 595 28.48 -21.11 15.49
C LYS C 595 27.35 -21.62 16.36
N ASP C 596 26.78 -20.76 17.20
CA ASP C 596 25.51 -21.07 17.82
C ASP C 596 24.38 -20.96 16.81
N LEU C 597 24.26 -19.81 16.16
CA LEU C 597 23.03 -19.50 15.42
C LEU C 597 22.99 -20.15 14.05
N PHE C 598 24.12 -20.11 13.32
CA PHE C 598 24.18 -20.70 11.98
C PHE C 598 23.61 -22.11 11.99
N GLY C 599 23.95 -22.90 13.00
CA GLY C 599 23.33 -24.22 13.14
C GLY C 599 21.98 -24.13 13.84
N PHE C 600 21.71 -23.00 14.51
CA PHE C 600 20.45 -22.92 15.24
C PHE C 600 19.27 -22.62 14.33
N ALA C 601 19.48 -21.76 13.32
CA ALA C 601 18.37 -21.13 12.64
C ALA C 601 17.36 -22.12 12.13
N ILE C 602 17.73 -23.39 12.02
CA ILE C 602 16.77 -24.44 11.70
C ILE C 602 15.56 -24.35 12.62
N MET C 603 15.79 -24.25 13.93
CA MET C 603 14.70 -24.38 14.89
C MET C 603 13.57 -23.43 14.53
N PHE C 604 13.88 -22.15 14.45
CA PHE C 604 12.96 -21.22 13.82
C PHE C 604 12.53 -21.74 12.47
N PHE C 605 13.47 -21.88 11.55
CA PHE C 605 13.12 -22.17 10.17
C PHE C 605 12.23 -23.41 10.09
N ILE C 606 12.35 -24.32 11.05
CA ILE C 606 11.42 -25.43 11.13
C ILE C 606 9.99 -24.94 11.37
N ILE C 607 9.79 -24.24 12.50
CA ILE C 607 8.48 -23.67 12.77
C ILE C 607 8.13 -22.66 11.69
N PHE C 608 9.13 -22.19 10.95
CA PHE C 608 8.86 -21.23 9.91
C PHE C 608 8.19 -21.89 8.72
N LEU C 609 8.74 -23.01 8.27
CA LEU C 609 8.05 -23.80 7.27
C LEU C 609 6.69 -24.25 7.74
N ALA C 610 6.52 -24.39 9.04
CA ALA C 610 5.26 -24.90 9.56
C ALA C 610 4.12 -24.09 8.99
N TYR C 611 3.99 -22.85 9.44
CA TYR C 611 2.94 -21.99 8.92
C TYR C 611 2.93 -22.01 7.41
N ALA C 612 4.11 -22.01 6.80
CA ALA C 612 4.18 -22.02 5.35
C ALA C 612 3.34 -23.15 4.79
N GLN C 613 3.66 -24.38 5.20
CA GLN C 613 2.88 -25.48 4.67
C GLN C 613 1.48 -25.47 5.26
N LEU C 614 1.33 -24.99 6.49
CA LEU C 614 -0.01 -24.76 7.00
C LEU C 614 -0.77 -23.78 6.13
N ALA C 615 -0.08 -22.84 5.51
CA ALA C 615 -0.77 -21.89 4.68
C ALA C 615 -1.30 -22.56 3.42
N TYR C 616 -0.42 -23.24 2.70
CA TYR C 616 -0.80 -23.80 1.41
C TYR C 616 -2.09 -24.59 1.52
N LEU C 617 -2.10 -25.58 2.40
CA LEU C 617 -3.23 -26.50 2.50
C LEU C 617 -4.52 -25.78 2.81
N VAL C 618 -4.45 -24.58 3.37
CA VAL C 618 -5.64 -23.92 3.87
C VAL C 618 -6.18 -22.94 2.86
N PHE C 619 -5.42 -21.89 2.58
CA PHE C 619 -5.87 -20.84 1.68
C PHE C 619 -5.55 -21.14 0.23
N GLY C 620 -4.67 -22.10 -0.02
CA GLY C 620 -4.06 -22.26 -1.33
C GLY C 620 -5.05 -22.37 -2.46
N THR C 621 -6.30 -22.70 -2.18
CA THR C 621 -7.27 -22.84 -3.24
C THR C 621 -8.07 -21.57 -3.47
N GLN C 622 -7.81 -20.51 -2.72
CA GLN C 622 -8.63 -19.33 -2.89
C GLN C 622 -7.80 -18.06 -3.03
N VAL C 623 -7.01 -17.71 -2.02
CA VAL C 623 -6.13 -16.58 -2.19
C VAL C 623 -5.11 -16.90 -3.27
N ASP C 624 -4.76 -15.90 -4.06
CA ASP C 624 -3.73 -16.11 -5.06
C ASP C 624 -2.35 -16.13 -4.43
N ASP C 625 -2.11 -15.18 -3.53
CA ASP C 625 -0.75 -14.91 -3.12
C ASP C 625 -0.03 -16.17 -2.72
N PHE C 626 -0.72 -17.07 -2.03
CA PHE C 626 -0.08 -18.31 -1.63
C PHE C 626 0.15 -19.21 -2.82
N SER C 627 -0.92 -19.55 -3.55
CA SER C 627 -0.82 -20.32 -4.79
C SER C 627 0.14 -21.45 -4.43
N THR C 628 1.17 -21.69 -5.23
CA THR C 628 2.08 -22.79 -4.98
C THR C 628 2.64 -22.83 -3.59
N PHE C 629 3.44 -23.82 -3.29
CA PHE C 629 4.23 -23.72 -2.08
C PHE C 629 5.43 -22.84 -2.30
N GLN C 630 5.94 -22.78 -3.53
CA GLN C 630 7.18 -22.05 -3.74
C GLN C 630 6.96 -20.55 -3.64
N GLU C 631 5.78 -20.08 -3.99
CA GLU C 631 5.50 -18.66 -3.84
C GLU C 631 5.04 -18.32 -2.44
N CYS C 632 4.38 -19.26 -1.77
CA CYS C 632 3.84 -18.98 -0.45
C CYS C 632 4.89 -19.06 0.63
N ILE C 633 6.09 -19.55 0.33
CA ILE C 633 7.14 -19.45 1.33
C ILE C 633 7.55 -18.00 1.52
N PHE C 634 7.42 -17.18 0.49
CA PHE C 634 7.84 -15.80 0.63
C PHE C 634 6.84 -15.00 1.44
N THR C 635 5.57 -15.15 1.13
CA THR C 635 4.56 -14.30 1.75
C THR C 635 4.70 -14.31 3.26
N GLN C 636 5.08 -15.44 3.84
CA GLN C 636 5.21 -15.34 5.28
C GLN C 636 6.48 -14.60 5.69
N PHE C 637 7.35 -14.21 4.75
CA PHE C 637 8.25 -13.11 5.02
C PHE C 637 7.53 -11.79 4.85
N ARG C 638 7.07 -11.55 3.62
CA ARG C 638 6.49 -10.27 3.23
C ARG C 638 5.47 -9.77 4.25
N ILE C 639 4.89 -10.66 5.03
CA ILE C 639 4.08 -10.20 6.14
C ILE C 639 4.92 -9.81 7.34
N ILE C 640 6.02 -10.49 7.61
CA ILE C 640 6.80 -10.12 8.78
C ILE C 640 7.32 -8.71 8.66
N LEU C 641 7.99 -8.38 7.56
CA LEU C 641 8.26 -6.97 7.29
C LEU C 641 6.97 -6.20 7.22
N GLY C 642 5.95 -6.83 6.70
CA GLY C 642 4.63 -6.29 6.52
C GLY C 642 4.35 -5.83 5.11
N ASP C 643 3.18 -6.26 4.67
CA ASP C 643 2.49 -5.93 3.44
C ASP C 643 1.30 -6.87 3.48
N ILE C 644 0.22 -6.54 2.81
CA ILE C 644 -1.06 -7.06 3.23
C ILE C 644 -1.93 -7.47 2.04
N ASN C 645 -2.26 -8.75 1.99
CA ASN C 645 -3.49 -9.20 1.36
C ASN C 645 -4.59 -9.39 2.38
N PHE C 646 -4.32 -9.05 3.64
CA PHE C 646 -5.22 -9.35 4.74
C PHE C 646 -6.60 -8.78 4.50
N ALA C 647 -6.73 -7.90 3.52
CA ALA C 647 -8.05 -7.52 3.05
C ALA C 647 -8.89 -8.74 2.74
N GLU C 648 -8.39 -9.61 1.87
CA GLU C 648 -9.17 -10.76 1.44
C GLU C 648 -8.82 -12.05 2.18
N ILE C 649 -7.94 -11.99 3.17
CA ILE C 649 -7.76 -13.19 3.99
C ILE C 649 -9.05 -13.56 4.69
N GLU C 650 -9.72 -12.60 5.36
CA GLU C 650 -11.01 -12.93 5.95
C GLU C 650 -11.93 -13.54 4.91
N GLU C 651 -12.08 -12.87 3.78
CA GLU C 651 -12.96 -13.34 2.73
C GLU C 651 -12.66 -14.77 2.34
N ALA C 652 -11.46 -15.25 2.62
CA ALA C 652 -11.14 -16.65 2.33
C ALA C 652 -11.79 -17.57 3.35
N ASN C 653 -11.27 -17.61 4.58
CA ASN C 653 -11.86 -18.47 5.60
C ASN C 653 -11.95 -17.71 6.91
N ARG C 654 -13.17 -17.50 7.39
CA ARG C 654 -13.35 -16.57 8.50
C ARG C 654 -12.79 -17.10 9.80
N VAL C 655 -12.92 -18.39 10.05
CA VAL C 655 -12.40 -18.87 11.33
C VAL C 655 -10.90 -19.06 11.27
N LEU C 656 -10.36 -19.35 10.10
CA LEU C 656 -8.92 -19.63 9.99
C LEU C 656 -8.09 -18.37 9.80
N GLY C 657 -8.28 -17.70 8.67
CA GLY C 657 -7.41 -16.64 8.25
C GLY C 657 -7.06 -15.71 9.40
N PRO C 658 -8.04 -15.39 10.22
CA PRO C 658 -7.70 -14.77 11.48
C PRO C 658 -6.75 -15.59 12.32
N ILE C 659 -7.08 -16.87 12.55
CA ILE C 659 -6.37 -17.56 13.62
C ILE C 659 -4.98 -17.95 13.15
N TYR C 660 -4.82 -18.28 11.89
CA TYR C 660 -3.48 -18.37 11.33
C TYR C 660 -2.75 -17.06 11.58
N PHE C 661 -3.22 -16.01 10.92
CA PHE C 661 -2.57 -14.72 10.98
C PHE C 661 -2.32 -14.28 12.41
N THR C 662 -3.36 -14.28 13.23
CA THR C 662 -3.23 -13.76 14.58
C THR C 662 -2.10 -14.45 15.32
N THR C 663 -2.12 -15.78 15.34
CA THR C 663 -1.05 -16.50 16.02
C THR C 663 0.29 -16.21 15.38
N PHE C 664 0.35 -16.27 14.06
CA PHE C 664 1.62 -16.17 13.37
C PHE C 664 2.34 -14.89 13.73
N VAL C 665 1.70 -13.76 13.49
CA VAL C 665 2.32 -12.50 13.88
C VAL C 665 2.64 -12.54 15.36
N PHE C 666 1.81 -13.20 16.16
CA PHE C 666 2.15 -13.28 17.55
C PHE C 666 3.47 -14.03 17.72
N PHE C 667 3.47 -15.33 17.48
CA PHE C 667 4.69 -16.11 17.69
C PHE C 667 5.86 -15.63 16.86
N MET C 668 5.77 -15.84 15.54
CA MET C 668 6.91 -15.55 14.67
C MET C 668 7.48 -14.17 14.93
N PHE C 669 6.61 -13.18 15.08
CA PHE C 669 7.13 -11.84 15.33
C PHE C 669 7.51 -11.65 16.78
N PHE C 670 7.02 -12.48 17.69
CA PHE C 670 7.55 -12.45 19.04
C PHE C 670 8.51 -13.58 19.35
N ILE C 671 8.71 -14.53 18.44
CA ILE C 671 9.84 -15.46 18.57
C ILE C 671 11.10 -14.90 17.94
N LEU C 672 11.00 -14.22 16.80
CA LEU C 672 12.20 -13.70 16.17
C LEU C 672 12.93 -12.78 17.13
N LEU C 673 12.18 -12.04 17.91
CA LEU C 673 12.70 -11.34 19.06
C LEU C 673 13.58 -12.31 19.82
N ASN C 674 12.94 -13.35 20.34
CA ASN C 674 13.51 -14.19 21.39
C ASN C 674 14.89 -14.68 21.05
N MET C 675 14.97 -15.66 20.16
CA MET C 675 16.24 -16.33 19.93
C MET C 675 17.30 -15.34 19.47
N PHE C 676 16.96 -14.49 18.51
CA PHE C 676 17.96 -13.63 17.90
C PHE C 676 18.63 -12.73 18.92
N LEU C 677 17.87 -11.75 19.41
CA LEU C 677 18.48 -10.61 20.07
C LEU C 677 19.32 -11.00 21.26
N ALA C 678 18.73 -11.76 22.18
CA ALA C 678 19.49 -12.22 23.33
C ALA C 678 20.75 -12.96 22.90
N ILE C 679 20.57 -14.08 22.20
CA ILE C 679 21.69 -14.87 21.74
C ILE C 679 22.63 -14.04 20.89
N ILE C 680 22.14 -12.95 20.32
CA ILE C 680 23.04 -11.93 19.82
C ILE C 680 23.70 -11.19 20.98
N ASN C 681 22.88 -10.68 21.91
CA ASN C 681 23.37 -9.75 22.92
C ASN C 681 24.49 -10.37 23.75
N ASP C 682 24.19 -11.48 24.39
CA ASP C 682 25.09 -12.14 25.32
C ASP C 682 26.52 -12.21 24.80
N THR C 683 26.71 -12.97 23.72
CA THR C 683 28.04 -13.28 23.24
C THR C 683 28.89 -12.04 23.12
N TYR C 684 28.33 -10.97 22.55
CA TYR C 684 29.11 -9.75 22.44
C TYR C 684 29.48 -9.21 23.80
N SER C 685 28.50 -9.19 24.71
CA SER C 685 28.81 -8.76 26.08
C SER C 685 29.91 -9.63 26.67
N GLU C 686 29.92 -10.91 26.32
CA GLU C 686 30.98 -11.78 26.81
C GLU C 686 32.31 -11.44 26.14
N VAL C 687 32.33 -11.45 24.82
CA VAL C 687 33.60 -11.31 24.11
C VAL C 687 34.17 -9.91 24.29
N LYS C 688 33.33 -8.88 24.21
CA LYS C 688 33.82 -7.56 24.53
C LYS C 688 34.37 -7.51 25.94
N SER C 689 33.74 -8.24 26.85
CA SER C 689 34.35 -8.44 28.16
C SER C 689 35.51 -9.42 28.09
N ASP C 690 35.51 -10.31 27.10
CA ASP C 690 36.65 -11.22 26.97
C ASP C 690 37.87 -10.50 26.42
N LEU C 691 37.68 -9.64 25.43
CA LEU C 691 38.79 -8.79 25.03
C LEU C 691 39.14 -7.79 26.12
N ALA C 692 38.22 -7.56 27.06
CA ALA C 692 38.57 -6.84 28.27
C ALA C 692 39.31 -7.73 29.26
N GLN C 693 39.04 -9.04 29.26
CA GLN C 693 39.70 -9.93 30.19
C GLN C 693 41.00 -10.49 29.64
N GLN C 694 41.41 -10.08 28.44
CA GLN C 694 42.81 -10.17 28.10
C GLN C 694 43.56 -8.89 28.46
N LYS C 695 42.84 -7.85 28.84
CA LYS C 695 43.44 -6.58 29.22
C LYS C 695 43.81 -6.59 30.70
N LYS D 215 26.22 35.03 40.31
CA LYS D 215 27.23 34.04 39.96
C LYS D 215 27.12 33.61 38.50
N TYR D 216 27.40 32.33 38.23
CA TYR D 216 27.25 31.81 36.87
C TYR D 216 25.85 32.05 36.33
N LEU D 217 24.83 31.91 37.19
CA LEU D 217 23.45 31.93 36.72
C LEU D 217 23.13 33.21 35.95
N LYS D 218 23.82 34.30 36.27
CA LYS D 218 23.65 35.52 35.47
C LYS D 218 24.23 35.31 34.07
N SER D 219 25.46 34.83 33.98
CA SER D 219 26.04 34.52 32.68
C SER D 219 25.43 33.26 32.08
N VAL D 220 24.85 32.40 32.90
CA VAL D 220 24.12 31.24 32.38
C VAL D 220 22.88 31.71 31.62
N LEU D 221 22.00 32.47 32.29
CA LEU D 221 20.75 32.84 31.67
C LEU D 221 20.96 33.89 30.58
N ARG D 222 21.88 34.83 30.79
CA ARG D 222 22.08 35.92 29.83
C ARG D 222 22.34 35.38 28.43
N GLU D 223 23.36 34.54 28.28
CA GLU D 223 23.58 33.86 27.01
C GLU D 223 22.37 33.02 26.62
N LEU D 224 21.75 32.35 27.58
CA LEU D 224 20.51 31.65 27.30
C LEU D 224 19.42 32.62 26.84
N VAL D 225 19.16 33.65 27.65
CA VAL D 225 18.10 34.62 27.35
C VAL D 225 18.19 35.06 25.90
N THR D 226 19.41 35.29 25.41
CA THR D 226 19.58 35.55 23.99
C THR D 226 18.98 34.41 23.18
N TYR D 227 19.58 33.23 23.25
CA TYR D 227 19.05 32.09 22.50
C TYR D 227 17.62 31.78 22.91
N LEU D 228 17.34 31.80 24.22
CA LEU D 228 15.98 31.52 24.67
C LEU D 228 15.00 32.47 24.03
N LEU D 229 15.38 33.74 23.86
CA LEU D 229 14.55 34.65 23.08
C LEU D 229 14.76 34.43 21.59
N PHE D 230 16.02 34.23 21.19
CA PHE D 230 16.32 34.03 19.77
C PHE D 230 15.53 32.89 19.17
N LEU D 231 15.25 31.83 19.95
CA LEU D 231 14.60 30.67 19.39
C LEU D 231 13.19 31.01 18.90
N ILE D 232 12.48 31.86 19.66
CA ILE D 232 11.13 32.24 19.22
C ILE D 232 11.19 33.05 17.95
N VAL D 233 12.27 33.80 17.74
CA VAL D 233 12.35 34.71 16.60
C VAL D 233 12.09 33.95 15.31
N LEU D 234 12.80 32.85 15.10
CA LEU D 234 12.67 32.13 13.84
C LEU D 234 11.32 31.42 13.74
N CYS D 235 10.82 30.89 14.85
CA CYS D 235 9.50 30.27 14.84
C CYS D 235 8.47 31.23 14.29
N ILE D 236 8.66 32.53 14.50
CA ILE D 236 7.83 33.51 13.83
C ILE D 236 8.05 33.43 12.32
N LEU D 237 9.30 33.52 11.89
CA LEU D 237 9.61 33.50 10.45
C LEU D 237 8.93 32.32 9.77
N THR D 238 9.02 31.14 10.37
CA THR D 238 8.41 29.94 9.82
C THR D 238 6.97 30.21 9.43
N TYR D 239 6.12 30.39 10.43
CA TYR D 239 4.73 30.74 10.18
C TYR D 239 4.64 32.05 9.42
N GLY D 240 5.46 33.03 9.79
CA GLY D 240 5.37 34.34 9.19
C GLY D 240 5.79 34.39 7.74
N MET D 241 7.02 33.97 7.44
CA MET D 241 7.50 34.10 6.07
C MET D 241 6.75 33.17 5.13
N MET D 242 6.20 32.07 5.65
CA MET D 242 5.42 31.14 4.84
C MET D 242 4.15 30.78 5.59
N SER D 243 3.00 31.17 5.02
CA SER D 243 1.71 30.86 5.61
C SER D 243 1.44 29.36 5.53
N SER D 244 0.47 28.91 6.32
CA SER D 244 0.22 27.47 6.41
C SER D 244 -0.55 26.91 5.23
N ASN D 245 -1.44 27.69 4.63
CA ASN D 245 -2.25 27.12 3.56
C ASN D 245 -1.54 27.11 2.22
N VAL D 246 -0.29 27.57 2.15
CA VAL D 246 0.40 27.71 0.87
C VAL D 246 0.29 26.44 0.06
N TYR D 247 0.32 25.29 0.73
CA TYR D 247 0.15 24.04 0.02
C TYR D 247 -1.10 24.06 -0.85
N TYR D 248 -2.25 24.37 -0.26
CA TYR D 248 -3.47 24.34 -1.05
C TYR D 248 -3.46 25.35 -2.18
N TYR D 249 -2.44 26.21 -2.24
CA TYR D 249 -2.23 26.95 -3.46
C TYR D 249 -1.73 26.03 -4.56
N THR D 250 -0.64 25.31 -4.28
CA THR D 250 -0.09 24.40 -5.28
C THR D 250 -1.11 23.36 -5.70
N ARG D 251 -1.62 22.61 -4.71
CA ARG D 251 -2.48 21.48 -4.99
C ARG D 251 -3.54 21.83 -6.02
N MET D 252 -4.21 22.95 -5.84
CA MET D 252 -5.03 23.44 -6.94
C MET D 252 -4.14 23.63 -8.14
N MET D 253 -3.27 24.63 -8.07
CA MET D 253 -2.49 25.03 -9.23
C MET D 253 -1.83 23.83 -9.88
N SER D 254 -1.40 22.88 -9.07
CA SER D 254 -0.93 21.61 -9.60
C SER D 254 -2.02 20.94 -10.42
N GLN D 255 -3.05 20.45 -9.75
CA GLN D 255 -3.93 19.51 -10.41
C GLN D 255 -4.66 20.12 -11.57
N LEU D 256 -4.53 21.41 -11.80
CA LEU D 256 -5.12 21.97 -13.01
C LEU D 256 -4.38 21.48 -14.24
N PHE D 257 -3.06 21.64 -14.28
CA PHE D 257 -2.27 21.41 -15.47
C PHE D 257 -1.65 20.03 -15.53
N LEU D 258 -1.89 19.18 -14.54
CA LEU D 258 -1.28 17.86 -14.58
C LEU D 258 -2.28 16.80 -14.97
N ASP D 259 -3.17 16.47 -14.04
CA ASP D 259 -3.86 15.20 -14.08
C ASP D 259 -5.11 15.21 -14.92
N THR D 260 -5.50 16.34 -15.48
CA THR D 260 -6.88 16.53 -15.92
C THR D 260 -6.98 16.89 -17.39
N PRO D 261 -6.62 16.00 -18.30
CA PRO D 261 -7.19 16.10 -19.64
C PRO D 261 -8.60 15.54 -19.61
N VAL D 262 -9.54 16.34 -20.08
CA VAL D 262 -10.77 15.85 -20.69
C VAL D 262 -10.64 15.87 -22.21
N SER D 263 -9.44 16.22 -22.70
CA SER D 263 -9.23 16.63 -24.09
C SER D 263 -9.92 15.68 -25.06
N LYS D 264 -9.97 14.40 -24.70
CA LYS D 264 -10.89 13.46 -25.28
C LYS D 264 -11.29 12.50 -24.17
N THR D 265 -11.94 11.41 -24.54
CA THR D 265 -12.10 10.32 -23.60
C THR D 265 -10.76 9.75 -23.15
N GLU D 266 -9.66 10.11 -23.82
CA GLU D 266 -8.35 9.61 -23.43
C GLU D 266 -8.10 9.92 -21.97
N LYS D 267 -7.77 8.87 -21.23
CA LYS D 267 -7.53 8.98 -19.81
C LYS D 267 -6.15 9.55 -19.51
N THR D 268 -5.21 9.44 -20.43
CA THR D 268 -3.82 9.72 -20.11
C THR D 268 -3.62 11.21 -19.85
N ASN D 269 -3.12 11.52 -18.67
CA ASN D 269 -2.86 12.86 -18.21
C ASN D 269 -1.43 13.24 -18.54
N PHE D 270 -0.94 14.31 -17.94
CA PHE D 270 0.46 14.64 -18.11
C PHE D 270 1.34 13.53 -17.53
N LYS D 271 1.06 13.13 -16.29
CA LYS D 271 1.92 12.15 -15.63
C LYS D 271 2.08 10.88 -16.45
N THR D 272 1.02 10.42 -17.11
CA THR D 272 1.07 9.21 -17.93
C THR D 272 1.14 9.67 -19.38
N LEU D 273 2.29 9.51 -20.02
CA LEU D 273 2.42 10.04 -21.36
C LEU D 273 3.48 9.22 -22.09
N SER D 274 3.30 9.07 -23.39
CA SER D 274 4.28 8.34 -24.19
C SER D 274 4.66 9.07 -25.47
N SER D 275 3.73 9.14 -26.40
CA SER D 275 4.07 9.57 -27.74
C SER D 275 4.33 11.06 -27.78
N MET D 276 5.01 11.47 -28.85
CA MET D 276 5.23 12.89 -29.06
C MET D 276 3.94 13.61 -29.47
N GLU D 277 3.12 12.97 -30.31
CA GLU D 277 1.92 13.66 -30.73
C GLU D 277 0.99 13.92 -29.57
N ASP D 278 0.94 13.00 -28.60
CA ASP D 278 0.24 13.32 -27.35
C ASP D 278 0.78 14.59 -26.74
N PHE D 279 2.10 14.72 -26.70
CA PHE D 279 2.70 15.94 -26.18
C PHE D 279 2.14 17.15 -26.89
N TRP D 280 1.98 17.06 -28.20
CA TRP D 280 1.29 18.15 -28.91
C TRP D 280 -0.12 18.30 -28.41
N LYS D 281 -0.91 17.22 -28.47
CA LYS D 281 -2.26 17.30 -27.94
C LYS D 281 -2.28 17.77 -26.50
N PHE D 282 -1.17 17.60 -25.79
CA PHE D 282 -1.11 18.16 -24.44
C PHE D 282 -1.06 19.67 -24.47
N THR D 283 -0.10 20.23 -25.20
CA THR D 283 0.07 21.67 -25.25
C THR D 283 -1.23 22.33 -25.68
N GLU D 284 -1.54 22.15 -26.95
CA GLU D 284 -2.70 22.79 -27.54
C GLU D 284 -4.01 22.27 -26.96
N GLY D 285 -3.99 21.18 -26.21
CA GLY D 285 -5.22 20.64 -25.68
C GLY D 285 -5.47 20.90 -24.20
N SER D 286 -4.45 21.32 -23.46
CA SER D 286 -4.67 21.51 -22.03
C SER D 286 -4.20 22.87 -21.55
N LEU D 287 -2.90 23.09 -21.52
CA LEU D 287 -2.38 24.39 -21.10
C LEU D 287 -2.95 25.49 -21.95
N LEU D 288 -3.06 25.26 -23.25
CA LEU D 288 -3.74 26.19 -24.14
C LEU D 288 -5.13 26.51 -23.61
N ASP D 289 -5.83 25.52 -23.09
CA ASP D 289 -7.07 25.78 -22.38
C ASP D 289 -6.86 26.01 -20.89
N GLY D 290 -5.67 25.70 -20.38
CA GLY D 290 -5.37 26.01 -19.00
C GLY D 290 -5.25 27.50 -18.76
N LEU D 291 -4.33 28.15 -19.47
CA LEU D 291 -4.08 29.56 -19.23
C LEU D 291 -5.08 30.46 -19.93
N TYR D 292 -5.31 30.23 -21.22
CA TYR D 292 -6.04 31.19 -22.04
C TYR D 292 -7.50 30.80 -22.10
N TRP D 293 -8.34 31.60 -21.45
CA TRP D 293 -9.76 31.30 -21.33
C TRP D 293 -10.41 32.40 -20.50
N LYS D 294 -11.73 32.31 -20.38
CA LYS D 294 -12.54 33.48 -20.11
C LYS D 294 -12.38 33.91 -18.65
N MET D 295 -13.08 34.98 -18.28
CA MET D 295 -12.98 35.64 -16.99
C MET D 295 -14.34 35.64 -16.31
N GLN D 296 -14.36 35.97 -15.01
CA GLN D 296 -15.57 35.88 -14.19
C GLN D 296 -16.80 36.49 -14.83
N PRO D 297 -16.82 37.80 -15.15
CA PRO D 297 -18.05 38.39 -15.69
C PRO D 297 -18.36 37.95 -17.10
N SER D 298 -17.33 37.50 -17.83
CA SER D 298 -17.34 37.28 -19.27
C SER D 298 -17.47 38.60 -20.02
N ASN D 299 -17.77 39.71 -19.34
CA ASN D 299 -18.03 41.00 -19.96
C ASN D 299 -16.98 42.02 -19.51
N GLN D 300 -17.22 43.28 -19.87
CA GLN D 300 -16.42 44.44 -19.51
C GLN D 300 -15.04 44.47 -20.15
N THR D 301 -14.92 43.89 -21.35
CA THR D 301 -13.95 44.29 -22.38
C THR D 301 -12.53 44.56 -21.85
N GLU D 302 -11.80 43.52 -21.49
CA GLU D 302 -10.41 43.72 -21.10
C GLU D 302 -9.51 43.33 -22.28
N ALA D 303 -9.02 44.35 -22.97
CA ALA D 303 -8.08 44.20 -24.08
C ALA D 303 -6.64 44.49 -23.69
N ASP D 304 -6.39 44.92 -22.45
CA ASP D 304 -5.04 45.27 -22.01
C ASP D 304 -4.45 44.12 -21.21
N ASN D 305 -5.05 43.79 -20.07
CA ASN D 305 -4.95 42.45 -19.51
C ASN D 305 -6.14 41.70 -20.08
N ARG D 306 -5.87 40.78 -20.99
CA ARG D 306 -6.99 40.14 -21.65
C ARG D 306 -7.61 39.08 -20.77
N SER D 307 -6.81 38.35 -19.99
CA SER D 307 -7.37 37.41 -19.03
C SER D 307 -6.29 36.91 -18.09
N PHE D 308 -6.73 36.10 -17.14
CA PHE D 308 -5.92 35.17 -16.39
C PHE D 308 -6.70 33.86 -16.38
N ILE D 309 -6.19 32.87 -15.64
CA ILE D 309 -6.79 31.54 -15.66
C ILE D 309 -8.25 31.62 -15.27
N PHE D 310 -8.50 31.81 -13.99
CA PHE D 310 -9.84 32.00 -13.47
C PHE D 310 -9.70 32.77 -12.18
N TYR D 311 -10.67 33.63 -11.90
CA TYR D 311 -10.92 33.97 -10.52
C TYR D 311 -9.67 34.53 -9.87
N GLU D 312 -9.15 33.84 -8.85
CA GLU D 312 -8.25 34.46 -7.90
C GLU D 312 -6.75 34.44 -8.26
N ASN D 313 -6.35 34.01 -9.45
CA ASN D 313 -4.93 34.08 -9.80
C ASN D 313 -4.69 34.85 -11.08
N LEU D 314 -3.66 35.67 -11.05
CA LEU D 314 -3.27 36.52 -12.16
C LEU D 314 -2.21 35.83 -12.99
N LEU D 315 -2.40 35.84 -14.30
CA LEU D 315 -1.34 35.51 -15.23
C LEU D 315 -0.56 36.76 -15.59
N LEU D 316 0.76 36.63 -15.62
CA LEU D 316 1.64 37.70 -16.04
C LEU D 316 2.60 37.17 -17.09
N GLY D 317 3.18 38.09 -17.85
CA GLY D 317 4.09 37.67 -18.90
C GLY D 317 3.38 36.80 -19.90
N VAL D 318 4.06 35.75 -20.33
CA VAL D 318 3.64 34.84 -21.38
C VAL D 318 4.59 33.67 -21.39
N PRO D 319 4.12 32.47 -21.69
CA PRO D 319 4.97 31.29 -21.60
C PRO D 319 6.09 31.32 -22.61
N ARG D 320 7.15 30.60 -22.28
CA ARG D 320 8.32 30.47 -23.14
C ARG D 320 8.64 28.99 -23.30
N ILE D 321 8.70 28.52 -24.53
CA ILE D 321 9.04 27.14 -24.82
C ILE D 321 10.52 27.07 -25.14
N ARG D 322 11.25 26.27 -24.38
CA ARG D 322 12.68 26.13 -24.61
C ARG D 322 12.98 24.66 -24.86
N GLN D 323 14.13 24.40 -25.49
CA GLN D 323 14.36 23.13 -26.12
C GLN D 323 15.85 22.89 -26.31
N LEU D 324 16.21 21.63 -26.55
CA LEU D 324 17.53 21.27 -26.99
C LEU D 324 17.44 20.36 -28.20
N ARG D 325 18.58 20.15 -28.87
CA ARG D 325 18.69 19.14 -29.91
C ARG D 325 20.16 18.77 -30.05
N VAL D 326 20.41 17.60 -30.62
CA VAL D 326 21.75 17.06 -30.82
C VAL D 326 22.00 16.87 -32.31
N ARG D 327 23.24 17.10 -32.74
CA ARG D 327 23.54 17.19 -34.16
C ARG D 327 23.46 15.84 -34.85
N ASN D 328 23.14 15.90 -36.14
CA ASN D 328 23.00 14.72 -36.97
C ASN D 328 24.31 13.93 -37.00
N GLY D 329 24.16 12.60 -37.08
CA GLY D 329 25.30 11.72 -37.19
C GLY D 329 26.35 11.95 -36.12
N SER D 330 25.89 12.37 -34.94
CA SER D 330 26.80 12.54 -33.82
C SER D 330 27.40 11.22 -33.34
N CYS D 331 26.87 10.09 -33.82
CA CYS D 331 27.33 8.78 -33.41
C CYS D 331 27.53 7.90 -34.63
N SER D 332 28.65 7.20 -34.67
CA SER D 332 29.02 6.39 -35.82
C SER D 332 28.48 4.98 -35.60
N ILE D 333 27.49 4.61 -36.41
CA ILE D 333 26.94 3.25 -36.39
C ILE D 333 28.06 2.25 -36.69
N PRO D 334 28.08 1.08 -36.07
CA PRO D 334 29.10 0.08 -36.44
C PRO D 334 29.09 -0.21 -37.94
N GLN D 335 30.28 -0.51 -38.45
CA GLN D 335 30.57 -0.57 -39.88
C GLN D 335 29.60 -1.46 -40.64
N ASP D 336 29.09 -2.51 -39.99
CA ASP D 336 28.33 -3.52 -40.70
C ASP D 336 27.00 -2.97 -41.18
N LEU D 337 26.23 -2.40 -40.27
CA LEU D 337 24.90 -1.93 -40.58
C LEU D 337 24.90 -0.67 -41.42
N ARG D 338 26.06 -0.08 -41.69
CA ARG D 338 26.11 1.26 -42.28
C ARG D 338 25.22 1.39 -43.50
N ASP D 339 25.08 0.32 -44.28
CA ASP D 339 24.11 0.34 -45.36
C ASP D 339 22.69 0.09 -44.83
N GLU D 340 22.56 -0.74 -43.80
CA GLU D 340 21.25 -1.16 -43.33
C GLU D 340 20.39 0.05 -42.93
N ILE D 341 20.99 1.03 -42.26
CA ILE D 341 20.24 2.20 -41.82
C ILE D 341 21.17 3.41 -41.80
N LYS D 342 20.62 4.56 -42.17
CA LYS D 342 21.39 5.76 -42.48
C LYS D 342 21.77 6.61 -41.27
N GLU D 343 20.95 6.65 -40.23
CA GLU D 343 20.96 7.76 -39.29
C GLU D 343 21.44 7.33 -37.90
N CYS D 344 21.98 8.29 -37.16
CA CYS D 344 22.29 8.04 -35.75
C CYS D 344 22.24 9.34 -34.97
N TYR D 345 21.69 9.29 -33.77
CA TYR D 345 21.71 10.41 -32.82
C TYR D 345 21.98 9.86 -31.43
N ASP D 346 23.08 10.26 -30.82
CA ASP D 346 23.47 9.66 -29.56
C ASP D 346 23.03 10.54 -28.39
N VAL D 347 23.46 10.16 -27.19
CA VAL D 347 22.98 10.79 -25.98
C VAL D 347 23.43 12.25 -25.94
N TYR D 348 22.69 13.06 -25.19
CA TYR D 348 23.00 14.47 -25.05
C TYR D 348 24.23 14.68 -24.18
N SER D 349 25.19 15.46 -24.68
CA SER D 349 26.34 15.90 -23.89
C SER D 349 26.93 17.13 -24.55
N VAL D 350 27.71 17.87 -23.76
CA VAL D 350 28.22 19.18 -24.20
C VAL D 350 28.92 19.05 -25.54
N SER D 351 29.94 18.18 -25.60
CA SER D 351 30.63 17.98 -26.87
C SER D 351 29.72 17.39 -27.93
N SER D 352 28.63 16.75 -27.54
CA SER D 352 27.65 16.26 -28.49
C SER D 352 26.53 17.25 -28.74
N GLU D 353 26.52 18.37 -28.02
CA GLU D 353 25.47 19.35 -28.22
C GLU D 353 25.54 19.93 -29.62
N ASP D 354 24.41 20.43 -30.09
CA ASP D 354 24.31 20.97 -31.43
C ASP D 354 23.95 22.45 -31.37
N ARG D 355 24.84 23.28 -31.89
CA ARG D 355 24.58 24.70 -32.05
C ARG D 355 24.19 25.06 -33.47
N ALA D 356 24.15 24.10 -34.37
CA ALA D 356 23.92 24.43 -35.77
C ALA D 356 22.50 24.93 -35.97
N PRO D 357 22.30 25.95 -36.80
CA PRO D 357 20.95 26.36 -37.16
C PRO D 357 20.21 25.24 -37.88
N PHE D 358 18.89 25.37 -37.93
CA PHE D 358 18.05 24.19 -38.03
C PHE D 358 16.76 24.47 -38.79
N GLY D 359 16.34 23.49 -39.58
CA GLY D 359 15.08 23.53 -40.26
C GLY D 359 14.95 24.78 -41.11
N PRO D 360 13.71 25.14 -41.47
CA PRO D 360 13.49 26.46 -42.04
C PRO D 360 13.78 27.49 -40.97
N ARG D 361 14.63 28.45 -41.28
CA ARG D 361 15.20 29.31 -40.26
C ARG D 361 14.47 30.64 -40.30
N ASN D 362 13.59 30.85 -39.33
CA ASN D 362 12.83 32.07 -39.20
C ASN D 362 12.46 32.22 -37.74
N GLY D 363 12.39 33.47 -37.28
CA GLY D 363 12.07 33.65 -35.89
C GLY D 363 13.11 33.04 -34.96
N THR D 364 12.75 33.00 -33.68
CA THR D 364 13.69 32.60 -32.65
C THR D 364 13.95 31.11 -32.71
N ALA D 365 12.91 30.32 -32.48
CA ALA D 365 13.09 28.88 -32.28
C ALA D 365 13.69 28.19 -33.49
N TRP D 366 13.87 28.89 -34.60
CA TRP D 366 14.64 28.35 -35.70
C TRP D 366 16.05 28.88 -35.72
N ILE D 367 16.42 29.71 -34.75
CA ILE D 367 17.76 30.26 -34.64
C ILE D 367 18.33 29.84 -33.29
N TYR D 368 19.49 29.21 -33.32
CA TYR D 368 20.14 28.81 -32.08
C TYR D 368 20.49 30.04 -31.26
N THR D 369 20.62 29.86 -29.96
CA THR D 369 21.11 30.91 -29.10
C THR D 369 22.06 30.33 -28.06
N SER D 370 22.98 31.17 -27.61
CA SER D 370 23.91 30.75 -26.58
C SER D 370 23.25 30.75 -25.21
N GLU D 371 23.86 30.01 -24.29
CA GLU D 371 23.42 30.00 -22.91
C GLU D 371 23.47 31.41 -22.34
N LYS D 372 24.58 32.11 -22.54
CA LYS D 372 24.71 33.46 -22.01
C LYS D 372 23.87 34.46 -22.79
N ASP D 373 23.59 34.20 -24.06
CA ASP D 373 22.77 35.13 -24.83
C ASP D 373 21.43 35.32 -24.16
N LEU D 374 20.69 34.23 -23.97
CA LEU D 374 19.55 34.29 -23.07
C LEU D 374 20.04 34.56 -21.66
N ASN D 375 19.16 35.13 -20.87
CA ASN D 375 19.49 35.45 -19.49
C ASN D 375 19.27 34.27 -18.57
N GLY D 376 18.93 33.11 -19.12
CA GLY D 376 18.64 31.95 -18.30
C GLY D 376 19.89 31.18 -17.91
N SER D 377 19.71 30.32 -16.92
CA SER D 377 20.75 29.45 -16.39
C SER D 377 20.51 28.01 -16.83
N SER D 378 21.37 27.12 -16.37
CA SER D 378 21.26 25.71 -16.70
C SER D 378 20.20 25.08 -15.80
N HIS D 379 20.03 23.77 -15.89
CA HIS D 379 19.03 23.10 -15.07
C HIS D 379 19.44 21.68 -14.77
N TRP D 380 18.92 21.16 -13.65
CA TRP D 380 19.35 19.86 -13.15
C TRP D 380 18.72 18.73 -13.97
N GLY D 381 17.43 18.50 -13.81
CA GLY D 381 16.76 17.43 -14.51
C GLY D 381 17.20 16.07 -14.01
N ILE D 382 16.52 15.02 -14.49
CA ILE D 382 16.78 13.70 -13.95
C ILE D 382 17.95 13.02 -14.66
N ILE D 383 17.78 12.63 -15.92
CA ILE D 383 18.85 11.89 -16.58
C ILE D 383 19.99 12.84 -16.92
N ALA D 384 19.76 13.81 -17.80
CA ALA D 384 20.80 14.67 -18.29
C ALA D 384 20.54 16.11 -17.87
N THR D 385 21.59 16.78 -17.40
CA THR D 385 21.46 18.19 -17.07
C THR D 385 21.56 19.03 -18.33
N TYR D 386 20.86 20.15 -18.32
CA TYR D 386 20.69 20.95 -19.51
C TYR D 386 21.05 22.39 -19.23
N SER D 387 21.46 23.09 -20.27
CA SER D 387 21.95 24.45 -20.12
C SER D 387 21.50 25.28 -21.30
N GLY D 388 21.12 26.52 -21.01
CA GLY D 388 20.84 27.43 -22.09
C GLY D 388 19.70 26.92 -22.95
N ALA D 389 19.81 27.21 -24.24
CA ALA D 389 18.76 26.86 -25.17
C ALA D 389 19.36 26.46 -26.49
N GLY D 390 18.76 25.46 -27.11
CA GLY D 390 18.98 25.26 -28.52
C GLY D 390 18.13 26.28 -29.24
N TYR D 391 16.86 26.36 -28.86
CA TYR D 391 15.93 27.27 -29.51
C TYR D 391 14.91 27.69 -28.48
N TYR D 392 14.05 28.64 -28.86
CA TYR D 392 12.97 29.01 -27.97
C TYR D 392 11.91 29.76 -28.73
N LEU D 393 10.70 29.75 -28.18
CA LEU D 393 9.61 30.57 -28.65
C LEU D 393 8.84 31.11 -27.46
N ASP D 394 8.71 32.41 -27.36
CA ASP D 394 7.82 33.00 -26.36
C ASP D 394 6.39 32.91 -26.86
N LEU D 395 5.48 32.60 -25.95
CA LEU D 395 4.10 32.45 -26.34
C LEU D 395 3.41 33.80 -26.44
N SER D 396 2.35 33.83 -27.25
CA SER D 396 1.48 34.99 -27.30
C SER D 396 0.61 35.05 -26.05
N ARG D 397 0.09 36.24 -25.75
CA ARG D 397 -0.80 36.39 -24.62
C ARG D 397 -2.24 36.03 -24.95
N THR D 398 -2.58 35.95 -26.22
CA THR D 398 -3.93 35.59 -26.62
C THR D 398 -4.01 34.09 -26.87
N ARG D 399 -5.15 33.51 -26.51
CA ARG D 399 -5.43 32.14 -26.90
C ARG D 399 -5.18 31.91 -28.38
N GLU D 400 -5.91 32.64 -29.23
CA GLU D 400 -5.94 32.37 -30.66
C GLU D 400 -4.55 32.26 -31.24
N GLU D 401 -3.74 33.31 -31.07
CA GLU D 401 -2.42 33.29 -31.69
C GLU D 401 -1.57 32.16 -31.13
N THR D 402 -1.63 31.95 -29.82
CA THR D 402 -0.98 30.77 -29.26
C THR D 402 -1.50 29.51 -29.94
N ALA D 403 -2.81 29.38 -30.01
CA ALA D 403 -3.39 28.30 -30.79
C ALA D 403 -2.97 28.37 -32.24
N ALA D 404 -2.81 29.59 -32.77
CA ALA D 404 -2.45 29.73 -34.17
C ALA D 404 -1.03 29.24 -34.41
N GLN D 405 -0.10 29.58 -33.51
CA GLN D 405 1.27 29.14 -33.70
C GLN D 405 1.37 27.63 -33.71
N VAL D 406 0.89 27.00 -32.63
CA VAL D 406 1.15 25.58 -32.39
C VAL D 406 0.88 24.76 -33.64
N ALA D 407 -0.26 24.99 -34.27
CA ALA D 407 -0.51 24.36 -35.56
C ALA D 407 0.60 24.69 -36.54
N SER D 408 0.83 25.97 -36.79
CA SER D 408 1.96 26.38 -37.61
C SER D 408 3.27 25.84 -37.03
N LEU D 409 3.31 25.63 -35.72
CA LEU D 409 4.51 25.09 -35.09
C LEU D 409 4.69 23.62 -35.39
N LYS D 410 3.65 22.82 -35.15
CA LYS D 410 3.71 21.40 -35.49
C LYS D 410 4.07 21.22 -36.96
N LYS D 411 3.41 21.98 -37.83
CA LYS D 411 3.57 21.78 -39.27
C LYS D 411 5.03 21.71 -39.68
N ASN D 412 5.90 22.45 -38.99
CA ASN D 412 7.32 22.38 -39.27
C ASN D 412 8.00 21.22 -38.54
N VAL D 413 7.38 20.69 -37.48
CA VAL D 413 7.88 19.49 -36.82
C VAL D 413 9.31 19.72 -36.37
N TRP D 414 9.51 20.49 -35.31
CA TRP D 414 10.88 20.59 -34.83
C TRP D 414 11.18 19.58 -33.74
N LEU D 415 10.28 18.64 -33.50
CA LEU D 415 10.49 17.55 -32.57
C LEU D 415 11.01 16.28 -33.23
N ASP D 416 11.42 16.36 -34.50
CA ASP D 416 11.58 15.21 -35.38
C ASP D 416 12.26 14.00 -34.75
N ARG D 417 13.42 14.21 -34.14
CA ARG D 417 14.29 13.17 -33.63
C ARG D 417 15.45 13.88 -32.99
N GLY D 418 16.13 13.17 -32.10
CA GLY D 418 17.26 13.73 -31.39
C GLY D 418 16.86 14.79 -30.40
N THR D 419 15.61 15.25 -30.42
CA THR D 419 15.13 16.18 -29.43
C THR D 419 15.40 15.63 -28.06
N ARG D 420 15.91 16.46 -27.16
CA ARG D 420 16.12 15.93 -25.84
C ARG D 420 15.35 16.71 -24.81
N ALA D 421 15.84 17.88 -24.44
CA ALA D 421 15.16 18.68 -23.45
C ALA D 421 14.07 19.50 -24.11
N THR D 422 12.92 19.56 -23.46
CA THR D 422 11.82 20.40 -23.91
C THR D 422 11.28 21.11 -22.69
N PHE D 423 11.36 22.43 -22.70
CA PHE D 423 10.86 23.20 -21.58
C PHE D 423 9.62 23.98 -22.00
N ILE D 424 8.73 24.17 -21.04
CA ILE D 424 7.65 25.12 -21.13
C ILE D 424 7.69 25.95 -19.86
N ASP D 425 7.81 27.27 -20.01
CA ASP D 425 7.92 28.14 -18.86
C ASP D 425 6.97 29.32 -18.99
N PHE D 426 6.02 29.40 -18.07
CA PHE D 426 5.27 30.60 -17.79
C PHE D 426 5.33 30.82 -16.29
N SER D 427 4.68 31.88 -15.82
CA SER D 427 4.56 32.08 -14.38
C SER D 427 3.35 32.96 -14.11
N VAL D 428 2.91 32.93 -12.84
CA VAL D 428 1.68 33.60 -12.47
C VAL D 428 1.84 34.24 -11.10
N TYR D 429 0.90 35.14 -10.82
CA TYR D 429 0.87 35.89 -9.57
C TYR D 429 -0.45 35.65 -8.88
N ASN D 430 -0.42 35.66 -7.55
CA ASN D 430 -1.65 35.59 -6.77
C ASN D 430 -1.96 36.95 -6.17
N ALA D 431 -3.09 37.51 -6.57
CA ALA D 431 -3.49 38.81 -6.05
C ALA D 431 -3.76 38.73 -4.55
N ASN D 432 -4.52 37.72 -4.14
CA ASN D 432 -5.03 37.70 -2.77
C ASN D 432 -3.93 37.77 -1.74
N ILE D 433 -3.15 36.71 -1.55
CA ILE D 433 -2.22 36.73 -0.43
C ILE D 433 -0.86 37.25 -0.85
N ASN D 434 -0.76 37.71 -2.10
CA ASN D 434 0.36 38.37 -2.80
C ASN D 434 1.32 37.37 -3.44
N LEU D 435 1.09 36.07 -3.31
CA LEU D 435 2.16 35.12 -3.55
C LEU D 435 2.38 34.92 -5.05
N PHE D 436 3.61 34.59 -5.39
CA PHE D 436 4.13 34.76 -6.74
C PHE D 436 4.77 33.44 -7.14
N CYS D 437 4.21 32.74 -8.12
CA CYS D 437 4.62 31.36 -8.40
C CYS D 437 5.04 31.18 -9.85
N VAL D 438 6.00 30.27 -10.05
CA VAL D 438 6.65 30.02 -11.33
C VAL D 438 6.45 28.56 -11.72
N VAL D 439 6.47 28.31 -13.03
CA VAL D 439 6.11 27.02 -13.57
C VAL D 439 7.14 26.60 -14.61
N ARG D 440 7.81 25.48 -14.37
CA ARG D 440 8.70 24.88 -15.35
C ARG D 440 8.26 23.45 -15.59
N LEU D 441 7.84 23.18 -16.82
CA LEU D 441 7.47 21.84 -17.23
C LEU D 441 8.57 21.35 -18.15
N LEU D 442 9.29 20.33 -17.72
CA LEU D 442 10.33 19.75 -18.54
C LEU D 442 9.86 18.38 -19.01
N VAL D 443 9.91 18.16 -20.31
CA VAL D 443 9.55 16.89 -20.89
C VAL D 443 10.81 16.35 -21.52
N GLU D 444 11.42 15.36 -20.90
CA GLU D 444 12.63 14.82 -21.46
C GLU D 444 12.31 13.85 -22.58
N PHE D 445 13.23 13.70 -23.50
CA PHE D 445 13.18 12.61 -24.46
C PHE D 445 14.41 11.74 -24.32
N PRO D 446 14.27 10.48 -23.94
CA PRO D 446 15.44 9.61 -23.93
C PRO D 446 15.97 9.45 -25.34
N ALA D 447 17.26 9.14 -25.43
CA ALA D 447 17.84 8.87 -26.74
C ALA D 447 17.36 7.54 -27.31
N THR D 448 16.58 6.78 -26.56
CA THR D 448 16.04 5.51 -27.01
C THR D 448 14.62 5.59 -27.51
N GLY D 449 14.01 6.78 -27.55
CA GLY D 449 12.72 6.97 -28.18
C GLY D 449 11.55 7.20 -27.25
N GLY D 450 11.74 7.07 -25.95
CA GLY D 450 10.62 7.14 -25.03
C GLY D 450 10.19 8.55 -24.77
N VAL D 451 9.58 8.75 -23.60
CA VAL D 451 9.37 10.09 -23.08
C VAL D 451 9.39 10.02 -21.58
N ILE D 452 9.95 11.04 -20.95
CA ILE D 452 9.89 11.20 -19.51
C ILE D 452 9.21 12.52 -19.20
N PRO D 453 7.99 12.52 -18.67
CA PRO D 453 7.41 13.76 -18.17
C PRO D 453 7.96 14.10 -16.81
N SER D 454 8.01 15.39 -16.52
CA SER D 454 8.38 15.87 -15.20
C SER D 454 7.88 17.30 -15.06
N TRP D 455 7.87 17.79 -13.83
CA TRP D 455 7.36 19.13 -13.58
C TRP D 455 8.02 19.73 -12.36
N GLN D 456 8.03 21.06 -12.32
CA GLN D 456 8.51 21.79 -11.16
C GLN D 456 7.60 22.97 -10.89
N PHE D 457 7.02 23.02 -9.69
CA PHE D 457 6.20 24.14 -9.24
C PHE D 457 6.87 24.78 -8.03
N GLN D 458 7.25 26.04 -8.18
CA GLN D 458 7.83 26.79 -7.06
C GLN D 458 7.00 28.00 -6.70
N PRO D 459 6.39 28.03 -5.53
CA PRO D 459 5.78 29.27 -5.04
C PRO D 459 6.83 30.20 -4.47
N LEU D 460 6.53 31.49 -4.51
CA LEU D 460 7.46 32.46 -3.96
C LEU D 460 6.73 33.72 -3.53
N LYS D 461 7.24 34.36 -2.49
CA LYS D 461 6.86 35.73 -2.18
C LYS D 461 7.97 36.63 -2.70
N LEU D 462 7.59 37.64 -3.47
CA LEU D 462 8.59 38.48 -4.10
C LEU D 462 8.74 39.80 -3.33
N ILE D 463 7.75 40.68 -3.49
CA ILE D 463 7.81 41.95 -2.77
C ILE D 463 7.83 41.67 -1.29
N ARG D 464 8.84 42.19 -0.61
CA ARG D 464 9.07 41.81 0.78
C ARG D 464 8.09 42.46 1.73
N TYR D 465 7.28 43.40 1.26
CA TYR D 465 6.51 44.25 2.14
C TYR D 465 5.02 44.00 1.94
N VAL D 466 4.40 43.40 2.95
CA VAL D 466 2.95 43.38 3.10
C VAL D 466 2.59 44.33 4.23
N THR D 467 1.81 45.36 3.90
CA THR D 467 1.62 46.49 4.81
C THR D 467 1.10 46.05 6.18
N THR D 468 0.52 44.85 6.28
CA THR D 468 -0.09 44.43 7.53
C THR D 468 0.93 43.90 8.52
N PHE D 469 1.41 42.67 8.30
CA PHE D 469 2.20 41.95 9.28
C PHE D 469 3.70 42.11 9.09
N ASP D 470 4.14 42.63 7.95
CA ASP D 470 5.57 42.54 7.64
C ASP D 470 6.39 43.56 8.42
N PHE D 471 5.87 44.78 8.59
CA PHE D 471 6.57 45.77 9.39
C PHE D 471 6.88 45.26 10.79
N PHE D 472 6.15 44.26 11.26
CA PHE D 472 6.59 43.50 12.42
C PHE D 472 7.70 42.53 12.04
N LEU D 473 7.51 41.81 10.92
CA LEU D 473 8.47 40.80 10.53
C LEU D 473 9.77 41.43 10.04
N ALA D 474 9.67 42.35 9.08
CA ALA D 474 10.87 42.93 8.48
C ALA D 474 11.67 43.71 9.51
N ALA D 475 11.00 44.42 10.40
CA ALA D 475 11.71 45.08 11.48
C ALA D 475 12.33 44.07 12.42
N CYS D 476 11.71 42.91 12.58
CA CYS D 476 12.34 41.82 13.30
C CYS D 476 13.37 41.10 12.42
N GLU D 477 13.22 41.17 11.11
CA GLU D 477 14.24 40.64 10.20
C GLU D 477 15.57 41.33 10.45
N ILE D 478 15.59 42.67 10.44
CA ILE D 478 16.83 43.39 10.66
C ILE D 478 17.38 43.11 12.06
N ILE D 479 16.49 42.84 13.02
CA ILE D 479 16.92 42.43 14.35
C ILE D 479 17.68 41.12 14.26
N PHE D 480 17.17 40.19 13.45
CA PHE D 480 17.79 38.88 13.32
C PHE D 480 19.23 39.00 12.85
N CYS D 481 19.43 39.60 11.68
CA CYS D 481 20.80 39.73 11.14
C CYS D 481 21.67 40.56 12.06
N PHE D 482 21.08 41.47 12.83
CA PHE D 482 21.83 42.10 13.91
C PHE D 482 22.15 41.10 15.00
N PHE D 483 21.16 40.29 15.39
CA PHE D 483 21.33 39.42 16.55
C PHE D 483 22.47 38.44 16.32
N ILE D 484 22.58 37.89 15.12
CA ILE D 484 23.69 37.00 14.84
C ILE D 484 24.99 37.76 14.78
N PHE D 485 24.96 38.97 14.21
CA PHE D 485 26.15 39.81 14.20
C PHE D 485 26.75 39.94 15.58
N TYR D 486 25.91 39.90 16.61
CA TYR D 486 26.40 39.80 17.99
C TYR D 486 27.28 38.57 18.10
N TYR D 487 26.68 37.38 18.05
CA TYR D 487 27.46 36.15 18.19
C TYR D 487 28.40 35.92 17.02
N VAL D 488 28.33 36.69 15.94
CA VAL D 488 29.38 36.57 14.94
C VAL D 488 30.73 36.87 15.56
N VAL D 489 30.87 38.06 16.14
CA VAL D 489 32.15 38.47 16.72
C VAL D 489 32.33 37.91 18.13
N GLU D 490 31.26 37.94 18.95
CA GLU D 490 31.34 37.45 20.32
C GLU D 490 31.95 36.05 20.38
N GLU D 491 31.58 35.20 19.42
CA GLU D 491 32.03 33.82 19.41
C GLU D 491 33.44 33.67 18.86
N ILE D 492 33.85 34.55 17.94
CA ILE D 492 35.18 34.42 17.37
C ILE D 492 36.24 34.77 18.41
N LEU D 493 35.90 35.62 19.38
CA LEU D 493 36.88 36.01 20.39
C LEU D 493 37.47 34.80 21.09
N GLU D 494 36.62 33.87 21.53
CA GLU D 494 37.15 32.63 22.08
C GLU D 494 37.83 31.77 21.02
N ILE D 495 37.41 31.88 19.77
CA ILE D 495 38.05 31.11 18.71
C ILE D 495 39.48 31.60 18.48
N ARG D 496 39.68 32.92 18.47
CA ARG D 496 41.03 33.43 18.29
C ARG D 496 41.86 33.27 19.57
N ILE D 497 41.28 33.58 20.73
CA ILE D 497 42.06 33.61 21.97
C ILE D 497 42.40 32.20 22.42
N HIS D 498 41.40 31.34 22.56
CA HIS D 498 41.60 29.95 22.91
C HIS D 498 41.66 29.14 21.61
N LYS D 499 42.85 28.67 21.24
CA LYS D 499 42.91 27.84 20.05
C LYS D 499 42.51 26.39 20.35
N LEU D 500 43.08 25.81 21.39
CA LEU D 500 42.85 24.40 21.66
C LEU D 500 41.73 24.16 22.67
N HIS D 501 41.23 25.21 23.33
CA HIS D 501 40.19 25.02 24.34
C HIS D 501 38.89 24.56 23.70
N TYR D 502 38.52 25.13 22.55
CA TYR D 502 37.37 24.64 21.81
C TYR D 502 37.68 23.38 21.01
N PHE D 503 38.96 23.14 20.74
CA PHE D 503 39.38 21.99 19.95
C PHE D 503 38.87 20.70 20.56
N ARG D 504 38.47 19.76 19.71
CA ARG D 504 38.07 18.41 20.10
C ARG D 504 36.86 18.44 21.05
N SER D 505 35.81 19.11 20.60
CA SER D 505 34.50 18.97 21.22
C SER D 505 33.46 18.88 20.13
N PHE D 506 32.76 17.73 20.05
CA PHE D 506 31.72 17.59 19.04
C PHE D 506 30.61 18.60 19.26
N TRP D 507 30.14 18.75 20.50
CA TRP D 507 29.17 19.78 20.80
C TRP D 507 29.65 21.13 20.32
N ASN D 508 30.92 21.43 20.55
CA ASN D 508 31.45 22.72 20.11
C ASN D 508 31.75 22.72 18.63
N CYS D 509 32.30 21.61 18.12
CA CYS D 509 32.58 21.52 16.69
C CYS D 509 31.33 21.77 15.86
N LEU D 510 30.15 21.46 16.40
CA LEU D 510 28.91 21.79 15.73
C LEU D 510 28.46 23.21 15.99
N ASP D 511 28.98 23.84 17.05
CA ASP D 511 28.55 25.19 17.39
C ASP D 511 28.88 26.19 16.29
N VAL D 512 29.85 25.87 15.44
CA VAL D 512 30.23 26.80 14.40
C VAL D 512 29.28 26.71 13.21
N VAL D 513 28.80 25.51 12.90
CA VAL D 513 28.09 25.26 11.65
C VAL D 513 26.89 26.18 11.53
N ILE D 514 26.12 26.30 12.60
CA ILE D 514 24.98 27.20 12.62
C ILE D 514 25.36 28.58 12.08
N VAL D 515 26.53 29.08 12.48
CA VAL D 515 26.96 30.37 11.99
C VAL D 515 27.42 30.26 10.55
N VAL D 516 28.11 29.19 10.23
CA VAL D 516 28.61 28.99 8.86
C VAL D 516 27.48 29.18 7.87
N LEU D 517 26.38 28.46 8.09
CA LEU D 517 25.29 28.47 7.13
C LEU D 517 24.53 29.78 7.17
N SER D 518 24.19 30.24 8.37
CA SER D 518 23.34 31.41 8.52
C SER D 518 23.82 32.57 7.66
N VAL D 519 25.11 32.88 7.75
CA VAL D 519 25.67 33.98 6.98
C VAL D 519 25.41 33.76 5.49
N VAL D 520 25.63 32.53 5.02
CA VAL D 520 25.33 32.21 3.64
C VAL D 520 23.93 32.67 3.30
N ALA D 521 22.96 32.29 4.13
CA ALA D 521 21.61 32.77 3.94
C ALA D 521 21.55 34.28 4.03
N ILE D 522 22.33 34.87 4.93
CA ILE D 522 22.18 36.29 5.23
C ILE D 522 22.34 37.12 3.97
N GLY D 523 23.51 37.09 3.37
CA GLY D 523 23.75 37.89 2.19
C GLY D 523 22.76 37.59 1.07
N ILE D 524 22.71 36.32 0.68
CA ILE D 524 22.05 35.96 -0.58
C ILE D 524 20.62 36.44 -0.63
N ASN D 525 19.97 36.63 0.51
CA ASN D 525 18.59 37.10 0.46
C ASN D 525 18.58 38.57 0.04
N ILE D 526 19.15 39.45 0.85
CA ILE D 526 19.29 40.84 0.44
C ILE D 526 20.27 40.95 -0.71
N TYR D 527 21.50 40.49 -0.49
CA TYR D 527 22.58 40.82 -1.42
C TYR D 527 22.27 40.30 -2.82
N ARG D 528 22.07 39.00 -2.96
CA ARG D 528 21.65 38.49 -4.26
C ARG D 528 20.28 39.02 -4.65
N THR D 529 19.26 38.72 -3.86
CA THR D 529 17.89 38.77 -4.36
C THR D 529 17.15 40.07 -4.10
N SER D 530 17.67 40.97 -3.28
CA SER D 530 16.91 42.19 -3.01
C SER D 530 16.92 43.12 -4.22
N ASN D 531 18.12 43.44 -4.73
CA ASN D 531 18.19 44.32 -5.89
C ASN D 531 17.48 43.71 -7.07
N VAL D 532 17.41 42.38 -7.12
CA VAL D 532 16.54 41.71 -8.08
C VAL D 532 15.14 42.27 -8.00
N GLU D 533 14.50 42.12 -6.83
CA GLU D 533 13.12 42.53 -6.66
C GLU D 533 12.89 43.94 -7.17
N VAL D 534 13.84 44.84 -6.90
CA VAL D 534 13.72 46.21 -7.39
C VAL D 534 13.68 46.22 -8.91
N LEU D 535 14.70 45.65 -9.54
CA LEU D 535 14.87 45.81 -10.99
C LEU D 535 13.74 45.18 -11.79
N LEU D 536 12.85 44.45 -11.15
CA LEU D 536 11.57 44.09 -11.74
C LEU D 536 10.53 45.02 -11.15
N GLN D 537 10.07 45.98 -11.94
CA GLN D 537 8.84 46.69 -11.66
C GLN D 537 7.99 46.80 -12.92
N PHE D 538 8.44 47.66 -13.83
CA PHE D 538 7.91 47.62 -15.19
C PHE D 538 8.65 46.59 -16.01
N LEU D 539 9.85 46.22 -15.57
CA LEU D 539 10.54 45.11 -16.21
C LEU D 539 9.68 43.85 -16.18
N GLU D 540 9.05 43.59 -15.04
CA GLU D 540 8.26 42.39 -14.87
C GLU D 540 6.85 42.51 -15.45
N ASP D 541 6.26 43.70 -15.45
CA ASP D 541 4.83 43.82 -15.73
C ASP D 541 4.50 43.80 -17.22
N GLN D 542 5.40 44.27 -18.07
CA GLN D 542 5.07 44.50 -19.46
C GLN D 542 4.67 43.20 -20.15
N ASN D 543 3.97 43.33 -21.28
CA ASN D 543 3.55 42.17 -22.05
C ASN D 543 4.70 41.22 -22.36
N THR D 544 5.93 41.73 -22.41
CA THR D 544 7.08 40.86 -22.58
C THR D 544 7.26 39.96 -21.36
N PHE D 545 7.92 38.83 -21.58
CA PHE D 545 8.12 37.88 -20.51
C PHE D 545 9.47 38.10 -19.83
N PRO D 546 9.51 38.13 -18.51
CA PRO D 546 10.76 38.35 -17.80
C PRO D 546 11.55 37.06 -17.65
N ASN D 547 12.75 37.18 -17.10
CA ASN D 547 13.67 36.07 -16.87
C ASN D 547 13.44 35.42 -15.52
N PHE D 548 12.37 35.79 -14.84
CA PHE D 548 12.32 35.72 -13.40
C PHE D 548 12.79 34.40 -12.81
N GLU D 549 12.75 33.31 -13.57
CA GLU D 549 13.04 31.99 -13.02
C GLU D 549 14.33 31.98 -12.23
N HIS D 550 15.45 32.34 -12.88
CA HIS D 550 16.72 32.32 -12.17
C HIS D 550 16.68 33.19 -10.94
N LEU D 551 15.91 34.27 -10.98
CA LEU D 551 15.80 35.12 -9.81
C LEU D 551 15.16 34.39 -8.65
N ALA D 552 14.38 33.35 -8.92
CA ALA D 552 13.89 32.47 -7.89
C ALA D 552 14.77 31.25 -7.71
N TYR D 553 15.72 31.03 -8.59
CA TYR D 553 16.63 29.89 -8.42
C TYR D 553 17.17 29.86 -7.01
N TRP D 554 17.55 31.01 -6.48
CA TRP D 554 18.12 31.03 -5.14
C TRP D 554 17.07 30.74 -4.09
N GLN D 555 15.80 31.03 -4.37
CA GLN D 555 14.77 30.81 -3.36
C GLN D 555 14.82 29.39 -2.83
N ILE D 556 14.69 28.43 -3.74
CA ILE D 556 14.84 27.03 -3.34
C ILE D 556 16.21 26.82 -2.71
N GLN D 557 17.25 27.30 -3.39
CA GLN D 557 18.59 27.30 -2.79
C GLN D 557 18.54 27.87 -1.40
N PHE D 558 17.74 28.92 -1.20
CA PHE D 558 17.63 29.56 0.10
C PHE D 558 16.72 28.77 1.02
N ASN D 559 15.55 28.40 0.53
CA ASN D 559 14.48 27.91 1.40
C ASN D 559 15.00 26.80 2.30
N ASN D 560 15.56 25.77 1.70
CA ASN D 560 16.09 24.67 2.47
C ASN D 560 17.17 25.14 3.43
N ILE D 561 18.18 25.83 2.91
CA ILE D 561 19.31 26.18 3.76
C ILE D 561 18.88 27.16 4.82
N ALA D 562 17.78 27.86 4.60
CA ALA D 562 17.12 28.55 5.70
C ALA D 562 16.68 27.53 6.74
N ALA D 563 16.02 26.46 6.29
CA ALA D 563 15.46 25.51 7.23
C ALA D 563 16.54 24.70 7.93
N VAL D 564 17.53 24.24 7.16
CA VAL D 564 18.52 23.33 7.72
C VAL D 564 19.14 23.92 8.97
N THR D 565 19.43 25.21 8.96
CA THR D 565 19.89 25.88 10.16
C THR D 565 18.91 25.68 11.29
N VAL D 566 17.65 26.05 11.05
CA VAL D 566 16.62 25.99 12.08
C VAL D 566 16.65 24.66 12.80
N PHE D 567 16.81 23.59 12.03
CA PHE D 567 17.01 22.27 12.60
C PHE D 567 18.04 22.32 13.71
N PHE D 568 19.29 22.59 13.35
CA PHE D 568 20.36 22.57 14.32
C PHE D 568 20.09 23.49 15.50
N VAL D 569 19.26 24.50 15.32
CA VAL D 569 19.08 25.45 16.40
C VAL D 569 18.51 24.76 17.63
N TRP D 570 17.68 23.74 17.45
CA TRP D 570 17.19 23.04 18.63
C TRP D 570 18.30 22.26 19.30
N ILE D 571 18.98 21.40 18.54
CA ILE D 571 19.98 20.55 19.17
C ILE D 571 21.05 21.40 19.83
N LYS D 572 21.07 22.70 19.55
CA LYS D 572 21.83 23.61 20.40
C LYS D 572 21.34 23.52 21.84
N LEU D 573 20.04 23.78 22.06
CA LEU D 573 19.51 23.77 23.42
C LEU D 573 19.68 22.41 24.07
N PHE D 574 19.93 21.38 23.27
CA PHE D 574 20.01 20.03 23.77
C PHE D 574 20.94 19.89 24.96
N LYS D 575 22.06 20.61 24.99
CA LYS D 575 22.97 20.52 26.12
C LYS D 575 22.52 21.37 27.29
N PHE D 576 21.81 22.47 27.03
CA PHE D 576 21.73 23.55 28.00
C PHE D 576 20.69 23.29 29.10
N ILE D 577 19.42 23.36 28.73
CA ILE D 577 18.35 23.56 29.71
C ILE D 577 17.95 22.23 30.31
N ASN D 578 18.65 21.17 29.95
CA ASN D 578 18.51 19.92 30.69
C ASN D 578 19.68 19.87 31.66
N PHE D 579 19.44 20.40 32.86
CA PHE D 579 20.36 20.35 33.98
C PHE D 579 19.91 19.37 35.06
N ASN D 580 18.72 18.83 34.92
CA ASN D 580 17.94 18.45 36.10
C ASN D 580 18.29 17.08 36.64
N ARG D 581 17.86 16.04 35.96
CA ARG D 581 17.86 14.71 36.53
C ARG D 581 19.24 14.09 36.37
N THR D 582 19.33 12.79 36.66
CA THR D 582 20.47 12.03 36.17
C THR D 582 20.52 12.05 34.65
N MET D 583 19.43 12.47 34.01
CA MET D 583 19.41 12.61 32.56
C MET D 583 20.62 13.38 32.06
N SER D 584 20.91 14.53 32.67
CA SER D 584 22.07 15.32 32.28
C SER D 584 23.32 14.45 32.27
N GLN D 585 23.49 13.63 33.29
CA GLN D 585 24.52 12.60 33.24
C GLN D 585 24.14 11.53 32.22
N LEU D 586 22.90 11.06 32.27
CA LEU D 586 22.49 10.00 31.36
C LEU D 586 22.51 10.46 29.90
N SER D 587 22.76 11.73 29.64
CA SER D 587 23.08 12.14 28.28
C SER D 587 24.50 11.74 27.91
N THR D 588 25.40 11.67 28.89
CA THR D 588 26.75 11.19 28.58
C THR D 588 26.72 9.73 28.18
N THR D 589 25.75 8.98 28.67
CA THR D 589 25.58 7.58 28.28
C THR D 589 25.52 7.45 26.77
N MET D 590 24.44 7.93 26.16
CA MET D 590 24.35 7.96 24.70
C MET D 590 25.55 8.65 24.08
N SER D 591 26.13 9.63 24.77
CA SER D 591 27.35 10.25 24.26
C SER D 591 28.48 9.24 24.14
N ARG D 592 28.48 8.23 24.99
CA ARG D 592 29.62 7.32 25.00
C ARG D 592 29.58 6.39 23.80
N CYS D 593 28.39 5.99 23.35
CA CYS D 593 28.28 4.85 22.45
C CYS D 593 29.06 5.07 21.17
N ALA D 594 28.73 6.15 20.45
CA ALA D 594 29.08 6.25 19.03
C ALA D 594 30.55 5.98 18.75
N LYS D 595 31.44 6.32 19.70
CA LYS D 595 32.87 6.12 19.46
C LYS D 595 33.16 4.70 19.02
N ASP D 596 32.39 3.75 19.52
CA ASP D 596 32.38 2.43 18.91
C ASP D 596 31.63 2.46 17.58
N LEU D 597 30.40 2.91 17.60
CA LEU D 597 29.50 2.67 16.47
C LEU D 597 29.74 3.65 15.33
N PHE D 598 29.90 4.94 15.65
CA PHE D 598 30.12 5.96 14.63
C PHE D 598 31.20 5.52 13.65
N GLY D 599 32.28 4.93 14.15
CA GLY D 599 33.29 4.38 13.27
C GLY D 599 32.92 2.97 12.83
N PHE D 600 31.98 2.33 13.52
CA PHE D 600 31.64 0.96 13.17
C PHE D 600 30.73 0.90 11.95
N ALA D 601 29.78 1.82 11.85
CA ALA D 601 28.64 1.64 10.96
C ALA D 601 29.06 1.31 9.55
N ILE D 602 30.31 1.57 9.19
CA ILE D 602 30.84 1.14 7.91
C ILE D 602 30.57 -0.34 7.69
N MET D 603 30.90 -1.17 8.69
CA MET D 603 30.87 -2.62 8.48
C MET D 603 29.53 -3.05 7.92
N PHE D 604 28.46 -2.72 8.62
CA PHE D 604 27.15 -2.82 8.02
C PHE D 604 27.12 -2.11 6.68
N PHE D 605 27.35 -0.80 6.71
CA PHE D 605 27.15 -0.01 5.51
C PHE D 605 27.93 -0.59 4.33
N ILE D 606 29.04 -1.27 4.60
CA ILE D 606 29.74 -1.98 3.55
C ILE D 606 28.86 -3.07 2.96
N ILE D 607 28.45 -4.03 3.80
CA ILE D 607 27.53 -5.07 3.34
C ILE D 607 26.24 -4.45 2.88
N PHE D 608 25.97 -3.22 3.30
CA PHE D 608 24.74 -2.56 2.90
C PHE D 608 24.82 -2.13 1.45
N LEU D 609 25.91 -1.49 1.06
CA LEU D 609 26.11 -1.21 -0.35
C LEU D 609 26.16 -2.49 -1.16
N ALA D 610 26.57 -3.59 -0.55
CA ALA D 610 26.71 -4.82 -1.28
C ALA D 610 25.44 -5.11 -2.06
N TYR D 611 24.39 -5.48 -1.33
CA TYR D 611 23.12 -5.74 -1.99
C TYR D 611 22.75 -4.62 -2.93
N ALA D 612 23.01 -3.38 -2.50
CA ALA D 612 22.69 -2.24 -3.34
C ALA D 612 23.28 -2.42 -4.72
N GLN D 613 24.60 -2.57 -4.80
CA GLN D 613 25.19 -2.74 -6.11
C GLN D 613 24.83 -4.09 -6.69
N LEU D 614 24.66 -5.10 -5.83
CA LEU D 614 24.11 -6.35 -6.32
C LEU D 614 22.75 -6.15 -6.93
N ALA D 615 21.98 -5.19 -6.45
CA ALA D 615 20.67 -4.98 -7.01
C ALA D 615 20.78 -4.41 -8.41
N TYR D 616 21.52 -3.32 -8.56
CA TYR D 616 21.57 -2.62 -9.84
C TYR D 616 21.86 -3.58 -10.98
N LEU D 617 22.97 -4.30 -10.87
CA LEU D 617 23.43 -5.15 -11.94
C LEU D 617 22.40 -6.21 -12.32
N VAL D 618 21.49 -6.53 -11.42
CA VAL D 618 20.60 -7.66 -11.63
C VAL D 618 19.27 -7.21 -12.19
N PHE D 619 18.53 -6.45 -11.40
CA PHE D 619 17.19 -6.02 -11.79
C PHE D 619 17.22 -4.74 -12.59
N GLY D 620 18.32 -4.01 -12.57
CA GLY D 620 18.34 -2.64 -13.02
C GLY D 620 17.83 -2.44 -14.43
N THR D 621 17.76 -3.48 -15.23
CA THR D 621 17.28 -3.33 -16.59
C THR D 621 15.79 -3.62 -16.72
N GLN D 622 15.12 -3.97 -15.64
CA GLN D 622 13.72 -4.33 -15.77
C GLN D 622 12.83 -3.62 -14.77
N VAL D 623 13.04 -3.85 -13.48
CA VAL D 623 12.28 -3.09 -12.51
C VAL D 623 12.67 -1.63 -12.61
N ASP D 624 11.67 -0.76 -12.44
CA ASP D 624 11.98 0.66 -12.44
C ASP D 624 12.64 1.09 -11.16
N ASP D 625 12.09 0.61 -10.04
CA ASP D 625 12.41 1.21 -8.75
C ASP D 625 13.91 1.33 -8.57
N PHE D 626 14.65 0.32 -9.00
CA PHE D 626 16.09 0.37 -8.84
C PHE D 626 16.69 1.38 -9.81
N SER D 627 16.44 1.22 -11.12
CA SER D 627 16.86 2.19 -12.14
C SER D 627 18.31 2.50 -11.75
N THR D 628 18.68 3.77 -11.65
CA THR D 628 20.06 4.13 -11.37
C THR D 628 20.63 3.44 -10.16
N PHE D 629 21.89 3.70 -9.86
CA PHE D 629 22.37 3.31 -8.56
C PHE D 629 21.94 4.31 -7.51
N GLN D 630 21.75 5.58 -7.90
CA GLN D 630 21.47 6.57 -6.88
C GLN D 630 20.07 6.42 -6.33
N GLU D 631 19.14 5.93 -7.14
CA GLU D 631 17.80 5.69 -6.62
C GLU D 631 17.69 4.35 -5.93
N CYS D 632 18.47 3.37 -6.37
CA CYS D 632 18.37 2.03 -5.80
C CYS D 632 19.07 1.91 -4.47
N ILE D 633 19.85 2.90 -4.07
CA ILE D 633 20.38 2.85 -2.72
C ILE D 633 19.27 3.04 -1.71
N PHE D 634 18.22 3.76 -2.07
CA PHE D 634 17.15 3.99 -1.10
C PHE D 634 16.29 2.76 -0.94
N THR D 635 15.90 2.15 -2.05
CA THR D 635 14.94 1.06 -1.97
C THR D 635 15.38 0.02 -0.98
N GLN D 636 16.68 -0.23 -0.85
CA GLN D 636 16.99 -1.22 0.15
C GLN D 636 16.87 -0.66 1.57
N PHE D 637 16.59 0.64 1.74
CA PHE D 637 15.97 1.07 2.98
C PHE D 637 14.49 0.80 2.95
N ARG D 638 13.80 1.42 2.01
CA ARG D 638 12.35 1.39 1.93
C ARG D 638 11.80 -0.02 2.07
N ILE D 639 12.59 -1.04 1.79
CA ILE D 639 12.17 -2.39 2.11
C ILE D 639 12.41 -2.72 3.58
N ILE D 640 13.48 -2.22 4.18
CA ILE D 640 13.72 -2.59 5.57
C ILE D 640 12.58 -2.09 6.46
N LEU D 641 12.24 -0.80 6.37
CA LEU D 641 11.01 -0.38 6.99
C LEU D 641 9.83 -1.13 6.41
N GLY D 642 9.92 -1.43 5.14
CA GLY D 642 8.92 -2.14 4.38
C GLY D 642 8.05 -1.25 3.53
N ASP D 643 7.93 -1.69 2.30
CA ASP D 643 7.08 -1.21 1.24
C ASP D 643 7.52 -2.06 0.06
N ILE D 644 6.69 -2.25 -0.93
CA ILE D 644 6.82 -3.43 -1.76
C ILE D 644 6.59 -3.13 -3.23
N ASN D 645 7.61 -3.36 -4.02
CA ASN D 645 7.43 -3.71 -5.42
C ASN D 645 7.47 -5.22 -5.61
N PHE D 646 7.58 -5.96 -4.52
CA PHE D 646 7.82 -7.40 -4.59
C PHE D 646 6.77 -8.10 -5.41
N ALA D 647 5.67 -7.41 -5.72
CA ALA D 647 4.75 -7.91 -6.72
C ALA D 647 5.49 -8.28 -8.00
N GLU D 648 6.22 -7.33 -8.58
CA GLU D 648 6.89 -7.58 -9.85
C GLU D 648 8.36 -7.96 -9.70
N ILE D 649 8.86 -8.12 -8.49
CA ILE D 649 10.20 -8.67 -8.38
C ILE D 649 10.28 -10.07 -8.98
N GLU D 650 9.35 -10.96 -8.60
CA GLU D 650 9.33 -12.27 -9.25
C GLU D 650 9.31 -12.13 -10.76
N GLU D 651 8.35 -11.34 -11.26
CA GLU D 651 8.21 -11.15 -12.69
C GLU D 651 9.52 -10.73 -13.35
N ALA D 652 10.44 -10.16 -12.58
CA ALA D 652 11.73 -9.80 -13.13
C ALA D 652 12.60 -11.02 -13.34
N ASN D 653 13.12 -11.62 -12.26
CA ASN D 653 13.96 -12.81 -12.40
C ASN D 653 13.57 -13.82 -11.34
N ARG D 654 13.08 -14.98 -11.78
CA ARG D 654 12.45 -15.89 -10.84
C ARG D 654 13.45 -16.52 -9.89
N VAL D 655 14.64 -16.85 -10.38
CA VAL D 655 15.57 -17.50 -9.46
C VAL D 655 16.24 -16.47 -8.56
N LEU D 656 16.41 -15.25 -9.04
CA LEU D 656 17.13 -14.23 -8.26
C LEU D 656 16.24 -13.49 -7.29
N GLY D 657 15.27 -12.74 -7.82
CA GLY D 657 14.52 -11.80 -7.04
C GLY D 657 14.09 -12.39 -5.71
N PRO D 658 13.66 -13.64 -5.72
CA PRO D 658 13.53 -14.35 -4.46
C PRO D 658 14.82 -14.39 -3.68
N ILE D 659 15.92 -14.83 -4.29
CA ILE D 659 17.06 -15.19 -3.47
C ILE D 659 17.79 -13.96 -2.98
N TYR D 660 17.82 -12.91 -3.79
CA TYR D 660 18.22 -11.62 -3.26
C TYR D 660 17.35 -11.27 -2.07
N PHE D 661 16.07 -11.04 -2.34
CA PHE D 661 15.16 -10.60 -1.31
C PHE D 661 15.21 -11.48 -0.09
N THR D 662 15.04 -12.79 -0.29
CA THR D 662 14.97 -13.70 0.85
C THR D 662 16.17 -13.54 1.76
N THR D 663 17.37 -13.63 1.19
CA THR D 663 18.56 -13.47 2.00
C THR D 663 18.60 -12.09 2.63
N PHE D 664 18.35 -11.06 1.84
CA PHE D 664 18.52 -9.70 2.33
C PHE D 664 17.71 -9.45 3.58
N VAL D 665 16.40 -9.63 3.47
CA VAL D 665 15.59 -9.47 4.66
C VAL D 665 16.10 -10.37 5.77
N PHE D 666 16.61 -11.54 5.40
CA PHE D 666 17.15 -12.37 6.46
C PHE D 666 18.32 -11.67 7.12
N PHE D 667 19.45 -11.54 6.41
CA PHE D 667 20.63 -10.94 7.03
C PHE D 667 20.39 -9.53 7.50
N MET D 668 20.21 -8.59 6.57
CA MET D 668 20.14 -7.18 6.91
C MET D 668 19.16 -6.94 8.04
N PHE D 669 17.99 -7.58 7.98
CA PHE D 669 17.04 -7.37 9.04
C PHE D 669 17.35 -8.21 10.27
N PHE D 670 18.15 -9.26 10.13
CA PHE D 670 18.65 -9.92 11.32
C PHE D 670 20.09 -9.56 11.67
N ILE D 671 20.80 -8.79 10.84
CA ILE D 671 22.06 -8.19 11.28
C ILE D 671 21.83 -6.86 11.98
N LEU D 672 20.89 -6.04 11.52
CA LEU D 672 20.68 -4.75 12.15
C LEU D 672 20.35 -4.95 13.61
N LEU D 673 19.61 -6.01 13.91
CA LEU D 673 19.45 -6.50 15.25
C LEU D 673 20.83 -6.53 15.89
N ASN D 674 21.68 -7.38 15.33
CA ASN D 674 22.88 -7.85 16.00
C ASN D 674 23.74 -6.70 16.50
N MET D 675 24.42 -6.02 15.59
CA MET D 675 25.40 -5.04 16.02
C MET D 675 24.77 -3.97 16.87
N PHE D 676 23.64 -3.42 16.42
CA PHE D 676 23.06 -2.27 17.09
C PHE D 676 22.73 -2.57 18.54
N LEU D 677 21.71 -3.39 18.75
CA LEU D 677 21.05 -3.43 20.05
C LEU D 677 22.01 -3.79 21.16
N ALA D 678 22.72 -4.90 21.00
CA ALA D 678 23.69 -5.29 22.01
C ALA D 678 24.68 -4.17 22.28
N ILE D 679 25.46 -3.81 21.25
CA ILE D 679 26.45 -2.76 21.38
C ILE D 679 25.82 -1.48 21.86
N ILE D 680 24.51 -1.32 21.65
CA ILE D 680 23.77 -0.32 22.38
C ILE D 680 23.62 -0.71 23.84
N ASN D 681 23.12 -1.92 24.09
CA ASN D 681 22.70 -2.32 25.42
C ASN D 681 23.84 -2.25 26.41
N ASP D 682 24.92 -2.97 26.12
CA ASP D 682 26.06 -3.10 27.01
C ASP D 682 26.48 -1.78 27.63
N THR D 683 26.97 -0.88 26.77
CA THR D 683 27.59 0.35 27.23
C THR D 683 26.74 1.05 28.26
N TYR D 684 25.44 1.15 27.99
CA TYR D 684 24.58 1.81 28.96
C TYR D 684 24.56 1.04 30.27
N SER D 685 24.43 -0.29 30.19
CA SER D 685 24.50 -1.09 31.40
C SER D 685 25.80 -0.84 32.13
N GLU D 686 26.89 -0.64 31.38
CA GLU D 686 28.16 -0.35 32.02
C GLU D 686 28.15 1.04 32.64
N VAL D 687 27.83 2.07 31.84
CA VAL D 687 27.97 3.43 32.32
C VAL D 687 26.95 3.73 33.40
N LYS D 688 25.70 3.28 33.23
CA LYS D 688 24.76 3.42 34.33
C LYS D 688 25.26 2.72 35.57
N SER D 689 25.94 1.59 35.40
CA SER D 689 26.65 1.00 36.51
C SER D 689 27.92 1.77 36.83
N ASP D 690 28.48 2.48 35.85
CA ASP D 690 29.67 3.28 36.14
C ASP D 690 29.31 4.53 36.93
N LEU D 691 28.22 5.19 36.57
CA LEU D 691 27.73 6.25 37.43
C LEU D 691 27.23 5.70 38.75
N ALA D 692 26.94 4.41 38.80
CA ALA D 692 26.71 3.76 40.09
C ALA D 692 28.02 3.47 40.80
N GLN D 693 29.10 3.22 40.07
CA GLN D 693 30.37 2.91 40.69
C GLN D 693 31.19 4.16 40.99
N GLN D 694 30.67 5.35 40.71
CA GLN D 694 31.15 6.54 41.40
C GLN D 694 30.35 6.80 42.66
N LYS D 695 29.24 6.09 42.86
CA LYS D 695 28.41 6.26 44.03
C LYS D 695 28.91 5.38 45.17
C1 NAG E . -35.10 29.41 17.10
C2 NAG E . -35.77 29.96 15.85
C3 NAG E . -36.98 30.79 16.25
C4 NAG E . -37.95 29.95 17.08
C5 NAG E . -37.22 29.34 18.28
C6 NAG E . -38.08 28.38 19.06
C7 NAG E . -34.83 30.72 13.73
C8 NAG E . -33.84 31.61 13.06
N2 NAG E . -34.85 30.75 15.06
O3 NAG E . -37.64 31.27 15.08
O4 NAG E . -39.00 30.80 17.53
O5 NAG E . -36.05 28.62 17.86
O6 NAG E . -37.46 27.99 20.28
O7 NAG E . -35.58 29.99 13.09
C1 NAG E . -40.36 30.72 16.97
C2 NAG E . -40.69 29.67 15.85
C3 NAG E . -42.20 29.60 15.62
C4 NAG E . -42.96 29.38 16.93
C5 NAG E . -42.60 30.49 17.91
C6 NAG E . -43.27 30.31 19.25
C7 NAG E . -39.47 29.05 13.83
C8 NAG E . -38.83 29.54 12.56
N2 NAG E . -40.03 29.99 14.59
O3 NAG E . -42.48 28.53 14.72
O4 NAG E . -44.36 29.44 16.68
O5 NAG E . -41.18 30.45 18.15
O6 NAG E . -42.32 29.98 20.27
O7 NAG E . -39.46 27.88 14.15
C1 NAG F . -34.44 -34.67 -0.48
C2 NAG F . -35.49 -34.15 -1.46
C3 NAG F . -36.56 -35.21 -1.68
C4 NAG F . -35.93 -36.51 -2.16
C5 NAG F . -34.83 -36.95 -1.20
C6 NAG F . -34.06 -38.15 -1.71
C7 NAG F . -36.39 -31.91 -1.81
C8 NAG F . -37.02 -30.71 -1.17
N2 NAG F . -36.09 -32.92 -0.99
O3 NAG F . -37.52 -34.74 -2.62
O4 NAG F . -36.94 -37.50 -2.24
O5 NAG F . -33.87 -35.90 -0.99
O6 NAG F . -33.18 -38.67 -0.72
O7 NAG F . -36.15 -31.95 -3.02
C1 NAG F . -37.48 -37.98 -3.51
C2 NAG F . -36.94 -37.41 -4.86
C3 NAG F . -37.45 -38.25 -6.04
C4 NAG F . -37.19 -39.72 -5.84
C5 NAG F . -37.81 -40.18 -4.53
C6 NAG F . -37.55 -41.63 -4.22
C7 NAG F . -36.46 -35.12 -5.54
C8 NAG F . -36.99 -33.71 -5.69
N2 NAG F . -37.30 -36.02 -5.05
O3 NAG F . -36.82 -37.80 -7.23
O4 NAG F . -37.79 -40.47 -6.89
O5 NAG F . -37.24 -39.42 -3.45
O6 NAG F . -36.67 -41.79 -3.11
O7 NAG F . -35.30 -35.40 -5.85
C1 NAG G . 19.17 -23.79 -38.15
C2 NAG G . 18.09 -23.72 -39.23
C3 NAG G . 18.61 -24.30 -40.52
C4 NAG G . 19.89 -23.58 -40.96
C5 NAG G . 20.92 -23.60 -39.83
C6 NAG G . 22.13 -22.76 -40.14
C7 NAG G . 15.66 -23.95 -39.07
C8 NAG G . 14.53 -24.80 -38.59
N2 NAG G . 16.89 -24.41 -38.81
O3 NAG G . 17.62 -24.22 -41.53
O4 NAG G . 20.41 -24.24 -42.11
O5 NAG G . 20.35 -23.09 -38.61
O6 NAG G . 23.16 -22.94 -39.17
O7 NAG G . 15.48 -22.90 -39.66
C1 NAG G . 20.32 -23.65 -43.45
C2 NAG G . 19.66 -22.25 -43.66
C3 NAG G . 19.92 -21.73 -45.08
C4 NAG G . 21.40 -21.78 -45.42
C5 NAG G . 21.94 -23.19 -45.22
C6 NAG G . 23.41 -23.30 -45.49
C7 NAG G . 17.58 -21.32 -42.77
C8 NAG G . 16.09 -21.51 -42.61
N2 NAG G . 18.22 -22.29 -43.43
O3 NAG G . 19.44 -20.40 -45.18
O4 NAG G . 21.59 -21.41 -46.78
O5 NAG G . 21.72 -23.58 -43.86
O6 NAG G . 24.14 -23.56 -44.30
O7 NAG G . 18.15 -20.35 -42.31
C1 NAG H . 18.56 40.26 -20.53
C2 NAG H . 17.86 40.37 -21.86
C3 NAG H . 18.24 41.66 -22.55
C4 NAG H . 17.92 42.85 -21.66
C5 NAG H . 18.58 42.68 -20.29
C6 NAG H . 18.17 43.74 -19.30
C7 NAG H . 17.25 38.64 -23.50
C8 NAG H . 17.74 37.50 -24.33
N2 NAG H . 18.17 39.23 -22.72
O3 NAG H . 17.56 41.77 -23.80
O4 NAG H . 18.41 44.03 -22.29
O5 NAG H . 18.23 41.41 -19.71
O6 NAG H . 18.95 43.68 -18.11
O7 NAG H . 16.09 39.02 -23.53
C1 NAG H . 17.52 45.02 -22.91
C2 NAG H . 15.96 44.80 -22.89
C3 NAG H . 15.24 46.07 -23.34
C4 NAG H . 15.71 47.29 -22.58
C5 NAG H . 17.21 47.43 -22.72
C6 NAG H . 17.77 48.60 -21.94
C7 NAG H . 14.62 42.80 -23.35
C8 NAG H . 14.32 41.71 -24.31
N2 NAG H . 15.55 43.68 -23.72
O3 NAG H . 13.84 45.89 -23.17
O4 NAG H . 15.10 48.46 -23.12
O5 NAG H . 17.85 46.25 -22.19
O6 NAG H . 18.56 48.16 -20.83
O7 NAG H . 14.06 42.88 -22.26
C1 NAG I . -15.01 46.48 -4.64
C2 NAG I . -15.10 47.99 -4.41
C3 NAG I . -14.17 48.72 -5.37
C4 NAG I . -12.75 48.17 -5.26
C5 NAG I . -12.73 46.65 -5.40
C6 NAG I . -11.36 46.06 -5.14
C7 NAG I . -17.17 49.00 -3.57
C8 NAG I . -18.56 49.44 -3.90
N2 NAG I . -16.46 48.46 -4.56
O3 NAG I . -14.18 50.11 -5.07
O4 NAG I . -11.96 48.76 -6.29
O5 NAG I . -13.65 46.05 -4.47
O6 NAG I . -11.34 45.08 -4.11
O7 NAG I . -16.70 49.12 -2.44
C1 NAG J . -36.95 38.25 -5.49
C2 NAG J . -35.64 37.91 -6.20
C3 NAG J . -35.81 38.05 -7.72
C4 NAG J . -37.03 37.27 -8.22
C5 NAG J . -38.26 37.64 -7.39
C6 NAG J . -39.48 36.81 -7.74
C7 NAG J . -33.68 39.34 -6.55
C8 NAG J . -32.62 40.17 -5.88
N2 NAG J . -34.55 38.75 -5.73
O3 NAG J . -34.64 37.55 -8.38
O4 NAG J . -37.28 37.60 -9.58
O5 NAG J . -38.00 37.41 -6.00
O6 NAG J . -39.54 36.54 -9.13
O7 NAG J . -33.73 39.21 -7.76
C1 NAG K . -48.65 5.92 -10.15
C2 NAG K . -48.43 6.37 -11.59
C3 NAG K . -47.87 7.79 -11.59
C4 NAG K . -48.72 8.73 -10.73
C5 NAG K . -49.03 8.12 -9.35
C6 NAG K . -50.03 8.91 -8.55
C7 NAG K . -48.01 4.39 -12.98
C8 NAG K . -46.97 3.57 -13.67
N2 NAG K . -47.57 5.47 -12.31
O3 NAG K . -47.79 8.29 -12.91
O4 NAG K . -48.02 9.96 -10.52
O5 NAG K . -49.56 6.78 -9.50
O6 NAG K . -49.55 9.17 -7.24
O7 NAG K . -49.20 4.12 -13.02
O1 PX6 L . -15.40 17.24 14.41
O2 PX6 L . -16.18 19.68 14.74
P1 PX6 L . -15.86 18.20 15.41
O3 PX6 L . -17.08 17.57 15.88
O4 PX6 L . -14.77 18.35 16.64
C1 PX6 L . -14.85 19.47 17.49
C2 PX6 L . -14.09 19.09 18.77
C3 PX6 L . -13.89 20.29 19.68
O5 PX6 L . -14.21 20.44 21.05
C4 PX6 L . -13.30 21.21 21.82
O6 PX6 L . -12.50 21.92 21.27
C5 PX6 L . -13.35 21.16 23.35
C6 PX6 L . -11.94 21.32 23.99
C7 PX6 L . -10.98 20.19 23.54
C8 PX6 L . -9.51 20.66 23.60
C9 PX6 L . -8.50 19.58 23.12
C10 PX6 L . -7.81 18.85 24.32
C11 PX6 L . -6.58 18.03 23.87
C12 PX6 L . -5.68 17.57 25.06
C13 PX6 L . -4.22 17.31 24.62
C14 PX6 L . -3.36 16.65 25.73
C15 PX6 L . -3.21 17.58 26.97
O7 PX6 L . -14.87 18.16 19.45
C20 PX6 L . -14.39 16.84 19.36
O8 PX6 L . -14.09 16.38 18.32
C21 PX6 L . -14.29 16.00 20.66
C22 PX6 L . -13.38 16.66 21.72
C23 PX6 L . -12.70 15.63 22.65
C24 PX6 L . -13.00 15.91 24.14
C25 PX6 L . -11.71 16.23 24.93
C26 PX6 L . -10.50 15.43 24.40
C27 PX6 L . -10.48 13.98 24.96
C28 PX6 L . -11.20 13.89 26.33
C29 PX6 L . -10.21 13.71 27.51
C30 PX6 L . -8.91 14.51 27.31
C31 PX6 L . -7.69 13.55 27.19
C32 PX6 L . -7.75 12.46 28.28
C33 PX6 L . -7.53 13.06 29.68
C34 PX6 L . -6.06 12.89 30.11
C35 PX6 L . -5.51 11.50 29.73
C1 PLM M . 0.31 0.20 34.93
O1 PLM M . -0.39 -0.24 33.99
O2 PLM M . 1.37 -0.40 35.25
C2 PLM M . -0.11 1.45 35.71
C3 PLM M . 0.12 2.73 34.92
C4 PLM M . -0.70 2.81 33.64
C5 PLM M . 0.19 3.00 32.42
C6 PLM M . -0.22 2.09 31.27
C7 PLM M . -0.46 2.85 29.97
C8 PLM M . -1.78 3.60 29.99
C9 PLM M . -1.57 5.11 30.04
CA PLM M . -2.89 5.86 30.07
CB PLM M . -2.80 7.22 29.38
CC PLM M . -2.99 7.10 27.87
CD PLM M . -3.90 5.94 27.48
CE PLM M . -4.80 6.29 26.30
CF PLM M . -5.29 7.73 26.36
CG PLM M . -6.30 8.04 25.28
C1 PLM N . -5.68 20.24 16.80
O1 PLM N . -6.06 20.67 15.68
O2 PLM N . -6.31 20.54 17.84
C2 PLM N . -4.45 19.36 16.88
C3 PLM N . -4.83 17.90 17.03
C4 PLM N . -3.75 17.16 17.78
C5 PLM N . -3.65 17.68 19.19
C6 PLM N . -2.47 17.05 19.91
C7 PLM N . -2.14 15.69 19.30
C8 PLM N . -0.71 15.29 19.58
C9 PLM N . -0.58 14.70 20.97
CA PLM N . 0.81 14.16 21.18
CB PLM N . 0.90 13.29 22.43
CC PLM N . 2.31 12.75 22.63
CD PLM N . 2.32 11.58 23.60
CE PLM N . 3.74 11.15 23.96
CF PLM N . 3.74 10.18 25.14
CG PLM N . 4.48 10.76 26.36
C1 PLM O . -0.94 24.41 15.02
O1 PLM O . -2.11 24.36 14.55
O2 PLM O . -0.23 25.43 14.81
C2 PLM O . -0.40 23.25 15.84
C3 PLM O . -0.91 23.29 17.28
C4 PLM O . -0.24 22.24 18.14
C5 PLM O . 1.27 22.45 18.21
C6 PLM O . 1.95 21.44 19.14
C7 PLM O . 1.14 20.17 19.29
C8 PLM O . 1.72 19.28 20.38
C9 PLM O . 3.22 19.08 20.20
CA PLM O . 3.96 19.01 21.53
CB PLM O . 3.45 17.87 22.41
CC PLM O . 4.18 17.83 23.75
CD PLM O . 3.90 16.52 24.51
CE PLM O . 5.07 16.12 25.40
CF PLM O . 5.07 14.62 25.71
CG PLM O . 6.42 14.15 26.26
N CHS P . -16.57 -8.17 23.07
CA CHS P . -17.35 -8.15 24.28
CB CHS P . -16.44 -7.87 25.46
CG CHS P . -15.20 -8.77 25.42
CD1 CHS P . -14.38 -8.53 26.68
CD2 CHS P . -15.61 -10.23 25.36
CE1 CHS P . -13.16 -9.43 26.73
CE2 CHS P . -14.39 -11.14 25.37
CZ CHS P . -13.55 -10.90 26.62
CH CHS P . -18.39 -7.06 24.13
OH CHS P . -17.72 -5.80 24.10
CM CHS P . -19.18 -7.23 22.85
C CHS P . -19.63 -5.89 22.34
O CHS P . -19.36 -4.87 23.00
OXT CHS P . -20.26 -5.84 21.26
N CHS Q . -22.35 -9.25 29.51
CA CHS Q . -21.55 -8.38 28.66
CB CHS Q . -20.42 -9.18 28.03
CG CHS Q . -19.15 -9.22 28.86
CD1 CHS Q . -19.17 -8.22 30.00
CD2 CHS Q . -18.94 -10.61 29.45
CE1 CHS Q . -17.85 -8.26 30.75
CE2 CHS Q . -17.63 -10.68 30.22
CZ CHS Q . -17.61 -9.64 31.33
CH CHS Q . -22.45 -7.81 27.57
OH CHS Q . -21.78 -6.72 26.92
CM CHS Q . -22.80 -8.87 26.53
C CHS Q . -23.37 -8.19 25.31
O CHS Q . -23.48 -6.95 25.31
OXT CHS Q . -23.70 -8.90 24.34
CA CA R . 21.41 -7.56 28.31
CA CA S . 1.85 -0.66 2.47
CA CA T . 10.20 -3.63 13.50
CA CA U . 12.92 -4.55 17.13
C1 NAG V . -48.37 -4.34 6.86
C2 NAG V . -49.70 -4.50 7.58
C3 NAG V . -50.28 -3.13 7.92
C4 NAG V . -49.28 -2.31 8.72
C5 NAG V . -47.92 -2.26 7.98
C6 NAG V . -46.85 -1.57 8.81
C7 NAG V . -51.12 -6.45 7.16
C8 NAG V . -52.09 -7.11 6.21
N2 NAG V . -50.65 -5.26 6.78
O3 NAG V . -51.47 -3.31 8.69
O4 NAG V . -49.79 -0.99 8.85
O5 NAG V . -47.45 -3.58 7.69
O6 NAG V . -45.70 -2.37 9.03
O7 NAG V . -50.79 -6.99 8.21
C1 NAG W . -48.75 -18.56 -11.79
C2 NAG W . -48.16 -17.17 -11.49
C3 NAG W . -48.72 -16.14 -12.48
C4 NAG W . -48.58 -16.61 -13.92
C5 NAG W . -49.12 -18.02 -14.08
C6 NAG W . -48.89 -18.60 -15.46
C7 NAG W . -48.85 -15.55 -9.79
C8 NAG W . -49.08 -15.31 -8.32
N2 NAG W . -48.42 -16.77 -10.12
O3 NAG W . -48.03 -14.90 -12.31
O4 NAG W . -49.30 -15.73 -14.78
O5 NAG W . -48.48 -18.91 -13.15
O6 NAG W . -49.01 -17.61 -16.47
O7 NAG W . -49.07 -14.68 -10.62
C1 NAG X . -24.75 -24.23 -36.20
C2 NAG X . -25.45 -23.00 -36.74
C3 NAG X . -26.53 -22.56 -35.75
C4 NAG X . -27.45 -23.73 -35.39
C5 NAG X . -26.67 -24.99 -35.02
C6 NAG X . -27.52 -26.22 -34.87
C7 NAG X . -23.86 -21.77 -38.14
C8 NAG X . -22.92 -20.60 -38.23
N2 NAG X . -24.51 -21.93 -36.98
O3 NAG X . -27.28 -21.49 -36.30
O4 NAG X . -28.27 -23.37 -34.28
O5 NAG X . -25.69 -25.30 -36.03
O6 NAG X . -27.27 -26.86 -33.63
O7 NAG X . -24.04 -22.53 -39.09
O1 PX6 Y . -17.34 -20.21 5.83
O2 PX6 Y . -19.72 -20.87 6.56
P1 PX6 Y . -18.11 -21.22 6.54
O3 PX6 Y . -17.84 -22.40 5.72
O4 PX6 Y . -17.54 -21.44 8.07
C1 PX6 Y . -18.36 -22.04 9.04
C2 PX6 Y . -17.44 -22.54 10.14
C3 PX6 Y . -18.24 -23.06 11.35
O5 PX6 Y . -18.09 -24.27 12.05
C4 PX6 Y . -18.36 -24.21 13.43
O6 PX6 Y . -18.84 -23.24 13.92
C5 PX6 Y . -18.04 -25.43 14.33
C6 PX6 Y . -17.47 -25.00 15.71
C7 PX6 Y . -16.23 -24.11 15.58
C8 PX6 Y . -16.12 -23.12 16.78
C9 PX6 Y . -14.90 -22.17 16.69
C10 PX6 Y . -13.72 -22.65 17.59
C11 PX6 Y . -12.66 -21.53 17.81
C12 PX6 Y . -11.63 -21.88 18.92
C13 PX6 Y . -10.97 -20.61 19.51
C14 PX6 Y . -9.80 -20.93 20.46
C15 PX6 Y . -10.27 -21.66 21.73
O7 PX6 Y . -16.71 -23.60 9.63
C20 PX6 Y . -15.36 -23.27 9.36
O8 PX6 Y . -15.08 -22.28 8.78
C21 PX6 Y . -14.26 -24.25 9.84
C22 PX6 Y . -14.29 -24.46 11.38
C23 PX6 Y . -12.89 -24.74 11.97
C24 PX6 Y . -12.88 -26.03 12.82
C25 PX6 Y . -12.50 -25.74 14.29
C26 PX6 Y . -11.49 -24.58 14.39
C27 PX6 Y . -10.04 -25.06 14.14
C28 PX6 Y . -9.86 -26.56 14.45
C29 PX6 Y . -9.08 -26.82 15.76
C30 PX6 Y . -9.37 -25.75 16.84
C31 PX6 Y . -8.10 -24.92 17.17
C32 PX6 Y . -6.88 -25.86 17.32
C33 PX6 Y . -7.00 -26.72 18.59
C34 PX6 Y . -6.26 -26.05 19.77
C35 PX6 Y . -4.91 -25.45 19.31
C1 PLM Z . 8.64 -26.07 21.58
O1 PLM Z . 8.56 -25.86 20.33
O2 PLM Z . 9.61 -25.62 22.22
C2 PLM Z . 7.56 -26.89 22.29
C3 PLM Z . 6.28 -26.09 22.51
C4 PLM Z . 5.61 -25.65 21.21
C5 PLM Z . 5.50 -24.14 21.13
C6 PLM Z . 5.84 -23.62 19.73
C7 PLM Z . 4.72 -22.76 19.15
C8 PLM Z . 3.58 -23.61 18.60
C9 PLM Z . 2.33 -23.46 19.46
CA PLM Z . 1.17 -24.28 18.91
CB PLM Z . -0.17 -23.61 19.13
CC PLM Z . -0.52 -22.62 18.02
CD PLM Z . 0.13 -22.97 16.69
CE PLM Z . -0.77 -22.67 15.50
CF PLM Z . -2.23 -22.98 15.81
CG PLM Z . -3.12 -22.81 14.59
C1 PLM AA . -16.10 -15.49 15.05
O1 PLM AA . -16.89 -14.88 14.30
O2 PLM AA . -16.33 -16.68 15.39
C2 PLM AA . -14.86 -14.79 15.58
C3 PLM AA . -13.64 -15.16 14.76
C4 PLM AA . -12.40 -15.08 15.61
C5 PLM AA . -12.49 -16.08 16.75
C6 PLM AA . -11.32 -15.89 17.71
C7 PLM AA . -10.15 -15.25 17.00
C8 PLM AA . -9.23 -14.54 17.97
C9 PLM AA . -8.29 -15.52 18.64
CA PLM AA . -7.25 -14.78 19.45
CB PLM AA . -6.13 -15.70 19.91
CC PLM AA . -5.10 -14.95 20.74
CD PLM AA . -3.78 -15.72 20.82
CE PLM AA . -2.85 -15.12 21.87
CF PLM AA . -1.73 -16.10 22.23
CG PLM AA . -1.70 -16.42 23.73
C1 PLM BA . -18.68 -10.83 18.92
O1 PLM BA . -19.16 -11.27 17.86
O2 PLM BA . -19.39 -10.16 19.71
C2 PLM BA . -17.22 -11.13 19.29
C3 PLM BA . -17.05 -12.54 19.84
C4 PLM BA . -15.62 -12.77 20.32
C5 PLM BA . -15.36 -12.09 21.65
C6 PLM BA . -13.88 -12.01 21.97
C7 PLM BA . -13.04 -12.95 21.11
C8 PLM BA . -11.81 -13.42 21.86
C9 PLM BA . -11.10 -12.27 22.57
CA PLM BA . -10.40 -12.74 23.85
CB PLM BA . -9.39 -13.84 23.58
CC PLM BA . -8.74 -14.35 24.87
CD PLM BA . -7.49 -15.18 24.60
CE PLM BA . -6.48 -15.09 25.75
CF PLM BA . -5.06 -15.38 25.28
CG PLM BA . -4.02 -14.93 26.31
N CHS CA . 7.40 -28.60 -0.53
CA CHS CA . 7.40 -30.03 -0.30
CB CHS CA . 7.77 -30.30 1.15
CG CHS CA . 8.98 -29.50 1.57
CD1 CHS CA . 9.37 -29.90 2.99
CD2 CHS CA . 10.15 -29.79 0.64
CE1 CHS CA . 10.63 -29.17 3.45
CE2 CHS CA . 11.40 -29.04 1.09
CZ CHS CA . 11.79 -29.42 2.50
CH CHS CA . 6.02 -30.56 -0.62
OH CHS CA . 5.11 -30.04 0.35
CM CHS CA . 5.58 -30.10 -2.00
C CHS CA . 4.08 -29.97 -2.04
O CHS CA . 3.41 -30.25 -1.02
OXT CHS CA . 3.54 -29.56 -3.10
N CHS DA . 7.88 -37.34 -0.90
CA CHS DA . 7.24 -36.10 -0.52
CB CHS DA . 8.27 -34.99 -0.51
CG CHS DA . 8.92 -34.73 0.84
CD1 CHS DA . 8.30 -35.59 1.94
CD2 CHS DA . 10.41 -35.02 0.76
CE1 CHS DA . 8.95 -35.24 3.26
CE2 CHS DA . 11.09 -34.73 2.09
CZ CHS DA . 10.45 -35.53 3.22
CH CHS DA . 6.13 -35.80 -1.51
OH CHS DA . 5.28 -34.78 -0.99
CM CHS DA . 6.71 -35.34 -2.85
C CHS DA . 5.60 -34.75 -3.69
O CHS DA . 4.43 -34.77 -3.24
OXT CHS DA . 5.89 -34.29 -4.81
CA CA EA . 7.67 -2.73 10.15
C1 NAG FA . -11.16 -37.23 -29.95
C2 NAG FA . -11.29 -38.66 -30.48
C3 NAG FA . -12.64 -39.25 -30.07
C4 NAG FA . -12.83 -39.13 -28.56
C5 NAG FA . -12.60 -37.71 -28.07
C6 NAG FA . -12.62 -37.59 -26.56
C7 NAG FA . -10.13 -39.35 -32.52
C8 NAG FA . -10.12 -39.31 -34.02
N2 NAG FA . -11.13 -38.71 -31.92
O3 NAG FA . -12.70 -40.61 -30.46
O4 NAG FA . -14.16 -39.52 -28.25
O5 NAG FA . -11.31 -37.23 -28.52
O6 NAG FA . -11.45 -37.02 -26.00
O7 NAG FA . -9.26 -39.94 -31.89
C1 NAG GA . -3.23 -24.04 -47.65
C2 NAG GA . -4.21 -23.83 -46.49
C3 NAG GA . -5.59 -23.42 -47.02
C4 NAG GA . -5.48 -22.26 -48.01
C5 NAG GA . -4.42 -22.55 -49.07
C6 NAG GA . -4.18 -21.38 -50.00
C7 NAG GA . -5.47 -25.51 -45.22
C8 NAG GA . -5.39 -26.74 -44.38
N2 NAG GA . -4.30 -25.01 -45.66
O3 NAG GA . -6.42 -23.04 -45.92
O4 NAG GA . -6.74 -22.04 -48.62
O5 NAG GA . -3.17 -22.86 -48.45
O6 NAG GA . -5.38 -20.66 -50.27
O7 NAG GA . -6.55 -24.97 -45.49
C1 NAG HA . 4.00 9.87 -48.91
C2 NAG HA . 2.50 9.87 -49.18
C3 NAG HA . 1.99 8.43 -49.11
C4 NAG HA . 2.80 7.50 -50.01
C5 NAG HA . 4.31 7.69 -49.79
C6 NAG HA . 5.16 6.96 -50.81
C7 NAG HA . 1.58 12.02 -48.44
C8 NAG HA . 0.84 12.75 -47.36
N2 NAG HA . 1.80 10.71 -48.24
O3 NAG HA . 0.60 8.39 -49.48
O4 NAG HA . 2.48 6.14 -49.73
O5 NAG HA . 4.66 9.08 -49.89
O6 NAG HA . 6.14 6.16 -50.17
O7 NAG HA . 1.97 12.58 -49.46
O1 PX6 IA . 13.68 -16.66 -16.66
O2 PX6 IA . 13.63 -18.80 -18.10
P1 PX6 IA . 14.50 -17.74 -17.18
O3 PX6 IA . 15.46 -17.01 -17.99
O4 PX6 IA . 15.26 -18.54 -15.95
C1 PX6 IA . 15.79 -19.83 -16.18
C2 PX6 IA . 16.83 -20.08 -15.10
C3 PX6 IA . 17.32 -21.54 -15.12
O5 PX6 IA . 18.65 -22.02 -15.11
C4 PX6 IA . 18.85 -23.23 -14.42
O6 PX6 IA . 17.92 -23.87 -14.03
C5 PX6 IA . 20.29 -23.74 -14.17
C6 PX6 IA . 20.44 -24.40 -12.78
C7 PX6 IA . 20.03 -23.44 -11.64
C8 PX6 IA . 19.49 -24.22 -10.41
C9 PX6 IA . 19.03 -23.31 -9.24
C10 PX6 IA . 20.09 -23.24 -8.11
C11 PX6 IA . 19.50 -22.66 -6.80
C12 PX6 IA . 20.45 -22.83 -5.57
C13 PX6 IA . 19.68 -22.80 -4.23
C14 PX6 IA . 20.61 -22.75 -3.00
C15 PX6 IA . 21.44 -24.05 -2.86
O7 PX6 IA . 17.91 -19.26 -15.37
C20 PX6 IA . 18.03 -18.16 -14.50
O8 PX6 IA . 17.08 -17.49 -14.25
C21 PX6 IA . 19.41 -17.84 -13.90
C22 PX6 IA . 19.97 -19.01 -13.06
C23 PX6 IA . 20.87 -18.54 -11.90
C24 PX6 IA . 22.25 -19.23 -11.92
C25 PX6 IA . 22.48 -20.09 -10.64
C26 PX6 IA . 21.81 -19.45 -9.40
C27 PX6 IA . 22.68 -18.34 -8.78
C28 PX6 IA . 24.18 -18.52 -9.11
C29 PX6 IA . 25.00 -19.02 -7.91
C30 PX6 IA . 24.20 -19.95 -6.97
C31 PX6 IA . 24.00 -19.32 -5.58
C32 PX6 IA . 25.33 -18.68 -5.10
C33 PX6 IA . 26.37 -19.76 -4.76
C34 PX6 IA . 26.28 -20.14 -3.26
C35 PX6 IA . 26.08 -18.90 -2.38
C1 PLM JA . 31.99 -11.66 7.81
O1 PLM JA . 31.45 -10.77 7.09
O2 PLM JA . 32.10 -11.46 9.04
C2 PLM JA . 32.51 -12.95 7.18
C3 PLM JA . 31.38 -13.92 6.82
C4 PLM JA . 30.44 -13.36 5.76
C5 PLM JA . 28.99 -13.34 6.24
C6 PLM JA . 28.29 -12.06 5.85
C7 PLM JA . 26.99 -12.30 5.10
C8 PLM JA . 27.23 -12.68 3.65
C9 PLM JA . 26.89 -14.15 3.40
CA PLM JA . 27.08 -14.53 1.94
CB PLM JA . 26.06 -15.54 1.46
CC PLM JA . 24.76 -14.87 0.98
CD PLM JA . 25.00 -13.47 0.44
CE PLM JA . 24.09 -13.15 -0.75
CF PLM JA . 23.94 -14.36 -1.67
CG PLM JA . 23.17 -14.03 -2.93
C1 PLM KA . 12.16 -22.58 -8.21
O1 PLM KA . 11.17 -22.49 -8.95
O2 PLM KA . 13.25 -23.06 -8.65
C2 PLM KA . 12.08 -22.13 -6.77
C3 PLM KA . 12.64 -20.73 -6.61
C4 PLM KA . 13.21 -20.55 -5.21
C5 PLM KA . 14.37 -21.51 -5.01
C6 PLM KA . 14.85 -21.46 -3.58
C7 PLM KA . 14.51 -20.12 -2.95
C8 PLM KA . 14.42 -20.23 -1.44
C9 PLM KA . 15.80 -20.14 -0.82
CA PLM KA . 15.69 -20.03 0.69
CB PLM KA . 17.03 -19.69 1.32
CC PLM KA . 16.93 -19.61 2.84
CD PLM KA . 18.09 -18.85 3.45
CE PLM KA . 18.14 -18.99 4.95
CF PLM KA . 19.50 -18.59 5.50
CG PLM KA . 20.17 -19.71 6.30
C1 PLM LA . 8.03 -27.00 -5.59
O1 PLM LA . 7.98 -26.53 -6.75
O2 PLM LA . 7.37 -28.02 -5.29
C2 PLM LA . 8.89 -26.31 -4.53
C3 PLM LA . 10.36 -26.68 -4.67
C4 PLM LA . 11.19 -26.12 -3.53
C5 PLM LA . 10.98 -26.90 -2.25
C6 PLM LA . 11.54 -26.20 -1.02
C7 PLM LA . 12.45 -25.03 -1.39
C8 PLM LA . 13.48 -24.78 -0.31
C9 PLM LA . 12.86 -24.83 1.09
CA PLM LA . 13.84 -25.35 2.13
CB PLM LA . 15.12 -24.51 2.20
CC PLM LA . 16.12 -25.07 3.20
CD PLM LA . 17.24 -24.09 3.51
CE PLM LA . 17.81 -24.29 4.91
CF PLM LA . 18.46 -23.02 5.47
CG PLM LA . 18.69 -23.10 6.97
N CHS MA . 28.27 4.01 -7.56
CA CHS MA . 29.61 3.78 -8.03
CB CHS MA . 30.34 2.91 -7.02
CG CHS MA . 30.16 3.43 -5.60
CD1 CHS MA . 31.01 2.60 -4.66
CD2 CHS MA . 30.59 4.89 -5.51
CE1 CHS MA . 30.92 3.11 -3.22
CE2 CHS MA . 30.46 5.40 -4.08
CZ CHS MA . 31.29 4.58 -3.13
CH CHS MA . 29.53 3.09 -9.37
OH CHS MA . 28.98 1.79 -9.17
CM CHS MA . 28.62 3.86 -10.32
C CHS MA . 27.97 2.90 -11.29
O CHS MA . 28.24 1.69 -11.22
OXT CHS MA . 27.15 3.37 -12.11
N CHS NA . 36.21 4.32 -11.14
CA CHS NA . 34.99 3.61 -10.88
CB CHS NA . 34.26 4.27 -9.71
CG CHS NA . 34.64 3.72 -8.34
CD1 CHS NA . 35.45 2.45 -8.46
CD2 CHS NA . 35.45 4.75 -7.57
CE1 CHS NA . 35.73 1.91 -7.06
CE2 CHS NA . 35.79 4.24 -6.17
CZ CHS NA . 36.54 2.91 -6.25
CH CHS NA . 34.11 3.66 -12.11
OH CHS NA . 33.03 2.72 -11.98
CM CHS NA . 33.54 5.05 -12.33
C CHS NA . 32.40 4.97 -13.33
O CHS NA . 32.12 3.85 -13.83
OXT CHS NA . 31.80 6.02 -13.62
C1 NAG OA . 22.14 13.59 -41.59
C2 NAG OA . 23.25 13.84 -42.61
C3 NAG OA . 23.42 12.62 -43.51
C4 NAG OA . 23.63 11.36 -42.68
C5 NAG OA . 22.54 11.21 -41.61
C6 NAG OA . 22.80 10.07 -40.66
C7 NAG OA . 23.77 16.11 -43.37
C8 NAG OA . 23.35 17.25 -44.26
N2 NAG OA . 22.99 15.03 -43.40
O3 NAG OA . 24.53 12.82 -44.38
O4 NAG OA . 23.59 10.23 -43.54
O5 NAG OA . 22.44 12.41 -40.81
O6 NAG OA . 22.84 10.43 -39.30
O7 NAG OA . 24.77 16.17 -42.66
C1 NAG PA . 8.57 32.72 -41.39
C2 NAG PA . 8.33 31.22 -41.24
C3 NAG PA . 7.35 30.73 -42.30
C4 NAG PA . 6.09 31.59 -42.34
C5 NAG PA . 6.45 33.08 -42.41
C6 NAG PA . 5.24 33.99 -42.30
C7 NAG PA . 9.71 29.35 -42.03
C8 NAG PA . 11.07 28.72 -41.99
N2 NAG PA . 9.57 30.47 -41.31
O3 NAG PA . 6.98 29.37 -42.04
O4 NAG PA . 5.29 31.25 -43.47
O5 NAG PA . 7.33 33.42 -41.33
O6 NAG PA . 4.12 33.44 -42.97
O7 NAG PA . 8.80 28.88 -42.69
C1 NAG QA . -19.82 39.92 -22.79
C2 NAG QA . -20.41 39.15 -23.96
C3 NAG QA . -19.27 38.69 -24.89
C4 NAG QA . -18.38 39.86 -25.27
C5 NAG QA . -17.97 40.70 -24.05
C6 NAG QA . -17.27 41.99 -24.41
C7 NAG QA . -22.49 38.08 -23.21
C8 NAG QA . -23.14 36.82 -22.74
N2 NAG QA . -21.19 38.01 -23.50
O3 NAG QA . -19.82 38.07 -26.04
O4 NAG QA . -17.20 39.37 -25.90
O5 NAG QA . -19.12 41.06 -23.28
O6 NAG QA . -16.04 42.11 -23.69
O7 NAG QA . -23.12 39.13 -23.32
O1 PX6 RA . 15.61 20.81 -8.07
O2 PX6 RA . 17.15 21.76 -9.90
P1 PX6 RA . 16.76 21.68 -8.30
O3 PX6 RA . 16.24 22.95 -7.82
O4 PX6 RA . 18.06 21.21 -7.41
C1 PX6 RA . 19.33 21.69 -7.74
C2 PX6 RA . 20.20 21.55 -6.49
C3 PX6 RA . 21.69 21.82 -6.80
O5 PX6 RA . 22.58 22.67 -6.13
C4 PX6 RA . 23.92 22.22 -6.07
O6 PX6 RA . 24.28 21.30 -6.72
C5 PX6 RA . 24.92 22.96 -5.14
C6 PX6 RA . 25.92 21.98 -4.49
C7 PX6 RA . 25.21 20.88 -3.66
C8 PX6 RA . 26.03 19.57 -3.63
C9 PX6 RA . 25.34 18.43 -2.84
C10 PX6 RA . 25.93 18.29 -1.40
C11 PX6 RA . 25.52 16.94 -0.75
C12 PX6 RA . 26.32 16.64 0.56
C13 PX6 RA . 26.36 15.11 0.88
C14 PX6 RA . 26.97 14.80 2.26
C15 PX6 RA . 28.46 15.22 2.34
O7 PX6 RA . 19.77 22.51 -5.58
C20 PX6 RA . 19.03 21.97 -4.50
O8 PX6 RA . 18.16 21.19 -4.71
C21 PX6 RA . 19.37 22.43 -3.07
C22 PX6 RA . 20.84 22.13 -2.69
C23 PX6 RA . 21.01 21.86 -1.17
C24 PX6 RA . 22.13 22.74 -0.56
C25 PX6 RA . 23.28 21.89 0.00
C26 PX6 RA . 22.77 20.55 0.58
C27 PX6 RA . 22.23 20.72 2.02
C28 PX6 RA . 22.83 21.95 2.75
C29 PX6 RA . 23.87 21.56 3.81
C30 PX6 RA . 24.68 20.28 3.44
C31 PX6 RA . 24.38 19.13 4.42
C32 PX6 RA . 24.39 19.65 5.89
C33 PX6 RA . 25.82 20.02 6.31
C34 PX6 RA . 26.49 18.85 7.05
C35 PX6 RA . 25.51 18.15 8.01
C1 PLM SA . 23.60 14.63 21.18
O1 PLM SA . 22.44 14.85 20.76
O2 PLM SA . 23.78 13.78 22.09
C2 PLM SA . 24.79 15.39 20.60
C3 PLM SA . 25.20 14.89 19.21
C4 PLM SA . 24.11 15.09 18.17
C5 PLM SA . 23.69 13.77 17.53
C6 PLM SA . 22.19 13.66 17.37
C7 PLM SA . 21.76 13.35 15.94
C8 PLM SA . 21.81 14.58 15.04
C9 PLM SA . 22.97 14.49 14.05
CA PLM SA . 23.00 15.70 13.12
CB PLM SA . 23.44 15.33 11.71
CC PLM SA . 22.28 14.87 10.84
CD PLM SA . 20.95 15.50 11.26
CE PLM SA . 20.06 15.82 10.07
CF PLM SA . 20.86 16.35 8.89
CG PLM SA . 19.98 16.81 7.74
C1 PLM TA . 22.56 13.45 -6.64
O1 PLM TA . 21.81 12.77 -7.38
O2 PLM TA . 23.07 14.51 -7.05
C2 PLM TA . 22.86 12.94 -5.24
C3 PLM TA . 21.75 12.02 -4.76
C4 PLM TA . 22.11 11.40 -3.43
C5 PLM TA . 22.75 12.44 -2.52
C6 PLM TA . 23.29 11.77 -1.26
C7 PLM TA . 22.43 10.57 -0.91
C8 PLM TA . 23.20 9.58 -0.06
C9 PLM TA . 23.39 10.12 1.35
CA PLM TA . 23.56 8.95 2.30
CB PLM TA . 23.96 9.42 3.70
CC PLM TA . 24.31 8.22 4.58
CD PLM TA . 24.26 8.57 6.06
CE PLM TA . 24.54 7.34 6.92
CF PLM TA . 24.56 7.71 8.40
CG PLM TA . 25.97 7.67 8.98
C1 PLM UA . 25.75 8.30 -9.53
O1 PLM UA . 25.03 9.17 -10.07
O2 PLM UA . 26.53 7.60 -10.23
C2 PLM UA . 25.71 8.11 -8.01
C3 PLM UA . 26.51 9.17 -7.28
C4 PLM UA . 26.59 8.87 -5.79
C5 PLM UA . 27.54 7.72 -5.50
C6 PLM UA . 27.41 7.21 -4.06
C7 PLM UA . 26.58 8.13 -3.19
C8 PLM UA . 26.97 8.00 -1.72
C9 PLM UA . 27.16 6.55 -1.32
CA PLM UA . 28.24 6.39 -0.24
CB PLM UA . 27.93 7.20 1.01
CC PLM UA . 29.05 7.09 2.05
CD PLM UA . 28.63 7.63 3.41
CE PLM UA . 29.35 6.94 4.56
CF PLM UA . 28.57 7.01 5.86
CG PLM UA . 29.09 6.02 6.91
N CHS VA . 4.32 24.41 16.04
CA CHS VA . 4.88 25.65 16.56
CB CHS VA . 6.17 25.34 17.29
CG CHS VA . 5.99 24.17 18.25
CD1 CHS VA . 7.29 23.98 19.03
CD2 CHS VA . 4.86 24.45 19.23
CE1 CHS VA . 7.16 22.86 20.05
CE2 CHS VA . 4.71 23.32 20.23
CZ CHS VA . 6.00 23.11 21.01
CH CHS VA . 5.13 26.57 15.39
OH CHS VA . 6.17 26.01 14.58
CM CHS VA . 3.88 26.72 14.54
C CHS VA . 4.27 26.99 13.10
O CHS VA . 5.48 27.07 12.80
OXT CHS VA . 3.36 27.10 12.25
N CHS WA . 5.93 32.37 19.29
CA CHS WA . 6.19 31.30 18.35
CB CHS WA . 5.61 30.00 18.89
CG CHS WA . 6.60 29.18 19.72
CD1 CHS WA . 8.00 29.75 19.67
CD2 CHS WA . 6.14 29.13 21.17
CE1 CHS WA . 8.93 28.86 20.48
CE2 CHS WA . 7.07 28.28 22.02
CZ CHS WA . 8.50 28.79 21.94
CH CHS WA . 5.53 31.65 17.02
OH CHS WA . 6.02 30.78 15.99
CM CHS WA . 4.02 31.51 17.10
C CHS WA . 3.45 31.52 15.71
O CHS WA . 4.22 31.67 14.74
OXT CHS WA . 2.22 31.37 15.58
#